data_1PBV
# 
_entry.id   1PBV 
# 
_audit_conform.dict_name       mmcif_pdbx.dic 
_audit_conform.dict_version    5.386 
_audit_conform.dict_location   http://mmcif.pdb.org/dictionaries/ascii/mmcif_pdbx.dic 
# 
loop_
_database_2.database_id 
_database_2.database_code 
_database_2.pdbx_database_accession 
_database_2.pdbx_DOI 
PDB   1PBV         pdb_00001pbv 10.2210/pdb1pbv/pdb 
WWPDB D_1000175594 ?            ?                   
# 
loop_
_pdbx_audit_revision_history.ordinal 
_pdbx_audit_revision_history.data_content_type 
_pdbx_audit_revision_history.major_revision 
_pdbx_audit_revision_history.minor_revision 
_pdbx_audit_revision_history.revision_date 
1 'Structure model' 1 0 1999-03-09 
2 'Structure model' 1 1 2008-03-24 
3 'Structure model' 1 2 2011-07-13 
4 'Structure model' 1 3 2018-04-04 
5 'Structure model' 1 4 2024-02-14 
# 
_pdbx_audit_revision_details.ordinal             1 
_pdbx_audit_revision_details.revision_ordinal    1 
_pdbx_audit_revision_details.data_content_type   'Structure model' 
_pdbx_audit_revision_details.provider            repository 
_pdbx_audit_revision_details.type                'Initial release' 
_pdbx_audit_revision_details.description         ? 
_pdbx_audit_revision_details.details             ? 
# 
loop_
_pdbx_audit_revision_group.ordinal 
_pdbx_audit_revision_group.revision_ordinal 
_pdbx_audit_revision_group.data_content_type 
_pdbx_audit_revision_group.group 
1 2 'Structure model' 'Version format compliance' 
2 3 'Structure model' 'Version format compliance' 
3 4 'Structure model' 'Data collection'           
4 5 'Structure model' 'Data collection'           
5 5 'Structure model' 'Database references'       
# 
loop_
_pdbx_audit_revision_category.ordinal 
_pdbx_audit_revision_category.revision_ordinal 
_pdbx_audit_revision_category.data_content_type 
_pdbx_audit_revision_category.category 
1 4 'Structure model' diffrn_source  
2 5 'Structure model' chem_comp_atom 
3 5 'Structure model' chem_comp_bond 
4 5 'Structure model' database_2     
# 
loop_
_pdbx_audit_revision_item.ordinal 
_pdbx_audit_revision_item.revision_ordinal 
_pdbx_audit_revision_item.data_content_type 
_pdbx_audit_revision_item.item 
1 4 'Structure model' '_diffrn_source.type'                 
2 5 'Structure model' '_database_2.pdbx_DOI'                
3 5 'Structure model' '_database_2.pdbx_database_accession' 
# 
_pdbx_database_status.status_code                     REL 
_pdbx_database_status.entry_id                        1PBV 
_pdbx_database_status.recvd_initial_deposition_date   1998-01-15 
_pdbx_database_status.deposit_site                    ? 
_pdbx_database_status.process_site                    BNL 
_pdbx_database_status.status_code_sf                  REL 
_pdbx_database_status.status_code_mr                  ? 
_pdbx_database_status.SG_entry                        ? 
_pdbx_database_status.pdb_format_compatible           Y 
_pdbx_database_status.status_code_cs                  ? 
_pdbx_database_status.methods_development_category    ? 
_pdbx_database_status.status_code_nmr_data            ? 
# 
loop_
_audit_author.name 
_audit_author.pdbx_ordinal 
'Cherfils, J.'      1 
'Menetrey, J.'      2 
'Mathieu, M.'       3 
'Le Bras, G.'       4 
'Robineau, S.'      5 
'Beraud-Dufour, S.' 6 
'Antonny, B.'       7 
'Chardin, P.'       8 
# 
_citation.id                        primary 
_citation.title                     'Structure of the Sec7 domain of the Arf exchange factor ARNO.' 
_citation.journal_abbrev            Nature 
_citation.journal_volume            392 
_citation.page_first                101 
_citation.page_last                 105 
_citation.year                      1998 
_citation.journal_id_ASTM           NATUAS 
_citation.country                   UK 
_citation.journal_id_ISSN           0028-0836 
_citation.journal_id_CSD            0006 
_citation.book_publisher            ? 
_citation.pdbx_database_id_PubMed   9510256 
_citation.pdbx_database_id_DOI      10.1038/32210 
# 
loop_
_citation_author.citation_id 
_citation_author.name 
_citation_author.ordinal 
_citation_author.identifier_ORCID 
primary 'Cherfils, J.'      1 ? 
primary 'Menetrey, J.'      2 ? 
primary 'Mathieu, M.'       3 ? 
primary 'Le Bras, G.'       4 ? 
primary 'Robineau, S.'      5 ? 
primary 'Beraud-Dufour, S.' 6 ? 
primary 'Antonny, B.'       7 ? 
primary 'Chardin, P.'       8 ? 
# 
loop_
_entity.id 
_entity.type 
_entity.src_method 
_entity.pdbx_description 
_entity.formula_weight 
_entity.pdbx_number_of_molecules 
_entity.pdbx_ec 
_entity.pdbx_mutation 
_entity.pdbx_fragment 
_entity.details 
1 polymer man ARNO  22456.744 1   ? ? 'SEC7 DOMAIN, RESIDUES 50 - 252' ? 
2 water   nat water 18.015    137 ? ? ?                                ? 
# 
_entity_name_com.entity_id   1 
_entity_name_com.name        'ARF NUCLEOTIDE-BINDING SITE OPENER' 
# 
_entity_poly.entity_id                      1 
_entity_poly.type                           'polypeptide(L)' 
_entity_poly.nstd_linkage                   no 
_entity_poly.nstd_monomer                   no 
_entity_poly.pdbx_seq_one_letter_code       
;ANEGSKTLQRNRKMAMGRKKFNMDPKKGIQFLVENELLQNTPEEIARFLYKGEGLNKTAIGDYLGEREELNLAVLHAFVD
LHEFTDLNLVQALRQFLWSFRLPGEAQKIDRMMEAFAQRYCLCNPGVFQSTDTCYVLSFAVIMLNTSLHNPNVRDKPGLE
RFVAMNRGINEGGDLPEELLRNLYDSIRNEPFKIP
;
_entity_poly.pdbx_seq_one_letter_code_can   
;ANEGSKTLQRNRKMAMGRKKFNMDPKKGIQFLVENELLQNTPEEIARFLYKGEGLNKTAIGDYLGEREELNLAVLHAFVD
LHEFTDLNLVQALRQFLWSFRLPGEAQKIDRMMEAFAQRYCLCNPGVFQSTDTCYVLSFAVIMLNTSLHNPNVRDKPGLE
RFVAMNRGINEGGDLPEELLRNLYDSIRNEPFKIP
;
_entity_poly.pdbx_strand_id                 A 
_entity_poly.pdbx_target_identifier         ? 
# 
_pdbx_entity_nonpoly.entity_id   2 
_pdbx_entity_nonpoly.name        water 
_pdbx_entity_nonpoly.comp_id     HOH 
# 
loop_
_entity_poly_seq.entity_id 
_entity_poly_seq.num 
_entity_poly_seq.mon_id 
_entity_poly_seq.hetero 
1 1   ALA n 
1 2   ASN n 
1 3   GLU n 
1 4   GLY n 
1 5   SER n 
1 6   LYS n 
1 7   THR n 
1 8   LEU n 
1 9   GLN n 
1 10  ARG n 
1 11  ASN n 
1 12  ARG n 
1 13  LYS n 
1 14  MET n 
1 15  ALA n 
1 16  MET n 
1 17  GLY n 
1 18  ARG n 
1 19  LYS n 
1 20  LYS n 
1 21  PHE n 
1 22  ASN n 
1 23  MET n 
1 24  ASP n 
1 25  PRO n 
1 26  LYS n 
1 27  LYS n 
1 28  GLY n 
1 29  ILE n 
1 30  GLN n 
1 31  PHE n 
1 32  LEU n 
1 33  VAL n 
1 34  GLU n 
1 35  ASN n 
1 36  GLU n 
1 37  LEU n 
1 38  LEU n 
1 39  GLN n 
1 40  ASN n 
1 41  THR n 
1 42  PRO n 
1 43  GLU n 
1 44  GLU n 
1 45  ILE n 
1 46  ALA n 
1 47  ARG n 
1 48  PHE n 
1 49  LEU n 
1 50  TYR n 
1 51  LYS n 
1 52  GLY n 
1 53  GLU n 
1 54  GLY n 
1 55  LEU n 
1 56  ASN n 
1 57  LYS n 
1 58  THR n 
1 59  ALA n 
1 60  ILE n 
1 61  GLY n 
1 62  ASP n 
1 63  TYR n 
1 64  LEU n 
1 65  GLY n 
1 66  GLU n 
1 67  ARG n 
1 68  GLU n 
1 69  GLU n 
1 70  LEU n 
1 71  ASN n 
1 72  LEU n 
1 73  ALA n 
1 74  VAL n 
1 75  LEU n 
1 76  HIS n 
1 77  ALA n 
1 78  PHE n 
1 79  VAL n 
1 80  ASP n 
1 81  LEU n 
1 82  HIS n 
1 83  GLU n 
1 84  PHE n 
1 85  THR n 
1 86  ASP n 
1 87  LEU n 
1 88  ASN n 
1 89  LEU n 
1 90  VAL n 
1 91  GLN n 
1 92  ALA n 
1 93  LEU n 
1 94  ARG n 
1 95  GLN n 
1 96  PHE n 
1 97  LEU n 
1 98  TRP n 
1 99  SER n 
1 100 PHE n 
1 101 ARG n 
1 102 LEU n 
1 103 PRO n 
1 104 GLY n 
1 105 GLU n 
1 106 ALA n 
1 107 GLN n 
1 108 LYS n 
1 109 ILE n 
1 110 ASP n 
1 111 ARG n 
1 112 MET n 
1 113 MET n 
1 114 GLU n 
1 115 ALA n 
1 116 PHE n 
1 117 ALA n 
1 118 GLN n 
1 119 ARG n 
1 120 TYR n 
1 121 CYS n 
1 122 LEU n 
1 123 CYS n 
1 124 ASN n 
1 125 PRO n 
1 126 GLY n 
1 127 VAL n 
1 128 PHE n 
1 129 GLN n 
1 130 SER n 
1 131 THR n 
1 132 ASP n 
1 133 THR n 
1 134 CYS n 
1 135 TYR n 
1 136 VAL n 
1 137 LEU n 
1 138 SER n 
1 139 PHE n 
1 140 ALA n 
1 141 VAL n 
1 142 ILE n 
1 143 MET n 
1 144 LEU n 
1 145 ASN n 
1 146 THR n 
1 147 SER n 
1 148 LEU n 
1 149 HIS n 
1 150 ASN n 
1 151 PRO n 
1 152 ASN n 
1 153 VAL n 
1 154 ARG n 
1 155 ASP n 
1 156 LYS n 
1 157 PRO n 
1 158 GLY n 
1 159 LEU n 
1 160 GLU n 
1 161 ARG n 
1 162 PHE n 
1 163 VAL n 
1 164 ALA n 
1 165 MET n 
1 166 ASN n 
1 167 ARG n 
1 168 GLY n 
1 169 ILE n 
1 170 ASN n 
1 171 GLU n 
1 172 GLY n 
1 173 GLY n 
1 174 ASP n 
1 175 LEU n 
1 176 PRO n 
1 177 GLU n 
1 178 GLU n 
1 179 LEU n 
1 180 LEU n 
1 181 ARG n 
1 182 ASN n 
1 183 LEU n 
1 184 TYR n 
1 185 ASP n 
1 186 SER n 
1 187 ILE n 
1 188 ARG n 
1 189 ASN n 
1 190 GLU n 
1 191 PRO n 
1 192 PHE n 
1 193 LYS n 
1 194 ILE n 
1 195 PRO n 
# 
_entity_src_gen.entity_id                          1 
_entity_src_gen.pdbx_src_id                        1 
_entity_src_gen.pdbx_alt_source_flag               sample 
_entity_src_gen.pdbx_seq_type                      ? 
_entity_src_gen.pdbx_beg_seq_num                   ? 
_entity_src_gen.pdbx_end_seq_num                   ? 
_entity_src_gen.gene_src_common_name               human 
_entity_src_gen.gene_src_genus                     Homo 
_entity_src_gen.pdbx_gene_src_gene                 ? 
_entity_src_gen.gene_src_species                   ? 
_entity_src_gen.gene_src_strain                    ? 
_entity_src_gen.gene_src_tissue                    ? 
_entity_src_gen.gene_src_tissue_fraction           ? 
_entity_src_gen.gene_src_details                   ? 
_entity_src_gen.pdbx_gene_src_fragment             ? 
_entity_src_gen.pdbx_gene_src_scientific_name      'Homo sapiens' 
_entity_src_gen.pdbx_gene_src_ncbi_taxonomy_id     9606 
_entity_src_gen.pdbx_gene_src_variant              ? 
_entity_src_gen.pdbx_gene_src_cell_line            ? 
_entity_src_gen.pdbx_gene_src_atcc                 ? 
_entity_src_gen.pdbx_gene_src_organ                ? 
_entity_src_gen.pdbx_gene_src_organelle            ? 
_entity_src_gen.pdbx_gene_src_cell                 ? 
_entity_src_gen.pdbx_gene_src_cellular_location    ? 
_entity_src_gen.host_org_common_name               ? 
_entity_src_gen.pdbx_host_org_scientific_name      'Escherichia coli' 
_entity_src_gen.pdbx_host_org_ncbi_taxonomy_id     562 
_entity_src_gen.host_org_genus                     Escherichia 
_entity_src_gen.pdbx_host_org_gene                 ? 
_entity_src_gen.pdbx_host_org_organ                ? 
_entity_src_gen.host_org_species                   ? 
_entity_src_gen.pdbx_host_org_tissue               ? 
_entity_src_gen.pdbx_host_org_tissue_fraction      ? 
_entity_src_gen.pdbx_host_org_strain               ? 
_entity_src_gen.pdbx_host_org_variant              ? 
_entity_src_gen.pdbx_host_org_cell_line            ? 
_entity_src_gen.pdbx_host_org_atcc                 ? 
_entity_src_gen.pdbx_host_org_culture_collection   ? 
_entity_src_gen.pdbx_host_org_cell                 ? 
_entity_src_gen.pdbx_host_org_organelle            ? 
_entity_src_gen.pdbx_host_org_cellular_location    ? 
_entity_src_gen.pdbx_host_org_vector_type          ? 
_entity_src_gen.pdbx_host_org_vector               ? 
_entity_src_gen.host_org_details                   ? 
_entity_src_gen.expression_system_id               ? 
_entity_src_gen.plasmid_name                       ? 
_entity_src_gen.plasmid_details                    ? 
_entity_src_gen.pdbx_description                   ? 
# 
loop_
_chem_comp.id 
_chem_comp.type 
_chem_comp.mon_nstd_flag 
_chem_comp.name 
_chem_comp.pdbx_synonyms 
_chem_comp.formula 
_chem_comp.formula_weight 
ALA 'L-peptide linking' y ALANINE         ? 'C3 H7 N O2'     89.093  
ARG 'L-peptide linking' y ARGININE        ? 'C6 H15 N4 O2 1' 175.209 
ASN 'L-peptide linking' y ASPARAGINE      ? 'C4 H8 N2 O3'    132.118 
ASP 'L-peptide linking' y 'ASPARTIC ACID' ? 'C4 H7 N O4'     133.103 
CYS 'L-peptide linking' y CYSTEINE        ? 'C3 H7 N O2 S'   121.158 
GLN 'L-peptide linking' y GLUTAMINE       ? 'C5 H10 N2 O3'   146.144 
GLU 'L-peptide linking' y 'GLUTAMIC ACID' ? 'C5 H9 N O4'     147.129 
GLY 'peptide linking'   y GLYCINE         ? 'C2 H5 N O2'     75.067  
HIS 'L-peptide linking' y HISTIDINE       ? 'C6 H10 N3 O2 1' 156.162 
HOH non-polymer         . WATER           ? 'H2 O'           18.015  
ILE 'L-peptide linking' y ISOLEUCINE      ? 'C6 H13 N O2'    131.173 
LEU 'L-peptide linking' y LEUCINE         ? 'C6 H13 N O2'    131.173 
LYS 'L-peptide linking' y LYSINE          ? 'C6 H15 N2 O2 1' 147.195 
MET 'L-peptide linking' y METHIONINE      ? 'C5 H11 N O2 S'  149.211 
PHE 'L-peptide linking' y PHENYLALANINE   ? 'C9 H11 N O2'    165.189 
PRO 'L-peptide linking' y PROLINE         ? 'C5 H9 N O2'     115.130 
SER 'L-peptide linking' y SERINE          ? 'C3 H7 N O3'     105.093 
THR 'L-peptide linking' y THREONINE       ? 'C4 H9 N O3'     119.119 
TRP 'L-peptide linking' y TRYPTOPHAN      ? 'C11 H12 N2 O2'  204.225 
TYR 'L-peptide linking' y TYROSINE        ? 'C9 H11 N O3'    181.189 
VAL 'L-peptide linking' y VALINE          ? 'C5 H11 N O2'    117.146 
# 
loop_
_pdbx_poly_seq_scheme.asym_id 
_pdbx_poly_seq_scheme.entity_id 
_pdbx_poly_seq_scheme.seq_id 
_pdbx_poly_seq_scheme.mon_id 
_pdbx_poly_seq_scheme.ndb_seq_num 
_pdbx_poly_seq_scheme.pdb_seq_num 
_pdbx_poly_seq_scheme.auth_seq_num 
_pdbx_poly_seq_scheme.pdb_mon_id 
_pdbx_poly_seq_scheme.auth_mon_id 
_pdbx_poly_seq_scheme.pdb_strand_id 
_pdbx_poly_seq_scheme.pdb_ins_code 
_pdbx_poly_seq_scheme.hetero 
A 1 1   ALA 1   52  52  ALA ALA A . n 
A 1 2   ASN 2   53  53  ASN ASN A . n 
A 1 3   GLU 3   54  54  GLU GLU A . n 
A 1 4   GLY 4   55  55  GLY GLY A . n 
A 1 5   SER 5   56  56  SER SER A . n 
A 1 6   LYS 6   57  57  LYS LYS A . n 
A 1 7   THR 7   58  58  THR THR A . n 
A 1 8   LEU 8   59  59  LEU LEU A . n 
A 1 9   GLN 9   60  60  GLN GLN A . n 
A 1 10  ARG 10  61  61  ARG ARG A . n 
A 1 11  ASN 11  62  62  ASN ASN A . n 
A 1 12  ARG 12  63  63  ARG ARG A . n 
A 1 13  LYS 13  64  64  LYS LYS A . n 
A 1 14  MET 14  65  65  MET MET A . n 
A 1 15  ALA 15  66  66  ALA ALA A . n 
A 1 16  MET 16  67  67  MET MET A . n 
A 1 17  GLY 17  68  68  GLY GLY A . n 
A 1 18  ARG 18  69  69  ARG ARG A . n 
A 1 19  LYS 19  70  70  LYS LYS A . n 
A 1 20  LYS 20  71  71  LYS LYS A . n 
A 1 21  PHE 21  72  72  PHE PHE A . n 
A 1 22  ASN 22  73  73  ASN ASN A . n 
A 1 23  MET 23  74  74  MET MET A . n 
A 1 24  ASP 24  75  75  ASP ASP A . n 
A 1 25  PRO 25  76  76  PRO PRO A . n 
A 1 26  LYS 26  77  77  LYS LYS A . n 
A 1 27  LYS 27  78  78  LYS LYS A . n 
A 1 28  GLY 28  79  79  GLY GLY A . n 
A 1 29  ILE 29  80  80  ILE ILE A . n 
A 1 30  GLN 30  81  81  GLN GLN A . n 
A 1 31  PHE 31  82  82  PHE PHE A . n 
A 1 32  LEU 32  83  83  LEU LEU A . n 
A 1 33  VAL 33  84  84  VAL VAL A . n 
A 1 34  GLU 34  85  85  GLU GLU A . n 
A 1 35  ASN 35  86  86  ASN ASN A . n 
A 1 36  GLU 36  87  87  GLU GLU A . n 
A 1 37  LEU 37  88  88  LEU LEU A . n 
A 1 38  LEU 38  89  89  LEU LEU A . n 
A 1 39  GLN 39  90  90  GLN GLN A . n 
A 1 40  ASN 40  91  91  ASN ASN A . n 
A 1 41  THR 41  92  92  THR THR A . n 
A 1 42  PRO 42  93  93  PRO PRO A . n 
A 1 43  GLU 43  94  94  GLU GLU A . n 
A 1 44  GLU 44  95  95  GLU GLU A . n 
A 1 45  ILE 45  96  96  ILE ILE A . n 
A 1 46  ALA 46  97  97  ALA ALA A . n 
A 1 47  ARG 47  98  98  ARG ARG A . n 
A 1 48  PHE 48  99  99  PHE PHE A . n 
A 1 49  LEU 49  100 100 LEU LEU A . n 
A 1 50  TYR 50  101 101 TYR TYR A . n 
A 1 51  LYS 51  102 102 LYS LYS A . n 
A 1 52  GLY 52  103 103 GLY GLY A . n 
A 1 53  GLU 53  104 104 GLU GLU A . n 
A 1 54  GLY 54  105 105 GLY GLY A . n 
A 1 55  LEU 55  106 106 LEU LEU A . n 
A 1 56  ASN 56  107 107 ASN ASN A . n 
A 1 57  LYS 57  108 108 LYS LYS A . n 
A 1 58  THR 58  109 109 THR THR A . n 
A 1 59  ALA 59  110 110 ALA ALA A . n 
A 1 60  ILE 60  111 111 ILE ILE A . n 
A 1 61  GLY 61  112 112 GLY GLY A . n 
A 1 62  ASP 62  113 113 ASP ASP A . n 
A 1 63  TYR 63  114 114 TYR TYR A . n 
A 1 64  LEU 64  115 115 LEU LEU A . n 
A 1 65  GLY 65  116 116 GLY GLY A . n 
A 1 66  GLU 66  117 117 GLU GLU A . n 
A 1 67  ARG 67  118 118 ARG ARG A . n 
A 1 68  GLU 68  119 119 GLU GLU A . n 
A 1 69  GLU 69  120 120 GLU GLU A . n 
A 1 70  LEU 70  121 121 LEU LEU A . n 
A 1 71  ASN 71  122 122 ASN ASN A . n 
A 1 72  LEU 72  123 123 LEU LEU A . n 
A 1 73  ALA 73  124 124 ALA ALA A . n 
A 1 74  VAL 74  125 125 VAL VAL A . n 
A 1 75  LEU 75  126 126 LEU LEU A . n 
A 1 76  HIS 76  127 127 HIS HIS A . n 
A 1 77  ALA 77  128 128 ALA ALA A . n 
A 1 78  PHE 78  129 129 PHE PHE A . n 
A 1 79  VAL 79  130 130 VAL VAL A . n 
A 1 80  ASP 80  131 131 ASP ASP A . n 
A 1 81  LEU 81  132 132 LEU LEU A . n 
A 1 82  HIS 82  133 133 HIS HIS A . n 
A 1 83  GLU 83  134 134 GLU GLU A . n 
A 1 84  PHE 84  135 135 PHE PHE A . n 
A 1 85  THR 85  136 136 THR THR A . n 
A 1 86  ASP 86  137 137 ASP ASP A . n 
A 1 87  LEU 87  138 138 LEU LEU A . n 
A 1 88  ASN 88  139 139 ASN ASN A . n 
A 1 89  LEU 89  140 140 LEU LEU A . n 
A 1 90  VAL 90  141 141 VAL VAL A . n 
A 1 91  GLN 91  142 142 GLN GLN A . n 
A 1 92  ALA 92  143 143 ALA ALA A . n 
A 1 93  LEU 93  144 144 LEU LEU A . n 
A 1 94  ARG 94  145 145 ARG ARG A . n 
A 1 95  GLN 95  146 146 GLN GLN A . n 
A 1 96  PHE 96  147 147 PHE PHE A . n 
A 1 97  LEU 97  148 148 LEU LEU A . n 
A 1 98  TRP 98  149 149 TRP TRP A . n 
A 1 99  SER 99  150 150 SER SER A . n 
A 1 100 PHE 100 151 151 PHE PHE A . n 
A 1 101 ARG 101 152 152 ARG ARG A . n 
A 1 102 LEU 102 153 153 LEU LEU A . n 
A 1 103 PRO 103 154 154 PRO PRO A . n 
A 1 104 GLY 104 155 155 GLY GLY A . n 
A 1 105 GLU 105 156 156 GLU GLU A . n 
A 1 106 ALA 106 157 157 ALA ALA A . n 
A 1 107 GLN 107 158 158 GLN GLN A . n 
A 1 108 LYS 108 159 159 LYS LYS A . n 
A 1 109 ILE 109 160 160 ILE ILE A . n 
A 1 110 ASP 110 161 161 ASP ASP A . n 
A 1 111 ARG 111 162 162 ARG ARG A . n 
A 1 112 MET 112 163 163 MET MET A . n 
A 1 113 MET 113 164 164 MET MET A . n 
A 1 114 GLU 114 165 165 GLU GLU A . n 
A 1 115 ALA 115 166 166 ALA ALA A . n 
A 1 116 PHE 116 167 167 PHE PHE A . n 
A 1 117 ALA 117 168 168 ALA ALA A . n 
A 1 118 GLN 118 169 169 GLN GLN A . n 
A 1 119 ARG 119 170 170 ARG ARG A . n 
A 1 120 TYR 120 171 171 TYR TYR A . n 
A 1 121 CYS 121 172 172 CYS CYS A . n 
A 1 122 LEU 122 173 173 LEU LEU A . n 
A 1 123 CYS 123 174 174 CYS CYS A . n 
A 1 124 ASN 124 175 175 ASN ASN A . n 
A 1 125 PRO 125 176 176 PRO PRO A . n 
A 1 126 GLY 126 177 177 GLY GLY A . n 
A 1 127 VAL 127 178 178 VAL VAL A . n 
A 1 128 PHE 128 179 179 PHE PHE A . n 
A 1 129 GLN 129 180 180 GLN GLN A . n 
A 1 130 SER 130 181 181 SER SER A . n 
A 1 131 THR 131 182 182 THR THR A . n 
A 1 132 ASP 132 183 183 ASP ASP A . n 
A 1 133 THR 133 184 184 THR THR A . n 
A 1 134 CYS 134 185 185 CYS CYS A . n 
A 1 135 TYR 135 186 186 TYR TYR A . n 
A 1 136 VAL 136 187 187 VAL VAL A . n 
A 1 137 LEU 137 188 188 LEU LEU A . n 
A 1 138 SER 138 189 189 SER SER A . n 
A 1 139 PHE 139 190 190 PHE PHE A . n 
A 1 140 ALA 140 191 191 ALA ALA A . n 
A 1 141 VAL 141 192 192 VAL VAL A . n 
A 1 142 ILE 142 193 193 ILE ILE A . n 
A 1 143 MET 143 194 194 MET MET A . n 
A 1 144 LEU 144 195 195 LEU LEU A . n 
A 1 145 ASN 145 196 196 ASN ASN A . n 
A 1 146 THR 146 197 197 THR THR A . n 
A 1 147 SER 147 198 198 SER SER A . n 
A 1 148 LEU 148 199 199 LEU LEU A . n 
A 1 149 HIS 149 200 200 HIS HIS A . n 
A 1 150 ASN 150 201 201 ASN ASN A . n 
A 1 151 PRO 151 202 202 PRO PRO A . n 
A 1 152 ASN 152 203 203 ASN ASN A . n 
A 1 153 VAL 153 204 204 VAL VAL A . n 
A 1 154 ARG 154 205 205 ARG ARG A . n 
A 1 155 ASP 155 206 206 ASP ASP A . n 
A 1 156 LYS 156 207 207 LYS LYS A . n 
A 1 157 PRO 157 208 208 PRO PRO A . n 
A 1 158 GLY 158 209 209 GLY GLY A . n 
A 1 159 LEU 159 210 210 LEU LEU A . n 
A 1 160 GLU 160 211 211 GLU GLU A . n 
A 1 161 ARG 161 212 212 ARG ARG A . n 
A 1 162 PHE 162 213 213 PHE PHE A . n 
A 1 163 VAL 163 214 214 VAL VAL A . n 
A 1 164 ALA 164 215 215 ALA ALA A . n 
A 1 165 MET 165 216 216 MET MET A . n 
A 1 166 ASN 166 217 217 ASN ASN A . n 
A 1 167 ARG 167 218 218 ARG ARG A . n 
A 1 168 GLY 168 219 219 GLY GLY A . n 
A 1 169 ILE 169 220 220 ILE ILE A . n 
A 1 170 ASN 170 221 221 ASN ASN A . n 
A 1 171 GLU 171 222 222 GLU GLU A . n 
A 1 172 GLY 172 223 223 GLY GLY A . n 
A 1 173 GLY 173 224 224 GLY GLY A . n 
A 1 174 ASP 174 225 225 ASP ASP A . n 
A 1 175 LEU 175 226 226 LEU LEU A . n 
A 1 176 PRO 176 227 227 PRO PRO A . n 
A 1 177 GLU 177 228 228 GLU GLU A . n 
A 1 178 GLU 178 229 229 GLU GLU A . n 
A 1 179 LEU 179 230 230 LEU LEU A . n 
A 1 180 LEU 180 231 231 LEU LEU A . n 
A 1 181 ARG 181 232 232 ARG ARG A . n 
A 1 182 ASN 182 233 233 ASN ASN A . n 
A 1 183 LEU 183 234 234 LEU LEU A . n 
A 1 184 TYR 184 235 235 TYR TYR A . n 
A 1 185 ASP 185 236 236 ASP ASP A . n 
A 1 186 SER 186 237 237 SER SER A . n 
A 1 187 ILE 187 238 238 ILE ILE A . n 
A 1 188 ARG 188 239 239 ARG ARG A . n 
A 1 189 ASN 189 240 240 ASN ASN A . n 
A 1 190 GLU 190 241 241 GLU GLU A . n 
A 1 191 PRO 191 242 242 PRO PRO A . n 
A 1 192 PHE 192 243 243 PHE PHE A . n 
A 1 193 LYS 193 244 244 LYS LYS A . n 
A 1 194 ILE 194 245 245 ILE ILE A . n 
A 1 195 PRO 195 246 246 PRO PRO A . n 
# 
loop_
_pdbx_nonpoly_scheme.asym_id 
_pdbx_nonpoly_scheme.entity_id 
_pdbx_nonpoly_scheme.mon_id 
_pdbx_nonpoly_scheme.ndb_seq_num 
_pdbx_nonpoly_scheme.pdb_seq_num 
_pdbx_nonpoly_scheme.auth_seq_num 
_pdbx_nonpoly_scheme.pdb_mon_id 
_pdbx_nonpoly_scheme.auth_mon_id 
_pdbx_nonpoly_scheme.pdb_strand_id 
_pdbx_nonpoly_scheme.pdb_ins_code 
B 2 HOH 1   247 1   HOH HOH A . 
B 2 HOH 2   248 2   HOH HOH A . 
B 2 HOH 3   249 3   HOH HOH A . 
B 2 HOH 4   250 4   HOH HOH A . 
B 2 HOH 5   251 5   HOH HOH A . 
B 2 HOH 6   252 6   HOH HOH A . 
B 2 HOH 7   253 7   HOH HOH A . 
B 2 HOH 8   254 8   HOH HOH A . 
B 2 HOH 9   255 9   HOH HOH A . 
B 2 HOH 10  256 10  HOH HOH A . 
B 2 HOH 11  257 11  HOH HOH A . 
B 2 HOH 12  258 12  HOH HOH A . 
B 2 HOH 13  259 13  HOH HOH A . 
B 2 HOH 14  260 14  HOH HOH A . 
B 2 HOH 15  261 15  HOH HOH A . 
B 2 HOH 16  262 16  HOH HOH A . 
B 2 HOH 17  263 17  HOH HOH A . 
B 2 HOH 18  264 18  HOH HOH A . 
B 2 HOH 19  265 19  HOH HOH A . 
B 2 HOH 20  266 20  HOH HOH A . 
B 2 HOH 21  267 21  HOH HOH A . 
B 2 HOH 22  268 22  HOH HOH A . 
B 2 HOH 23  269 23  HOH HOH A . 
B 2 HOH 24  270 24  HOH HOH A . 
B 2 HOH 25  271 25  HOH HOH A . 
B 2 HOH 26  272 26  HOH HOH A . 
B 2 HOH 27  273 27  HOH HOH A . 
B 2 HOH 28  274 28  HOH HOH A . 
B 2 HOH 29  275 29  HOH HOH A . 
B 2 HOH 30  276 30  HOH HOH A . 
B 2 HOH 31  277 31  HOH HOH A . 
B 2 HOH 32  278 32  HOH HOH A . 
B 2 HOH 33  279 33  HOH HOH A . 
B 2 HOH 34  280 34  HOH HOH A . 
B 2 HOH 35  281 35  HOH HOH A . 
B 2 HOH 36  282 36  HOH HOH A . 
B 2 HOH 37  283 37  HOH HOH A . 
B 2 HOH 38  284 38  HOH HOH A . 
B 2 HOH 39  285 39  HOH HOH A . 
B 2 HOH 40  286 40  HOH HOH A . 
B 2 HOH 41  287 41  HOH HOH A . 
B 2 HOH 42  288 42  HOH HOH A . 
B 2 HOH 43  289 43  HOH HOH A . 
B 2 HOH 44  290 44  HOH HOH A . 
B 2 HOH 45  291 45  HOH HOH A . 
B 2 HOH 46  292 46  HOH HOH A . 
B 2 HOH 47  293 47  HOH HOH A . 
B 2 HOH 48  294 48  HOH HOH A . 
B 2 HOH 49  295 49  HOH HOH A . 
B 2 HOH 50  296 50  HOH HOH A . 
B 2 HOH 51  297 52  HOH HOH A . 
B 2 HOH 52  298 53  HOH HOH A . 
B 2 HOH 53  299 54  HOH HOH A . 
B 2 HOH 54  300 55  HOH HOH A . 
B 2 HOH 55  301 56  HOH HOH A . 
B 2 HOH 56  302 57  HOH HOH A . 
B 2 HOH 57  303 58  HOH HOH A . 
B 2 HOH 58  304 59  HOH HOH A . 
B 2 HOH 59  305 60  HOH HOH A . 
B 2 HOH 60  306 61  HOH HOH A . 
B 2 HOH 61  307 62  HOH HOH A . 
B 2 HOH 62  308 63  HOH HOH A . 
B 2 HOH 63  309 64  HOH HOH A . 
B 2 HOH 64  310 65  HOH HOH A . 
B 2 HOH 65  311 66  HOH HOH A . 
B 2 HOH 66  312 67  HOH HOH A . 
B 2 HOH 67  313 68  HOH HOH A . 
B 2 HOH 68  314 69  HOH HOH A . 
B 2 HOH 69  315 70  HOH HOH A . 
B 2 HOH 70  316 71  HOH HOH A . 
B 2 HOH 71  317 72  HOH HOH A . 
B 2 HOH 72  318 73  HOH HOH A . 
B 2 HOH 73  319 74  HOH HOH A . 
B 2 HOH 74  320 75  HOH HOH A . 
B 2 HOH 75  321 76  HOH HOH A . 
B 2 HOH 76  322 77  HOH HOH A . 
B 2 HOH 77  323 78  HOH HOH A . 
B 2 HOH 78  324 79  HOH HOH A . 
B 2 HOH 79  325 80  HOH HOH A . 
B 2 HOH 80  326 81  HOH HOH A . 
B 2 HOH 81  327 82  HOH HOH A . 
B 2 HOH 82  328 83  HOH HOH A . 
B 2 HOH 83  329 84  HOH HOH A . 
B 2 HOH 84  330 85  HOH HOH A . 
B 2 HOH 85  331 86  HOH HOH A . 
B 2 HOH 86  332 87  HOH HOH A . 
B 2 HOH 87  333 88  HOH HOH A . 
B 2 HOH 88  334 89  HOH HOH A . 
B 2 HOH 89  335 90  HOH HOH A . 
B 2 HOH 90  336 91  HOH HOH A . 
B 2 HOH 91  337 92  HOH HOH A . 
B 2 HOH 92  338 93  HOH HOH A . 
B 2 HOH 93  339 94  HOH HOH A . 
B 2 HOH 94  340 95  HOH HOH A . 
B 2 HOH 95  341 96  HOH HOH A . 
B 2 HOH 96  342 97  HOH HOH A . 
B 2 HOH 97  343 98  HOH HOH A . 
B 2 HOH 98  344 99  HOH HOH A . 
B 2 HOH 99  345 100 HOH HOH A . 
B 2 HOH 100 346 101 HOH HOH A . 
B 2 HOH 101 347 102 HOH HOH A . 
B 2 HOH 102 348 103 HOH HOH A . 
B 2 HOH 103 349 104 HOH HOH A . 
B 2 HOH 104 350 105 HOH HOH A . 
B 2 HOH 105 351 106 HOH HOH A . 
B 2 HOH 106 352 107 HOH HOH A . 
B 2 HOH 107 353 108 HOH HOH A . 
B 2 HOH 108 354 109 HOH HOH A . 
B 2 HOH 109 355 110 HOH HOH A . 
B 2 HOH 110 356 111 HOH HOH A . 
B 2 HOH 111 357 112 HOH HOH A . 
B 2 HOH 112 358 113 HOH HOH A . 
B 2 HOH 113 359 114 HOH HOH A . 
B 2 HOH 114 360 115 HOH HOH A . 
B 2 HOH 115 361 116 HOH HOH A . 
B 2 HOH 116 362 117 HOH HOH A . 
B 2 HOH 117 363 118 HOH HOH A . 
B 2 HOH 118 364 119 HOH HOH A . 
B 2 HOH 119 365 120 HOH HOH A . 
B 2 HOH 120 366 121 HOH HOH A . 
B 2 HOH 121 367 122 HOH HOH A . 
B 2 HOH 122 368 123 HOH HOH A . 
B 2 HOH 123 369 124 HOH HOH A . 
B 2 HOH 124 370 125 HOH HOH A . 
B 2 HOH 125 371 126 HOH HOH A . 
B 2 HOH 126 372 127 HOH HOH A . 
B 2 HOH 127 373 128 HOH HOH A . 
B 2 HOH 128 374 129 HOH HOH A . 
B 2 HOH 129 375 130 HOH HOH A . 
B 2 HOH 130 376 131 HOH HOH A . 
B 2 HOH 131 377 132 HOH HOH A . 
B 2 HOH 132 378 133 HOH HOH A . 
B 2 HOH 133 379 134 HOH HOH A . 
B 2 HOH 134 380 135 HOH HOH A . 
B 2 HOH 135 381 136 HOH HOH A . 
B 2 HOH 136 382 137 HOH HOH A . 
B 2 HOH 137 383 138 HOH HOH A . 
# 
loop_
_software.name 
_software.classification 
_software.version 
_software.citation_id 
_software.pdbx_ordinal 
SHARP     phasing          .    ? 1 
X-PLOR    'model building' 3.84 ? 2 
X-PLOR    refinement       3.84 ? 3 
DENZO     'data reduction' .    ? 4 
SCALEPACK 'data scaling'   .    ? 5 
X-PLOR    phasing          3.84 ? 6 
# 
_cell.entry_id           1PBV 
_cell.length_a           89.766 
_cell.length_b           89.766 
_cell.length_c           89.766 
_cell.angle_alpha        90.00 
_cell.angle_beta         90.00 
_cell.angle_gamma        90.00 
_cell.Z_PDB              12 
_cell.pdbx_unique_axis   ? 
# 
_symmetry.entry_id                         1PBV 
_symmetry.space_group_name_H-M             'P 21 3' 
_symmetry.pdbx_full_space_group_name_H-M   ? 
_symmetry.cell_setting                     ? 
_symmetry.Int_Tables_number                198 
# 
_exptl.entry_id          1PBV 
_exptl.method            'X-RAY DIFFRACTION' 
_exptl.crystals_number   1 
# 
_exptl_crystal.id                    1 
_exptl_crystal.density_meas          ? 
_exptl_crystal.density_Matthews      2.87 
_exptl_crystal.density_percent_sol   50 
_exptl_crystal.description           'HEAVY ATOM DERIVATIVES EMTS AND K2HGI4' 
# 
loop_
_diffrn.id 
_diffrn.ambient_temp 
_diffrn.ambient_temp_details 
_diffrn.crystal_id 
1 ? ? 1 
2 ? ? 1 
# 
loop_
_diffrn_detector.diffrn_id 
_diffrn_detector.detector 
_diffrn_detector.type 
_diffrn_detector.pdbx_collection_date 
_diffrn_detector.details 
1 ? MARRESEARCH  ? ? 
2 ? 'CCD CAMERA' ? ? 
# 
loop_
_diffrn_radiation.diffrn_id 
_diffrn_radiation.wavelength_id 
_diffrn_radiation.pdbx_monochromatic_or_laue_m_l 
_diffrn_radiation.monochromator 
_diffrn_radiation.pdbx_diffrn_protocol 
_diffrn_radiation.pdbx_scattering_type 
1 1 M ? 'SINGLE WAVELENGTH' x-ray 
2 2 M ? 'SINGLE WAVELENGTH' x-ray 
# 
loop_
_diffrn_radiation_wavelength.id 
_diffrn_radiation_wavelength.wavelength 
_diffrn_radiation_wavelength.wt 
1 0.97   1.0 
2 1.0079 1.0 
# 
loop_
_diffrn_source.diffrn_id 
_diffrn_source.source 
_diffrn_source.type 
_diffrn_source.pdbx_synchrotron_site 
_diffrn_source.pdbx_synchrotron_beamline 
_diffrn_source.pdbx_wavelength 
_diffrn_source.pdbx_wavelength_list 
1 SYNCHROTRON 'LURE BEAMLINE' LURE ? 0.97   ? 
2 SYNCHROTRON ESRF            ESRF ? 1.0079 ? 
# 
_reflns.entry_id                     1PBV 
_reflns.observed_criterion_sigma_I   ? 
_reflns.observed_criterion_sigma_F   ? 
_reflns.d_resolution_low             15 
_reflns.d_resolution_high            2.0 
_reflns.number_obs                   70772 
_reflns.number_all                   ? 
_reflns.percent_possible_obs         97.6 
_reflns.pdbx_Rmerge_I_obs            ? 
_reflns.pdbx_Rsym_value              4.2000000 
_reflns.pdbx_netI_over_sigmaI        ? 
_reflns.B_iso_Wilson_estimate        19.7 
_reflns.pdbx_redundancy              ? 
_reflns.pdbx_diffrn_id               1,2 
_reflns.pdbx_ordinal                 1 
# 
_refine.entry_id                                 1PBV 
_refine.ls_number_reflns_obs                     ? 
_refine.ls_number_reflns_all                     ? 
_refine.pdbx_ls_sigma_I                          ? 
_refine.pdbx_ls_sigma_F                          ? 
_refine.pdbx_data_cutoff_high_absF               ? 
_refine.pdbx_data_cutoff_low_absF                ? 
_refine.pdbx_data_cutoff_high_rms_absF           ? 
_refine.ls_d_res_low                             15.0 
_refine.ls_d_res_high                            2.00 
_refine.ls_percent_reflns_obs                    ? 
_refine.ls_R_factor_obs                          0.1820000 
_refine.ls_R_factor_all                          ? 
_refine.ls_R_factor_R_work                       0.1820000 
_refine.ls_R_factor_R_free                       0.2260000 
_refine.ls_R_factor_R_free_error                 ? 
_refine.ls_R_factor_R_free_error_details         ? 
_refine.ls_percent_reflns_R_free                 10 
_refine.ls_number_reflns_R_free                  ? 
_refine.ls_number_parameters                     ? 
_refine.ls_number_restraints                     ? 
_refine.occupancy_min                            ? 
_refine.occupancy_max                            ? 
_refine.B_iso_mean                               ? 
_refine.aniso_B[1][1]                            ? 
_refine.aniso_B[2][2]                            ? 
_refine.aniso_B[3][3]                            ? 
_refine.aniso_B[1][2]                            ? 
_refine.aniso_B[1][3]                            ? 
_refine.aniso_B[2][3]                            ? 
_refine.solvent_model_details                    ? 
_refine.solvent_model_param_ksol                 ? 
_refine.solvent_model_param_bsol                 ? 
_refine.pdbx_ls_cross_valid_method               ? 
_refine.details                                  ? 
_refine.pdbx_starting_model                      ? 
_refine.pdbx_method_to_determine_struct          MIRAS 
_refine.pdbx_isotropic_thermal_model             ? 
_refine.pdbx_stereochemistry_target_values       ? 
_refine.pdbx_stereochem_target_val_spec_case     ? 
_refine.pdbx_R_Free_selection_details            ? 
_refine.pdbx_overall_ESU_R                       ? 
_refine.pdbx_overall_ESU_R_Free                  ? 
_refine.overall_SU_ML                            ? 
_refine.overall_SU_B                             ? 
_refine.pdbx_refine_id                           'X-RAY DIFFRACTION' 
_refine.pdbx_diffrn_id                           1 
_refine.pdbx_TLS_residual_ADP_flag               ? 
_refine.correlation_coeff_Fo_to_Fc               ? 
_refine.correlation_coeff_Fo_to_Fc_free          ? 
_refine.pdbx_solvent_vdw_probe_radii             ? 
_refine.pdbx_solvent_ion_probe_radii             ? 
_refine.pdbx_solvent_shrinkage_radii             ? 
_refine.pdbx_overall_phase_error                 ? 
_refine.overall_SU_R_Cruickshank_DPI             ? 
_refine.pdbx_overall_SU_R_free_Cruickshank_DPI   ? 
_refine.pdbx_overall_SU_R_Blow_DPI               ? 
_refine.pdbx_overall_SU_R_free_Blow_DPI          ? 
# 
_refine_hist.pdbx_refine_id                   'X-RAY DIFFRACTION' 
_refine_hist.cycle_id                         LAST 
_refine_hist.pdbx_number_atoms_protein        1580 
_refine_hist.pdbx_number_atoms_nucleic_acid   0 
_refine_hist.pdbx_number_atoms_ligand         0 
_refine_hist.number_atoms_solvent             138 
_refine_hist.number_atoms_total               1718 
_refine_hist.d_res_high                       2.00 
_refine_hist.d_res_low                        15.0 
# 
loop_
_refine_ls_restr.type 
_refine_ls_restr.dev_ideal 
_refine_ls_restr.dev_ideal_target 
_refine_ls_restr.weight 
_refine_ls_restr.number 
_refine_ls_restr.pdbx_refine_id 
_refine_ls_restr.pdbx_restraint_function 
x_bond_d                0.009 ? ? ? 'X-RAY DIFFRACTION' ? 
x_bond_d_na             ?     ? ? ? 'X-RAY DIFFRACTION' ? 
x_bond_d_prot           ?     ? ? ? 'X-RAY DIFFRACTION' ? 
x_angle_d               ?     ? ? ? 'X-RAY DIFFRACTION' ? 
x_angle_d_na            ?     ? ? ? 'X-RAY DIFFRACTION' ? 
x_angle_d_prot          ?     ? ? ? 'X-RAY DIFFRACTION' ? 
x_angle_deg             2.049 ? ? ? 'X-RAY DIFFRACTION' ? 
x_angle_deg_na          ?     ? ? ? 'X-RAY DIFFRACTION' ? 
x_angle_deg_prot        ?     ? ? ? 'X-RAY DIFFRACTION' ? 
x_dihedral_angle_d      ?     ? ? ? 'X-RAY DIFFRACTION' ? 
x_dihedral_angle_d_na   ?     ? ? ? 'X-RAY DIFFRACTION' ? 
x_dihedral_angle_d_prot ?     ? ? ? 'X-RAY DIFFRACTION' ? 
x_improper_angle_d      ?     ? ? ? 'X-RAY DIFFRACTION' ? 
x_improper_angle_d_na   ?     ? ? ? 'X-RAY DIFFRACTION' ? 
x_improper_angle_d_prot ?     ? ? ? 'X-RAY DIFFRACTION' ? 
x_mcbond_it             ?     ? ? ? 'X-RAY DIFFRACTION' ? 
x_mcangle_it            ?     ? ? ? 'X-RAY DIFFRACTION' ? 
x_scbond_it             ?     ? ? ? 'X-RAY DIFFRACTION' ? 
x_scangle_it            ?     ? ? ? 'X-RAY DIFFRACTION' ? 
# 
_struct.entry_id                  1PBV 
_struct.title                     'SEC7 DOMAIN OF THE EXCHANGE FACTOR ARNO' 
_struct.pdbx_model_details        ? 
_struct.pdbx_CASP_flag            ? 
_struct.pdbx_model_type_details   ? 
# 
_struct_keywords.entry_id        1PBV 
_struct_keywords.pdbx_keywords   'EXCHANGE FACTOR' 
_struct_keywords.text            'EXCHANGE FACTOR, SEC7, ARNO, ARF FUNCTIONAL CLASS: GUANINE NUCLEOTIDE EXCHANGE FACTOR' 
# 
loop_
_struct_asym.id 
_struct_asym.pdbx_blank_PDB_chainid_flag 
_struct_asym.pdbx_modified 
_struct_asym.entity_id 
_struct_asym.details 
A N N 1 ? 
B N N 2 ? 
# 
_struct_ref.id                         1 
_struct_ref.db_name                    UNP 
_struct_ref.db_code                    CYH2_HUMAN 
_struct_ref.entity_id                  1 
_struct_ref.pdbx_db_accession          Q99418 
_struct_ref.pdbx_align_begin           1 
_struct_ref.pdbx_seq_one_letter_code   
;MEDGVYEPPDLTPEERMELENIRRRKQELLVEIQRLREELSEAMSEVEGLEANEGSKTLQRNRKMAMGRKKFNMDPKKGI
QFLVENELLQNTPEEIARFLYKGEGLNKTAIGDYLGEREELNLAVLHAFVDLHEFTDLNLVQALRQFLWSFRLPGEAQKI
DRMMEAFAQRYCLCNPGVFQSTDTCYVLSFAVIMLNTSLHNPNVRDKPGLERFVAMNRGINEGGDLPEELLRNLYDSIRN
EPFKIPEDDGNDLTHTFFNPDREGWLLKLGGGRVKTWKRRWFILTDNCLYYFEYTTDKEPRGIIPLENLSIREVDDPRKP
NCFELYIPNNKGQLIKACKTEADGRVVEGNHMVYRISAPTQEEKDEWIKSIQAAVSVDPFYEMLAARKKRISVKKKQEQP

;
_struct_ref.pdbx_db_isoform            ? 
# 
_struct_ref_seq.align_id                      1 
_struct_ref_seq.ref_id                        1 
_struct_ref_seq.pdbx_PDB_id_code              1PBV 
_struct_ref_seq.pdbx_strand_id                A 
_struct_ref_seq.seq_align_beg                 1 
_struct_ref_seq.pdbx_seq_align_beg_ins_code   ? 
_struct_ref_seq.seq_align_end                 195 
_struct_ref_seq.pdbx_seq_align_end_ins_code   ? 
_struct_ref_seq.pdbx_db_accession             Q99418 
_struct_ref_seq.db_align_beg                  52 
_struct_ref_seq.pdbx_db_align_beg_ins_code    ? 
_struct_ref_seq.db_align_end                  246 
_struct_ref_seq.pdbx_db_align_end_ins_code    ? 
_struct_ref_seq.pdbx_auth_seq_align_beg       52 
_struct_ref_seq.pdbx_auth_seq_align_end       246 
# 
_pdbx_struct_assembly.id                   1 
_pdbx_struct_assembly.details              author_defined_assembly 
_pdbx_struct_assembly.method_details       ? 
_pdbx_struct_assembly.oligomeric_details   monomeric 
_pdbx_struct_assembly.oligomeric_count     1 
# 
_pdbx_struct_assembly_gen.assembly_id       1 
_pdbx_struct_assembly_gen.oper_expression   1 
_pdbx_struct_assembly_gen.asym_id_list      A,B 
# 
_pdbx_struct_oper_list.id                   1 
_pdbx_struct_oper_list.type                 'identity operation' 
_pdbx_struct_oper_list.name                 1_555 
_pdbx_struct_oper_list.symmetry_operation   x,y,z 
_pdbx_struct_oper_list.matrix[1][1]         1.0000000000 
_pdbx_struct_oper_list.matrix[1][2]         0.0000000000 
_pdbx_struct_oper_list.matrix[1][3]         0.0000000000 
_pdbx_struct_oper_list.vector[1]            0.0000000000 
_pdbx_struct_oper_list.matrix[2][1]         0.0000000000 
_pdbx_struct_oper_list.matrix[2][2]         1.0000000000 
_pdbx_struct_oper_list.matrix[2][3]         0.0000000000 
_pdbx_struct_oper_list.vector[2]            0.0000000000 
_pdbx_struct_oper_list.matrix[3][1]         0.0000000000 
_pdbx_struct_oper_list.matrix[3][2]         0.0000000000 
_pdbx_struct_oper_list.matrix[3][3]         1.0000000000 
_pdbx_struct_oper_list.vector[3]            0.0000000000 
# 
_struct_biol.id   1 
# 
loop_
_struct_conf.conf_type_id 
_struct_conf.id 
_struct_conf.pdbx_PDB_helix_id 
_struct_conf.beg_label_comp_id 
_struct_conf.beg_label_asym_id 
_struct_conf.beg_label_seq_id 
_struct_conf.pdbx_beg_PDB_ins_code 
_struct_conf.end_label_comp_id 
_struct_conf.end_label_asym_id 
_struct_conf.end_label_seq_id 
_struct_conf.pdbx_end_PDB_ins_code 
_struct_conf.beg_auth_comp_id 
_struct_conf.beg_auth_asym_id 
_struct_conf.beg_auth_seq_id 
_struct_conf.end_auth_comp_id 
_struct_conf.end_auth_asym_id 
_struct_conf.end_auth_seq_id 
_struct_conf.pdbx_PDB_helix_class 
_struct_conf.details 
_struct_conf.pdbx_PDB_helix_length 
HELX_P HELX_P1  1  GLU A 3   ? MET A 23  ? GLU A 54  MET A 74  1 ? 21 
HELX_P HELX_P2  2  PRO A 25  ? GLU A 34  ? PRO A 76  GLU A 85  1 ? 10 
HELX_P HELX_P3  3  PRO A 42  ? LYS A 51  ? PRO A 93  LYS A 102 1 ? 10 
HELX_P HELX_P4  4  LYS A 57  ? LEU A 64  ? LYS A 108 LEU A 115 1 ? 8  
HELX_P HELX_P5  5  GLU A 69  ? ASP A 80  ? GLU A 120 ASP A 131 1 ? 12 
HELX_P HELX_P6  6  LEU A 89  ? TRP A 98  ? LEU A 140 TRP A 149 1 ? 10 
HELX_P HELX_P7  7  ALA A 106 ? CYS A 123 ? ALA A 157 CYS A 174 1 ? 18 
HELX_P HELX_P8  8  THR A 131 ? HIS A 149 ? THR A 182 HIS A 200 1 ? 19 
HELX_P HELX_P9  9  LEU A 159 ? ASN A 166 ? LEU A 210 ASN A 217 1 ? 8  
HELX_P HELX_P10 10 GLU A 177 ? ASN A 189 ? GLU A 228 ASN A 240 1 ? 13 
# 
_struct_conf_type.id          HELX_P 
_struct_conf_type.criteria    ? 
_struct_conf_type.reference   ? 
# 
loop_
_pdbx_validate_rmsd_bond.id 
_pdbx_validate_rmsd_bond.PDB_model_num 
_pdbx_validate_rmsd_bond.auth_atom_id_1 
_pdbx_validate_rmsd_bond.auth_asym_id_1 
_pdbx_validate_rmsd_bond.auth_comp_id_1 
_pdbx_validate_rmsd_bond.auth_seq_id_1 
_pdbx_validate_rmsd_bond.PDB_ins_code_1 
_pdbx_validate_rmsd_bond.label_alt_id_1 
_pdbx_validate_rmsd_bond.auth_atom_id_2 
_pdbx_validate_rmsd_bond.auth_asym_id_2 
_pdbx_validate_rmsd_bond.auth_comp_id_2 
_pdbx_validate_rmsd_bond.auth_seq_id_2 
_pdbx_validate_rmsd_bond.PDB_ins_code_2 
_pdbx_validate_rmsd_bond.label_alt_id_2 
_pdbx_validate_rmsd_bond.bond_value 
_pdbx_validate_rmsd_bond.bond_target_value 
_pdbx_validate_rmsd_bond.bond_deviation 
_pdbx_validate_rmsd_bond.bond_standard_deviation 
_pdbx_validate_rmsd_bond.linker_flag 
1 1 NE2 A HIS 133 ? ? CD2 A HIS 133 ? ? 1.303 1.373 -0.070 0.011 N 
2 1 NE2 A HIS 200 ? ? CD2 A HIS 200 ? ? 1.303 1.373 -0.070 0.011 N 
# 
loop_
_pdbx_validate_rmsd_angle.id 
_pdbx_validate_rmsd_angle.PDB_model_num 
_pdbx_validate_rmsd_angle.auth_atom_id_1 
_pdbx_validate_rmsd_angle.auth_asym_id_1 
_pdbx_validate_rmsd_angle.auth_comp_id_1 
_pdbx_validate_rmsd_angle.auth_seq_id_1 
_pdbx_validate_rmsd_angle.PDB_ins_code_1 
_pdbx_validate_rmsd_angle.label_alt_id_1 
_pdbx_validate_rmsd_angle.auth_atom_id_2 
_pdbx_validate_rmsd_angle.auth_asym_id_2 
_pdbx_validate_rmsd_angle.auth_comp_id_2 
_pdbx_validate_rmsd_angle.auth_seq_id_2 
_pdbx_validate_rmsd_angle.PDB_ins_code_2 
_pdbx_validate_rmsd_angle.label_alt_id_2 
_pdbx_validate_rmsd_angle.auth_atom_id_3 
_pdbx_validate_rmsd_angle.auth_asym_id_3 
_pdbx_validate_rmsd_angle.auth_comp_id_3 
_pdbx_validate_rmsd_angle.auth_seq_id_3 
_pdbx_validate_rmsd_angle.PDB_ins_code_3 
_pdbx_validate_rmsd_angle.label_alt_id_3 
_pdbx_validate_rmsd_angle.angle_value 
_pdbx_validate_rmsd_angle.angle_target_value 
_pdbx_validate_rmsd_angle.angle_deviation 
_pdbx_validate_rmsd_angle.angle_standard_deviation 
_pdbx_validate_rmsd_angle.linker_flag 
1 1 NE  A ARG 69  ? ? CZ  A ARG 69  ? ? NH1 A ARG 69  ? ? 123.56 120.30 3.26  0.50 N 
2 1 CD1 A TRP 149 ? ? CG  A TRP 149 ? ? CD2 A TRP 149 ? ? 112.35 106.30 6.05  0.80 N 
3 1 CE2 A TRP 149 ? ? CD2 A TRP 149 ? ? CG  A TRP 149 ? ? 101.06 107.30 -6.24 0.80 N 
4 1 CG  A TRP 149 ? ? CD2 A TRP 149 ? ? CE3 A TRP 149 ? ? 139.43 133.90 5.53  0.90 N 
5 1 NE  A ARG 170 ? ? CZ  A ARG 170 ? ? NH1 A ARG 170 ? ? 125.07 120.30 4.77  0.50 N 
6 1 NE  A ARG 170 ? ? CZ  A ARG 170 ? ? NH2 A ARG 170 ? ? 116.38 120.30 -3.92 0.50 N 
# 
_pdbx_validate_torsion.id              1 
_pdbx_validate_torsion.PDB_model_num   1 
_pdbx_validate_torsion.auth_comp_id    ASP 
_pdbx_validate_torsion.auth_asym_id    A 
_pdbx_validate_torsion.auth_seq_id     206 
_pdbx_validate_torsion.PDB_ins_code    ? 
_pdbx_validate_torsion.label_alt_id    ? 
_pdbx_validate_torsion.phi             66.39 
_pdbx_validate_torsion.psi             91.93 
# 
loop_
_pdbx_validate_planes.id 
_pdbx_validate_planes.PDB_model_num 
_pdbx_validate_planes.auth_comp_id 
_pdbx_validate_planes.auth_asym_id 
_pdbx_validate_planes.auth_seq_id 
_pdbx_validate_planes.PDB_ins_code 
_pdbx_validate_planes.label_alt_id 
_pdbx_validate_planes.rmsd 
_pdbx_validate_planes.type 
1 1 ARG A 170 ? ? 0.112 'SIDE CHAIN' 
2 1 TYR A 171 ? ? 0.077 'SIDE CHAIN' 
# 
loop_
_chem_comp_atom.comp_id 
_chem_comp_atom.atom_id 
_chem_comp_atom.type_symbol 
_chem_comp_atom.pdbx_aromatic_flag 
_chem_comp_atom.pdbx_stereo_config 
_chem_comp_atom.pdbx_ordinal 
ALA N    N N N 1   
ALA CA   C N S 2   
ALA C    C N N 3   
ALA O    O N N 4   
ALA CB   C N N 5   
ALA OXT  O N N 6   
ALA H    H N N 7   
ALA H2   H N N 8   
ALA HA   H N N 9   
ALA HB1  H N N 10  
ALA HB2  H N N 11  
ALA HB3  H N N 12  
ALA HXT  H N N 13  
ARG N    N N N 14  
ARG CA   C N S 15  
ARG C    C N N 16  
ARG O    O N N 17  
ARG CB   C N N 18  
ARG CG   C N N 19  
ARG CD   C N N 20  
ARG NE   N N N 21  
ARG CZ   C N N 22  
ARG NH1  N N N 23  
ARG NH2  N N N 24  
ARG OXT  O N N 25  
ARG H    H N N 26  
ARG H2   H N N 27  
ARG HA   H N N 28  
ARG HB2  H N N 29  
ARG HB3  H N N 30  
ARG HG2  H N N 31  
ARG HG3  H N N 32  
ARG HD2  H N N 33  
ARG HD3  H N N 34  
ARG HE   H N N 35  
ARG HH11 H N N 36  
ARG HH12 H N N 37  
ARG HH21 H N N 38  
ARG HH22 H N N 39  
ARG HXT  H N N 40  
ASN N    N N N 41  
ASN CA   C N S 42  
ASN C    C N N 43  
ASN O    O N N 44  
ASN CB   C N N 45  
ASN CG   C N N 46  
ASN OD1  O N N 47  
ASN ND2  N N N 48  
ASN OXT  O N N 49  
ASN H    H N N 50  
ASN H2   H N N 51  
ASN HA   H N N 52  
ASN HB2  H N N 53  
ASN HB3  H N N 54  
ASN HD21 H N N 55  
ASN HD22 H N N 56  
ASN HXT  H N N 57  
ASP N    N N N 58  
ASP CA   C N S 59  
ASP C    C N N 60  
ASP O    O N N 61  
ASP CB   C N N 62  
ASP CG   C N N 63  
ASP OD1  O N N 64  
ASP OD2  O N N 65  
ASP OXT  O N N 66  
ASP H    H N N 67  
ASP H2   H N N 68  
ASP HA   H N N 69  
ASP HB2  H N N 70  
ASP HB3  H N N 71  
ASP HD2  H N N 72  
ASP HXT  H N N 73  
CYS N    N N N 74  
CYS CA   C N R 75  
CYS C    C N N 76  
CYS O    O N N 77  
CYS CB   C N N 78  
CYS SG   S N N 79  
CYS OXT  O N N 80  
CYS H    H N N 81  
CYS H2   H N N 82  
CYS HA   H N N 83  
CYS HB2  H N N 84  
CYS HB3  H N N 85  
CYS HG   H N N 86  
CYS HXT  H N N 87  
GLN N    N N N 88  
GLN CA   C N S 89  
GLN C    C N N 90  
GLN O    O N N 91  
GLN CB   C N N 92  
GLN CG   C N N 93  
GLN CD   C N N 94  
GLN OE1  O N N 95  
GLN NE2  N N N 96  
GLN OXT  O N N 97  
GLN H    H N N 98  
GLN H2   H N N 99  
GLN HA   H N N 100 
GLN HB2  H N N 101 
GLN HB3  H N N 102 
GLN HG2  H N N 103 
GLN HG3  H N N 104 
GLN HE21 H N N 105 
GLN HE22 H N N 106 
GLN HXT  H N N 107 
GLU N    N N N 108 
GLU CA   C N S 109 
GLU C    C N N 110 
GLU O    O N N 111 
GLU CB   C N N 112 
GLU CG   C N N 113 
GLU CD   C N N 114 
GLU OE1  O N N 115 
GLU OE2  O N N 116 
GLU OXT  O N N 117 
GLU H    H N N 118 
GLU H2   H N N 119 
GLU HA   H N N 120 
GLU HB2  H N N 121 
GLU HB3  H N N 122 
GLU HG2  H N N 123 
GLU HG3  H N N 124 
GLU HE2  H N N 125 
GLU HXT  H N N 126 
GLY N    N N N 127 
GLY CA   C N N 128 
GLY C    C N N 129 
GLY O    O N N 130 
GLY OXT  O N N 131 
GLY H    H N N 132 
GLY H2   H N N 133 
GLY HA2  H N N 134 
GLY HA3  H N N 135 
GLY HXT  H N N 136 
HIS N    N N N 137 
HIS CA   C N S 138 
HIS C    C N N 139 
HIS O    O N N 140 
HIS CB   C N N 141 
HIS CG   C Y N 142 
HIS ND1  N Y N 143 
HIS CD2  C Y N 144 
HIS CE1  C Y N 145 
HIS NE2  N Y N 146 
HIS OXT  O N N 147 
HIS H    H N N 148 
HIS H2   H N N 149 
HIS HA   H N N 150 
HIS HB2  H N N 151 
HIS HB3  H N N 152 
HIS HD1  H N N 153 
HIS HD2  H N N 154 
HIS HE1  H N N 155 
HIS HE2  H N N 156 
HIS HXT  H N N 157 
HOH O    O N N 158 
HOH H1   H N N 159 
HOH H2   H N N 160 
ILE N    N N N 161 
ILE CA   C N S 162 
ILE C    C N N 163 
ILE O    O N N 164 
ILE CB   C N S 165 
ILE CG1  C N N 166 
ILE CG2  C N N 167 
ILE CD1  C N N 168 
ILE OXT  O N N 169 
ILE H    H N N 170 
ILE H2   H N N 171 
ILE HA   H N N 172 
ILE HB   H N N 173 
ILE HG12 H N N 174 
ILE HG13 H N N 175 
ILE HG21 H N N 176 
ILE HG22 H N N 177 
ILE HG23 H N N 178 
ILE HD11 H N N 179 
ILE HD12 H N N 180 
ILE HD13 H N N 181 
ILE HXT  H N N 182 
LEU N    N N N 183 
LEU CA   C N S 184 
LEU C    C N N 185 
LEU O    O N N 186 
LEU CB   C N N 187 
LEU CG   C N N 188 
LEU CD1  C N N 189 
LEU CD2  C N N 190 
LEU OXT  O N N 191 
LEU H    H N N 192 
LEU H2   H N N 193 
LEU HA   H N N 194 
LEU HB2  H N N 195 
LEU HB3  H N N 196 
LEU HG   H N N 197 
LEU HD11 H N N 198 
LEU HD12 H N N 199 
LEU HD13 H N N 200 
LEU HD21 H N N 201 
LEU HD22 H N N 202 
LEU HD23 H N N 203 
LEU HXT  H N N 204 
LYS N    N N N 205 
LYS CA   C N S 206 
LYS C    C N N 207 
LYS O    O N N 208 
LYS CB   C N N 209 
LYS CG   C N N 210 
LYS CD   C N N 211 
LYS CE   C N N 212 
LYS NZ   N N N 213 
LYS OXT  O N N 214 
LYS H    H N N 215 
LYS H2   H N N 216 
LYS HA   H N N 217 
LYS HB2  H N N 218 
LYS HB3  H N N 219 
LYS HG2  H N N 220 
LYS HG3  H N N 221 
LYS HD2  H N N 222 
LYS HD3  H N N 223 
LYS HE2  H N N 224 
LYS HE3  H N N 225 
LYS HZ1  H N N 226 
LYS HZ2  H N N 227 
LYS HZ3  H N N 228 
LYS HXT  H N N 229 
MET N    N N N 230 
MET CA   C N S 231 
MET C    C N N 232 
MET O    O N N 233 
MET CB   C N N 234 
MET CG   C N N 235 
MET SD   S N N 236 
MET CE   C N N 237 
MET OXT  O N N 238 
MET H    H N N 239 
MET H2   H N N 240 
MET HA   H N N 241 
MET HB2  H N N 242 
MET HB3  H N N 243 
MET HG2  H N N 244 
MET HG3  H N N 245 
MET HE1  H N N 246 
MET HE2  H N N 247 
MET HE3  H N N 248 
MET HXT  H N N 249 
PHE N    N N N 250 
PHE CA   C N S 251 
PHE C    C N N 252 
PHE O    O N N 253 
PHE CB   C N N 254 
PHE CG   C Y N 255 
PHE CD1  C Y N 256 
PHE CD2  C Y N 257 
PHE CE1  C Y N 258 
PHE CE2  C Y N 259 
PHE CZ   C Y N 260 
PHE OXT  O N N 261 
PHE H    H N N 262 
PHE H2   H N N 263 
PHE HA   H N N 264 
PHE HB2  H N N 265 
PHE HB3  H N N 266 
PHE HD1  H N N 267 
PHE HD2  H N N 268 
PHE HE1  H N N 269 
PHE HE2  H N N 270 
PHE HZ   H N N 271 
PHE HXT  H N N 272 
PRO N    N N N 273 
PRO CA   C N S 274 
PRO C    C N N 275 
PRO O    O N N 276 
PRO CB   C N N 277 
PRO CG   C N N 278 
PRO CD   C N N 279 
PRO OXT  O N N 280 
PRO H    H N N 281 
PRO HA   H N N 282 
PRO HB2  H N N 283 
PRO HB3  H N N 284 
PRO HG2  H N N 285 
PRO HG3  H N N 286 
PRO HD2  H N N 287 
PRO HD3  H N N 288 
PRO HXT  H N N 289 
SER N    N N N 290 
SER CA   C N S 291 
SER C    C N N 292 
SER O    O N N 293 
SER CB   C N N 294 
SER OG   O N N 295 
SER OXT  O N N 296 
SER H    H N N 297 
SER H2   H N N 298 
SER HA   H N N 299 
SER HB2  H N N 300 
SER HB3  H N N 301 
SER HG   H N N 302 
SER HXT  H N N 303 
THR N    N N N 304 
THR CA   C N S 305 
THR C    C N N 306 
THR O    O N N 307 
THR CB   C N R 308 
THR OG1  O N N 309 
THR CG2  C N N 310 
THR OXT  O N N 311 
THR H    H N N 312 
THR H2   H N N 313 
THR HA   H N N 314 
THR HB   H N N 315 
THR HG1  H N N 316 
THR HG21 H N N 317 
THR HG22 H N N 318 
THR HG23 H N N 319 
THR HXT  H N N 320 
TRP N    N N N 321 
TRP CA   C N S 322 
TRP C    C N N 323 
TRP O    O N N 324 
TRP CB   C N N 325 
TRP CG   C Y N 326 
TRP CD1  C Y N 327 
TRP CD2  C Y N 328 
TRP NE1  N Y N 329 
TRP CE2  C Y N 330 
TRP CE3  C Y N 331 
TRP CZ2  C Y N 332 
TRP CZ3  C Y N 333 
TRP CH2  C Y N 334 
TRP OXT  O N N 335 
TRP H    H N N 336 
TRP H2   H N N 337 
TRP HA   H N N 338 
TRP HB2  H N N 339 
TRP HB3  H N N 340 
TRP HD1  H N N 341 
TRP HE1  H N N 342 
TRP HE3  H N N 343 
TRP HZ2  H N N 344 
TRP HZ3  H N N 345 
TRP HH2  H N N 346 
TRP HXT  H N N 347 
TYR N    N N N 348 
TYR CA   C N S 349 
TYR C    C N N 350 
TYR O    O N N 351 
TYR CB   C N N 352 
TYR CG   C Y N 353 
TYR CD1  C Y N 354 
TYR CD2  C Y N 355 
TYR CE1  C Y N 356 
TYR CE2  C Y N 357 
TYR CZ   C Y N 358 
TYR OH   O N N 359 
TYR OXT  O N N 360 
TYR H    H N N 361 
TYR H2   H N N 362 
TYR HA   H N N 363 
TYR HB2  H N N 364 
TYR HB3  H N N 365 
TYR HD1  H N N 366 
TYR HD2  H N N 367 
TYR HE1  H N N 368 
TYR HE2  H N N 369 
TYR HH   H N N 370 
TYR HXT  H N N 371 
VAL N    N N N 372 
VAL CA   C N S 373 
VAL C    C N N 374 
VAL O    O N N 375 
VAL CB   C N N 376 
VAL CG1  C N N 377 
VAL CG2  C N N 378 
VAL OXT  O N N 379 
VAL H    H N N 380 
VAL H2   H N N 381 
VAL HA   H N N 382 
VAL HB   H N N 383 
VAL HG11 H N N 384 
VAL HG12 H N N 385 
VAL HG13 H N N 386 
VAL HG21 H N N 387 
VAL HG22 H N N 388 
VAL HG23 H N N 389 
VAL HXT  H N N 390 
# 
loop_
_chem_comp_bond.comp_id 
_chem_comp_bond.atom_id_1 
_chem_comp_bond.atom_id_2 
_chem_comp_bond.value_order 
_chem_comp_bond.pdbx_aromatic_flag 
_chem_comp_bond.pdbx_stereo_config 
_chem_comp_bond.pdbx_ordinal 
ALA N   CA   sing N N 1   
ALA N   H    sing N N 2   
ALA N   H2   sing N N 3   
ALA CA  C    sing N N 4   
ALA CA  CB   sing N N 5   
ALA CA  HA   sing N N 6   
ALA C   O    doub N N 7   
ALA C   OXT  sing N N 8   
ALA CB  HB1  sing N N 9   
ALA CB  HB2  sing N N 10  
ALA CB  HB3  sing N N 11  
ALA OXT HXT  sing N N 12  
ARG N   CA   sing N N 13  
ARG N   H    sing N N 14  
ARG N   H2   sing N N 15  
ARG CA  C    sing N N 16  
ARG CA  CB   sing N N 17  
ARG CA  HA   sing N N 18  
ARG C   O    doub N N 19  
ARG C   OXT  sing N N 20  
ARG CB  CG   sing N N 21  
ARG CB  HB2  sing N N 22  
ARG CB  HB3  sing N N 23  
ARG CG  CD   sing N N 24  
ARG CG  HG2  sing N N 25  
ARG CG  HG3  sing N N 26  
ARG CD  NE   sing N N 27  
ARG CD  HD2  sing N N 28  
ARG CD  HD3  sing N N 29  
ARG NE  CZ   sing N N 30  
ARG NE  HE   sing N N 31  
ARG CZ  NH1  sing N N 32  
ARG CZ  NH2  doub N N 33  
ARG NH1 HH11 sing N N 34  
ARG NH1 HH12 sing N N 35  
ARG NH2 HH21 sing N N 36  
ARG NH2 HH22 sing N N 37  
ARG OXT HXT  sing N N 38  
ASN N   CA   sing N N 39  
ASN N   H    sing N N 40  
ASN N   H2   sing N N 41  
ASN CA  C    sing N N 42  
ASN CA  CB   sing N N 43  
ASN CA  HA   sing N N 44  
ASN C   O    doub N N 45  
ASN C   OXT  sing N N 46  
ASN CB  CG   sing N N 47  
ASN CB  HB2  sing N N 48  
ASN CB  HB3  sing N N 49  
ASN CG  OD1  doub N N 50  
ASN CG  ND2  sing N N 51  
ASN ND2 HD21 sing N N 52  
ASN ND2 HD22 sing N N 53  
ASN OXT HXT  sing N N 54  
ASP N   CA   sing N N 55  
ASP N   H    sing N N 56  
ASP N   H2   sing N N 57  
ASP CA  C    sing N N 58  
ASP CA  CB   sing N N 59  
ASP CA  HA   sing N N 60  
ASP C   O    doub N N 61  
ASP C   OXT  sing N N 62  
ASP CB  CG   sing N N 63  
ASP CB  HB2  sing N N 64  
ASP CB  HB3  sing N N 65  
ASP CG  OD1  doub N N 66  
ASP CG  OD2  sing N N 67  
ASP OD2 HD2  sing N N 68  
ASP OXT HXT  sing N N 69  
CYS N   CA   sing N N 70  
CYS N   H    sing N N 71  
CYS N   H2   sing N N 72  
CYS CA  C    sing N N 73  
CYS CA  CB   sing N N 74  
CYS CA  HA   sing N N 75  
CYS C   O    doub N N 76  
CYS C   OXT  sing N N 77  
CYS CB  SG   sing N N 78  
CYS CB  HB2  sing N N 79  
CYS CB  HB3  sing N N 80  
CYS SG  HG   sing N N 81  
CYS OXT HXT  sing N N 82  
GLN N   CA   sing N N 83  
GLN N   H    sing N N 84  
GLN N   H2   sing N N 85  
GLN CA  C    sing N N 86  
GLN CA  CB   sing N N 87  
GLN CA  HA   sing N N 88  
GLN C   O    doub N N 89  
GLN C   OXT  sing N N 90  
GLN CB  CG   sing N N 91  
GLN CB  HB2  sing N N 92  
GLN CB  HB3  sing N N 93  
GLN CG  CD   sing N N 94  
GLN CG  HG2  sing N N 95  
GLN CG  HG3  sing N N 96  
GLN CD  OE1  doub N N 97  
GLN CD  NE2  sing N N 98  
GLN NE2 HE21 sing N N 99  
GLN NE2 HE22 sing N N 100 
GLN OXT HXT  sing N N 101 
GLU N   CA   sing N N 102 
GLU N   H    sing N N 103 
GLU N   H2   sing N N 104 
GLU CA  C    sing N N 105 
GLU CA  CB   sing N N 106 
GLU CA  HA   sing N N 107 
GLU C   O    doub N N 108 
GLU C   OXT  sing N N 109 
GLU CB  CG   sing N N 110 
GLU CB  HB2  sing N N 111 
GLU CB  HB3  sing N N 112 
GLU CG  CD   sing N N 113 
GLU CG  HG2  sing N N 114 
GLU CG  HG3  sing N N 115 
GLU CD  OE1  doub N N 116 
GLU CD  OE2  sing N N 117 
GLU OE2 HE2  sing N N 118 
GLU OXT HXT  sing N N 119 
GLY N   CA   sing N N 120 
GLY N   H    sing N N 121 
GLY N   H2   sing N N 122 
GLY CA  C    sing N N 123 
GLY CA  HA2  sing N N 124 
GLY CA  HA3  sing N N 125 
GLY C   O    doub N N 126 
GLY C   OXT  sing N N 127 
GLY OXT HXT  sing N N 128 
HIS N   CA   sing N N 129 
HIS N   H    sing N N 130 
HIS N   H2   sing N N 131 
HIS CA  C    sing N N 132 
HIS CA  CB   sing N N 133 
HIS CA  HA   sing N N 134 
HIS C   O    doub N N 135 
HIS C   OXT  sing N N 136 
HIS CB  CG   sing N N 137 
HIS CB  HB2  sing N N 138 
HIS CB  HB3  sing N N 139 
HIS CG  ND1  sing Y N 140 
HIS CG  CD2  doub Y N 141 
HIS ND1 CE1  doub Y N 142 
HIS ND1 HD1  sing N N 143 
HIS CD2 NE2  sing Y N 144 
HIS CD2 HD2  sing N N 145 
HIS CE1 NE2  sing Y N 146 
HIS CE1 HE1  sing N N 147 
HIS NE2 HE2  sing N N 148 
HIS OXT HXT  sing N N 149 
HOH O   H1   sing N N 150 
HOH O   H2   sing N N 151 
ILE N   CA   sing N N 152 
ILE N   H    sing N N 153 
ILE N   H2   sing N N 154 
ILE CA  C    sing N N 155 
ILE CA  CB   sing N N 156 
ILE CA  HA   sing N N 157 
ILE C   O    doub N N 158 
ILE C   OXT  sing N N 159 
ILE CB  CG1  sing N N 160 
ILE CB  CG2  sing N N 161 
ILE CB  HB   sing N N 162 
ILE CG1 CD1  sing N N 163 
ILE CG1 HG12 sing N N 164 
ILE CG1 HG13 sing N N 165 
ILE CG2 HG21 sing N N 166 
ILE CG2 HG22 sing N N 167 
ILE CG2 HG23 sing N N 168 
ILE CD1 HD11 sing N N 169 
ILE CD1 HD12 sing N N 170 
ILE CD1 HD13 sing N N 171 
ILE OXT HXT  sing N N 172 
LEU N   CA   sing N N 173 
LEU N   H    sing N N 174 
LEU N   H2   sing N N 175 
LEU CA  C    sing N N 176 
LEU CA  CB   sing N N 177 
LEU CA  HA   sing N N 178 
LEU C   O    doub N N 179 
LEU C   OXT  sing N N 180 
LEU CB  CG   sing N N 181 
LEU CB  HB2  sing N N 182 
LEU CB  HB3  sing N N 183 
LEU CG  CD1  sing N N 184 
LEU CG  CD2  sing N N 185 
LEU CG  HG   sing N N 186 
LEU CD1 HD11 sing N N 187 
LEU CD1 HD12 sing N N 188 
LEU CD1 HD13 sing N N 189 
LEU CD2 HD21 sing N N 190 
LEU CD2 HD22 sing N N 191 
LEU CD2 HD23 sing N N 192 
LEU OXT HXT  sing N N 193 
LYS N   CA   sing N N 194 
LYS N   H    sing N N 195 
LYS N   H2   sing N N 196 
LYS CA  C    sing N N 197 
LYS CA  CB   sing N N 198 
LYS CA  HA   sing N N 199 
LYS C   O    doub N N 200 
LYS C   OXT  sing N N 201 
LYS CB  CG   sing N N 202 
LYS CB  HB2  sing N N 203 
LYS CB  HB3  sing N N 204 
LYS CG  CD   sing N N 205 
LYS CG  HG2  sing N N 206 
LYS CG  HG3  sing N N 207 
LYS CD  CE   sing N N 208 
LYS CD  HD2  sing N N 209 
LYS CD  HD3  sing N N 210 
LYS CE  NZ   sing N N 211 
LYS CE  HE2  sing N N 212 
LYS CE  HE3  sing N N 213 
LYS NZ  HZ1  sing N N 214 
LYS NZ  HZ2  sing N N 215 
LYS NZ  HZ3  sing N N 216 
LYS OXT HXT  sing N N 217 
MET N   CA   sing N N 218 
MET N   H    sing N N 219 
MET N   H2   sing N N 220 
MET CA  C    sing N N 221 
MET CA  CB   sing N N 222 
MET CA  HA   sing N N 223 
MET C   O    doub N N 224 
MET C   OXT  sing N N 225 
MET CB  CG   sing N N 226 
MET CB  HB2  sing N N 227 
MET CB  HB3  sing N N 228 
MET CG  SD   sing N N 229 
MET CG  HG2  sing N N 230 
MET CG  HG3  sing N N 231 
MET SD  CE   sing N N 232 
MET CE  HE1  sing N N 233 
MET CE  HE2  sing N N 234 
MET CE  HE3  sing N N 235 
MET OXT HXT  sing N N 236 
PHE N   CA   sing N N 237 
PHE N   H    sing N N 238 
PHE N   H2   sing N N 239 
PHE CA  C    sing N N 240 
PHE CA  CB   sing N N 241 
PHE CA  HA   sing N N 242 
PHE C   O    doub N N 243 
PHE C   OXT  sing N N 244 
PHE CB  CG   sing N N 245 
PHE CB  HB2  sing N N 246 
PHE CB  HB3  sing N N 247 
PHE CG  CD1  doub Y N 248 
PHE CG  CD2  sing Y N 249 
PHE CD1 CE1  sing Y N 250 
PHE CD1 HD1  sing N N 251 
PHE CD2 CE2  doub Y N 252 
PHE CD2 HD2  sing N N 253 
PHE CE1 CZ   doub Y N 254 
PHE CE1 HE1  sing N N 255 
PHE CE2 CZ   sing Y N 256 
PHE CE2 HE2  sing N N 257 
PHE CZ  HZ   sing N N 258 
PHE OXT HXT  sing N N 259 
PRO N   CA   sing N N 260 
PRO N   CD   sing N N 261 
PRO N   H    sing N N 262 
PRO CA  C    sing N N 263 
PRO CA  CB   sing N N 264 
PRO CA  HA   sing N N 265 
PRO C   O    doub N N 266 
PRO C   OXT  sing N N 267 
PRO CB  CG   sing N N 268 
PRO CB  HB2  sing N N 269 
PRO CB  HB3  sing N N 270 
PRO CG  CD   sing N N 271 
PRO CG  HG2  sing N N 272 
PRO CG  HG3  sing N N 273 
PRO CD  HD2  sing N N 274 
PRO CD  HD3  sing N N 275 
PRO OXT HXT  sing N N 276 
SER N   CA   sing N N 277 
SER N   H    sing N N 278 
SER N   H2   sing N N 279 
SER CA  C    sing N N 280 
SER CA  CB   sing N N 281 
SER CA  HA   sing N N 282 
SER C   O    doub N N 283 
SER C   OXT  sing N N 284 
SER CB  OG   sing N N 285 
SER CB  HB2  sing N N 286 
SER CB  HB3  sing N N 287 
SER OG  HG   sing N N 288 
SER OXT HXT  sing N N 289 
THR N   CA   sing N N 290 
THR N   H    sing N N 291 
THR N   H2   sing N N 292 
THR CA  C    sing N N 293 
THR CA  CB   sing N N 294 
THR CA  HA   sing N N 295 
THR C   O    doub N N 296 
THR C   OXT  sing N N 297 
THR CB  OG1  sing N N 298 
THR CB  CG2  sing N N 299 
THR CB  HB   sing N N 300 
THR OG1 HG1  sing N N 301 
THR CG2 HG21 sing N N 302 
THR CG2 HG22 sing N N 303 
THR CG2 HG23 sing N N 304 
THR OXT HXT  sing N N 305 
TRP N   CA   sing N N 306 
TRP N   H    sing N N 307 
TRP N   H2   sing N N 308 
TRP CA  C    sing N N 309 
TRP CA  CB   sing N N 310 
TRP CA  HA   sing N N 311 
TRP C   O    doub N N 312 
TRP C   OXT  sing N N 313 
TRP CB  CG   sing N N 314 
TRP CB  HB2  sing N N 315 
TRP CB  HB3  sing N N 316 
TRP CG  CD1  doub Y N 317 
TRP CG  CD2  sing Y N 318 
TRP CD1 NE1  sing Y N 319 
TRP CD1 HD1  sing N N 320 
TRP CD2 CE2  doub Y N 321 
TRP CD2 CE3  sing Y N 322 
TRP NE1 CE2  sing Y N 323 
TRP NE1 HE1  sing N N 324 
TRP CE2 CZ2  sing Y N 325 
TRP CE3 CZ3  doub Y N 326 
TRP CE3 HE3  sing N N 327 
TRP CZ2 CH2  doub Y N 328 
TRP CZ2 HZ2  sing N N 329 
TRP CZ3 CH2  sing Y N 330 
TRP CZ3 HZ3  sing N N 331 
TRP CH2 HH2  sing N N 332 
TRP OXT HXT  sing N N 333 
TYR N   CA   sing N N 334 
TYR N   H    sing N N 335 
TYR N   H2   sing N N 336 
TYR CA  C    sing N N 337 
TYR CA  CB   sing N N 338 
TYR CA  HA   sing N N 339 
TYR C   O    doub N N 340 
TYR C   OXT  sing N N 341 
TYR CB  CG   sing N N 342 
TYR CB  HB2  sing N N 343 
TYR CB  HB3  sing N N 344 
TYR CG  CD1  doub Y N 345 
TYR CG  CD2  sing Y N 346 
TYR CD1 CE1  sing Y N 347 
TYR CD1 HD1  sing N N 348 
TYR CD2 CE2  doub Y N 349 
TYR CD2 HD2  sing N N 350 
TYR CE1 CZ   doub Y N 351 
TYR CE1 HE1  sing N N 352 
TYR CE2 CZ   sing Y N 353 
TYR CE2 HE2  sing N N 354 
TYR CZ  OH   sing N N 355 
TYR OH  HH   sing N N 356 
TYR OXT HXT  sing N N 357 
VAL N   CA   sing N N 358 
VAL N   H    sing N N 359 
VAL N   H2   sing N N 360 
VAL CA  C    sing N N 361 
VAL CA  CB   sing N N 362 
VAL CA  HA   sing N N 363 
VAL C   O    doub N N 364 
VAL C   OXT  sing N N 365 
VAL CB  CG1  sing N N 366 
VAL CB  CG2  sing N N 367 
VAL CB  HB   sing N N 368 
VAL CG1 HG11 sing N N 369 
VAL CG1 HG12 sing N N 370 
VAL CG1 HG13 sing N N 371 
VAL CG2 HG21 sing N N 372 
VAL CG2 HG22 sing N N 373 
VAL CG2 HG23 sing N N 374 
VAL OXT HXT  sing N N 375 
# 
_atom_sites.entry_id                    1PBV 
_atom_sites.fract_transf_matrix[1][1]   -0.00274176 
_atom_sites.fract_transf_matrix[1][2]   0.00976684 
_atom_sites.fract_transf_matrix[1][3]   -0.00460340 
_atom_sites.fract_transf_matrix[2][1]   0.00480870 
_atom_sites.fract_transf_matrix[2][2]   -0.00314793 
_atom_sites.fract_transf_matrix[2][3]   -0.00954288 
_atom_sites.fract_transf_matrix[3][1]   -0.00966741 
_atom_sites.fract_transf_matrix[3][2]   -0.00433578 
_atom_sites.fract_transf_matrix[3][3]   -0.00344120 
_atom_sites.fract_transf_vector[1]      0.388206 
_atom_sites.fract_transf_vector[2]      0.674888 
_atom_sites.fract_transf_vector[3]      0.472706 
# 
loop_
_atom_type.symbol 
C 
N 
O 
S 
# 
loop_
_atom_site.group_PDB 
_atom_site.id 
_atom_site.type_symbol 
_atom_site.label_atom_id 
_atom_site.label_alt_id 
_atom_site.label_comp_id 
_atom_site.label_asym_id 
_atom_site.label_entity_id 
_atom_site.label_seq_id 
_atom_site.pdbx_PDB_ins_code 
_atom_site.Cartn_x 
_atom_site.Cartn_y 
_atom_site.Cartn_z 
_atom_site.occupancy 
_atom_site.B_iso_or_equiv 
_atom_site.pdbx_formal_charge 
_atom_site.auth_seq_id 
_atom_site.auth_comp_id 
_atom_site.auth_asym_id 
_atom_site.auth_atom_id 
_atom_site.pdbx_PDB_model_num 
ATOM   1    N N   . ALA A 1 1   ? 10.074  25.716  -30.221 1.00 72.64 ? 52  ALA A N   1 
ATOM   2    C CA  . ALA A 1 1   ? 8.755   26.263  -30.496 1.00 72.35 ? 52  ALA A CA  1 
ATOM   3    C C   . ALA A 1 1   ? 8.522   27.444  -29.544 1.00 71.82 ? 52  ALA A C   1 
ATOM   4    O O   . ALA A 1 1   ? 9.480   28.196  -29.317 1.00 73.64 ? 52  ALA A O   1 
ATOM   5    C CB  . ALA A 1 1   ? 7.746   25.155  -30.255 1.00 72.98 ? 52  ALA A CB  1 
ATOM   6    N N   . ASN A 1 2   ? 7.355   27.710  -28.946 1.00 69.45 ? 53  ASN A N   1 
ATOM   7    C CA  . ASN A 1 2   ? 7.267   28.827  -28.015 1.00 67.90 ? 53  ASN A CA  1 
ATOM   8    C C   . ASN A 1 2   ? 6.764   28.390  -26.642 1.00 65.97 ? 53  ASN A C   1 
ATOM   9    O O   . ASN A 1 2   ? 5.962   27.458  -26.544 1.00 64.98 ? 53  ASN A O   1 
ATOM   10   C CB  . ASN A 1 2   ? 6.423   29.967  -28.593 1.00 69.15 ? 53  ASN A CB  1 
ATOM   11   C CG  . ASN A 1 2   ? 6.652   31.263  -27.835 1.00 70.77 ? 53  ASN A CG  1 
ATOM   12   O OD1 . ASN A 1 2   ? 6.027   31.519  -26.806 1.00 70.87 ? 53  ASN A OD1 1 
ATOM   13   N ND2 . ASN A 1 2   ? 7.605   32.081  -28.268 1.00 68.70 ? 53  ASN A ND2 1 
ATOM   14   N N   . GLU A 1 3   ? 7.216   29.063  -25.575 1.00 64.50 ? 54  GLU A N   1 
ATOM   15   C CA  . GLU A 1 3   ? 7.029   28.650  -24.184 1.00 62.53 ? 54  GLU A CA  1 
ATOM   16   C C   . GLU A 1 3   ? 5.590   28.514  -23.702 1.00 58.61 ? 54  GLU A C   1 
ATOM   17   O O   . GLU A 1 3   ? 5.253   27.488  -23.096 1.00 59.02 ? 54  GLU A O   1 
ATOM   18   C CB  . GLU A 1 3   ? 7.706   29.627  -23.226 1.00 69.76 ? 54  GLU A CB  1 
ATOM   19   C CG  . GLU A 1 3   ? 9.203   29.861  -23.370 1.00 79.22 ? 54  GLU A CG  1 
ATOM   20   C CD  . GLU A 1 3   ? 9.708   30.921  -22.393 1.00 86.97 ? 54  GLU A CD  1 
ATOM   21   O OE1 . GLU A 1 3   ? 9.576   32.116  -22.680 1.00 87.29 ? 54  GLU A OE1 1 
ATOM   22   O OE2 . GLU A 1 3   ? 10.230  30.545  -21.342 1.00 91.21 ? 54  GLU A OE2 1 
ATOM   23   N N   . GLY A 1 4   ? 4.733   29.520  -23.941 1.00 53.15 ? 55  GLY A N   1 
ATOM   24   C CA  . GLY A 1 4   ? 3.352   29.510  -23.470 1.00 47.53 ? 55  GLY A CA  1 
ATOM   25   C C   . GLY A 1 4   ? 2.552   28.382  -24.118 1.00 44.06 ? 55  GLY A C   1 
ATOM   26   O O   . GLY A 1 4   ? 1.948   27.553  -23.429 1.00 43.55 ? 55  GLY A O   1 
ATOM   27   N N   . SER A 1 5   ? 2.613   28.317  -25.451 1.00 40.98 ? 56  SER A N   1 
ATOM   28   C CA  . SER A 1 5   ? 2.035   27.250  -26.259 1.00 36.90 ? 56  SER A CA  1 
ATOM   29   C C   . SER A 1 5   ? 2.491   25.866  -25.803 1.00 32.09 ? 56  SER A C   1 
ATOM   30   O O   . SER A 1 5   ? 1.668   24.977  -25.570 1.00 28.77 ? 56  SER A O   1 
ATOM   31   C CB  . SER A 1 5   ? 2.453   27.439  -27.721 1.00 38.89 ? 56  SER A CB  1 
ATOM   32   O OG  . SER A 1 5   ? 2.661   28.809  -28.075 1.00 51.50 ? 56  SER A OG  1 
ATOM   33   N N   . LYS A 1 6   ? 3.810   25.699  -25.627 1.00 30.57 ? 57  LYS A N   1 
ATOM   34   C CA  . LYS A 1 6   ? 4.402   24.429  -25.232 1.00 29.90 ? 57  LYS A CA  1 
ATOM   35   C C   . LYS A 1 6   ? 3.863   24.001  -23.871 1.00 25.82 ? 57  LYS A C   1 
ATOM   36   O O   . LYS A 1 6   ? 3.441   22.860  -23.716 1.00 23.04 ? 57  LYS A O   1 
ATOM   37   C CB  . LYS A 1 6   ? 5.939   24.510  -25.202 1.00 38.59 ? 57  LYS A CB  1 
ATOM   38   C CG  . LYS A 1 6   ? 6.623   23.141  -25.031 1.00 52.17 ? 57  LYS A CG  1 
ATOM   39   C CD  . LYS A 1 6   ? 8.089   23.183  -24.566 1.00 58.33 ? 57  LYS A CD  1 
ATOM   40   C CE  . LYS A 1 6   ? 9.059   23.671  -25.636 1.00 64.28 ? 57  LYS A CE  1 
ATOM   41   N NZ  . LYS A 1 6   ? 10.419  23.685  -25.125 1.00 68.07 ? 57  LYS A NZ  1 
ATOM   42   N N   . THR A 1 7   ? 3.794   24.921  -22.906 1.00 22.84 ? 58  THR A N   1 
ATOM   43   C CA  . THR A 1 7   ? 3.262   24.631  -21.589 1.00 21.23 ? 58  THR A CA  1 
ATOM   44   C C   . THR A 1 7   ? 1.802   24.201  -21.677 1.00 20.44 ? 58  THR A C   1 
ATOM   45   O O   . THR A 1 7   ? 1.425   23.173  -21.101 1.00 20.16 ? 58  THR A O   1 
ATOM   46   C CB  . THR A 1 7   ? 3.444   25.862  -20.668 1.00 22.22 ? 58  THR A CB  1 
ATOM   47   O OG1 . THR A 1 7   ? 4.856   26.053  -20.568 1.00 28.44 ? 58  THR A OG1 1 
ATOM   48   C CG2 . THR A 1 7   ? 2.788   25.713  -19.294 1.00 20.45 ? 58  THR A CG2 1 
ATOM   49   N N   . LEU A 1 8   ? 0.965   24.918  -22.426 1.00 17.05 ? 59  LEU A N   1 
ATOM   50   C CA  . LEU A 1 8   ? -0.437  24.565  -22.503 1.00 16.30 ? 59  LEU A CA  1 
ATOM   51   C C   . LEU A 1 8   ? -0.648  23.236  -23.198 1.00 14.86 ? 59  LEU A C   1 
ATOM   52   O O   . LEU A 1 8   ? -1.489  22.443  -22.767 1.00 15.09 ? 59  LEU A O   1 
ATOM   53   C CB  . LEU A 1 8   ? -1.234  25.649  -23.188 1.00 18.49 ? 59  LEU A CB  1 
ATOM   54   C CG  . LEU A 1 8   ? -1.316  26.928  -22.393 1.00 17.66 ? 59  LEU A CG  1 
ATOM   55   C CD1 . LEU A 1 8   ? -1.876  28.022  -23.260 1.00 21.43 ? 59  LEU A CD1 1 
ATOM   56   C CD2 . LEU A 1 8   ? -2.149  26.733  -21.138 1.00 21.16 ? 59  LEU A CD2 1 
ATOM   57   N N   . GLN A 1 9   ? 0.133   22.945  -24.238 1.00 14.13 ? 60  GLN A N   1 
ATOM   58   C CA  . GLN A 1 9   ? 0.056   21.662  -24.909 1.00 13.52 ? 60  GLN A CA  1 
ATOM   59   C C   . GLN A 1 9   ? 0.485   20.542  -23.958 1.00 14.22 ? 60  GLN A C   1 
ATOM   60   O O   . GLN A 1 9   ? -0.194  19.522  -23.843 1.00 14.40 ? 60  GLN A O   1 
ATOM   61   C CB  . GLN A 1 9   ? 0.918   21.653  -26.153 1.00 10.43 ? 60  GLN A CB  1 
ATOM   62   C CG  . GLN A 1 9   ? 0.438   20.515  -27.036 1.00 17.09 ? 60  GLN A CG  1 
ATOM   63   C CD  . GLN A 1 9   ? 1.447   20.106  -28.089 1.00 19.31 ? 60  GLN A CD  1 
ATOM   64   O OE1 . GLN A 1 9   ? 2.628   19.953  -27.787 1.00 24.92 ? 60  GLN A OE1 1 
ATOM   65   N NE2 . GLN A 1 9   ? 1.055   19.933  -29.341 1.00 14.24 ? 60  GLN A NE2 1 
ATOM   66   N N   . ARG A 1 10  ? 1.573   20.755  -23.213 1.00 14.91 ? 61  ARG A N   1 
ATOM   67   C CA  . ARG A 1 10  ? 2.059   19.816  -22.224 1.00 14.79 ? 61  ARG A CA  1 
ATOM   68   C C   . ARG A 1 10  ? 1.039   19.544  -21.152 1.00 14.05 ? 61  ARG A C   1 
ATOM   69   O O   . ARG A 1 10  ? 0.818   18.384  -20.805 1.00 14.71 ? 61  ARG A O   1 
ATOM   70   C CB  . ARG A 1 10  ? 3.340   20.288  -21.563 1.00 17.14 ? 61  ARG A CB  1 
ATOM   71   C CG  . ARG A 1 10  ? 4.560   19.939  -22.405 1.00 34.05 ? 61  ARG A CG  1 
ATOM   72   C CD  . ARG A 1 10  ? 5.839   20.338  -21.661 1.00 49.00 ? 61  ARG A CD  1 
ATOM   73   N NE  . ARG A 1 10  ? 6.994   19.591  -22.149 1.00 62.09 ? 61  ARG A NE  1 
ATOM   74   C CZ  . ARG A 1 10  ? 7.636   18.670  -21.406 1.00 66.00 ? 61  ARG A CZ  1 
ATOM   75   N NH1 . ARG A 1 10  ? 7.304   18.411  -20.134 1.00 65.22 ? 61  ARG A NH1 1 
ATOM   76   N NH2 . ARG A 1 10  ? 8.631   17.973  -21.956 1.00 67.57 ? 61  ARG A NH2 1 
ATOM   77   N N   . ASN A 1 11  ? 0.363   20.564  -20.625 1.00 12.30 ? 62  ASN A N   1 
ATOM   78   C CA  . ASN A 1 11  ? -0.640  20.341  -19.594 1.00 11.12 ? 62  ASN A CA  1 
ATOM   79   C C   . ASN A 1 11  ? -1.811  19.515  -20.081 1.00 9.86  ? 62  ASN A C   1 
ATOM   80   O O   . ASN A 1 11  ? -2.285  18.652  -19.336 1.00 10.47 ? 62  ASN A O   1 
ATOM   81   C CB  . ASN A 1 11  ? -1.166  21.631  -18.992 1.00 14.17 ? 62  ASN A CB  1 
ATOM   82   C CG  . ASN A 1 11  ? -0.140  22.459  -18.228 1.00 21.10 ? 62  ASN A CG  1 
ATOM   83   O OD1 . ASN A 1 11  ? -0.390  23.628  -17.948 1.00 24.58 ? 62  ASN A OD1 1 
ATOM   84   N ND2 . ASN A 1 11  ? 1.042   21.994  -17.843 1.00 21.92 ? 62  ASN A ND2 1 
ATOM   85   N N   . ARG A 1 12  ? -2.264  19.709  -21.323 1.00 10.00 ? 63  ARG A N   1 
ATOM   86   C CA  . ARG A 1 12  ? -3.363  18.917  -21.851 1.00 10.14 ? 63  ARG A CA  1 
ATOM   87   C C   . ARG A 1 12  ? -2.929  17.495  -22.171 1.00 10.19 ? 63  ARG A C   1 
ATOM   88   O O   . ARG A 1 12  ? -3.702  16.559  -21.956 1.00 11.05 ? 63  ARG A O   1 
ATOM   89   C CB  . ARG A 1 12  ? -3.980  19.556  -23.094 1.00 9.70  ? 63  ARG A CB  1 
ATOM   90   C CG  . ARG A 1 12  ? -5.208  18.819  -23.668 1.00 7.99  ? 63  ARG A CG  1 
ATOM   91   C CD  . ARG A 1 12  ? -6.346  18.658  -22.672 1.00 11.18 ? 63  ARG A CD  1 
ATOM   92   N NE  . ARG A 1 12  ? -6.810  19.944  -22.186 1.00 16.62 ? 63  ARG A NE  1 
ATOM   93   C CZ  . ARG A 1 12  ? -7.840  20.611  -22.719 1.00 14.94 ? 63  ARG A CZ  1 
ATOM   94   N NH1 . ARG A 1 12  ? -8.590  20.110  -23.694 1.00 15.31 ? 63  ARG A NH1 1 
ATOM   95   N NH2 . ARG A 1 12  ? -8.114  21.830  -22.268 1.00 17.42 ? 63  ARG A NH2 1 
ATOM   96   N N   . LYS A 1 13  ? -1.711  17.292  -22.682 1.00 9.26  ? 64  LYS A N   1 
ATOM   97   C CA  . LYS A 1 13  ? -1.209  15.947  -22.907 1.00 8.37  ? 64  LYS A CA  1 
ATOM   98   C C   . LYS A 1 13  ? -1.048  15.181  -21.598 1.00 9.84  ? 64  LYS A C   1 
ATOM   99   O O   . LYS A 1 13  ? -1.301  13.976  -21.532 1.00 10.07 ? 64  LYS A O   1 
ATOM   100  C CB  . LYS A 1 13  ? 0.114   15.980  -23.647 1.00 9.34  ? 64  LYS A CB  1 
ATOM   101  C CG  . LYS A 1 13  ? -0.010  16.282  -25.130 1.00 15.92 ? 64  LYS A CG  1 
ATOM   102  C CD  . LYS A 1 13  ? 1.320   15.941  -25.772 1.00 17.63 ? 64  LYS A CD  1 
ATOM   103  C CE  . LYS A 1 13  ? 1.196   16.016  -27.272 1.00 32.37 ? 64  LYS A CE  1 
ATOM   104  N NZ  . LYS A 1 13  ? 2.443   15.611  -27.881 1.00 42.19 ? 64  LYS A NZ  1 
ATOM   105  N N   . MET A 1 14  ? -0.662  15.882  -20.538 1.00 9.23  ? 65  MET A N   1 
ATOM   106  C CA  . MET A 1 14  ? -0.618  15.324  -19.193 1.00 11.39 ? 65  MET A CA  1 
ATOM   107  C C   . MET A 1 14  ? -2.000  14.878  -18.739 1.00 11.60 ? 65  MET A C   1 
ATOM   108  O O   . MET A 1 14  ? -2.178  13.742  -18.276 1.00 12.05 ? 65  MET A O   1 
ATOM   109  C CB  . MET A 1 14  ? -0.040  16.370  -18.236 1.00 14.49 ? 65  MET A CB  1 
ATOM   110  C CG  . MET A 1 14  ? 0.125   15.925  -16.800 1.00 20.29 ? 65  MET A CG  1 
ATOM   111  S SD  . MET A 1 14  ? 1.255   14.526  -16.629 1.00 29.68 ? 65  MET A SD  1 
ATOM   112  C CE  . MET A 1 14  ? 2.792   15.365  -16.862 1.00 26.23 ? 65  MET A CE  1 
ATOM   113  N N   . ALA A 1 15  ? -3.009  15.736  -18.896 1.00 8.67  ? 66  ALA A N   1 
ATOM   114  C CA  . ALA A 1 15  ? -4.384  15.346  -18.624 1.00 7.90  ? 66  ALA A CA  1 
ATOM   115  C C   . ALA A 1 15  ? -4.825  14.137  -19.455 1.00 9.25  ? 66  ALA A C   1 
ATOM   116  O O   . ALA A 1 15  ? -5.498  13.236  -18.938 1.00 8.51  ? 66  ALA A O   1 
ATOM   117  C CB  . ALA A 1 15  ? -5.320  16.510  -18.925 1.00 8.30  ? 66  ALA A CB  1 
ATOM   118  N N   . MET A 1 16  ? -4.449  14.060  -20.732 1.00 9.20  ? 67  MET A N   1 
ATOM   119  C CA  . MET A 1 16  ? -4.713  12.902  -21.567 1.00 8.10  ? 67  MET A CA  1 
ATOM   120  C C   . MET A 1 16  ? -4.010  11.651  -21.062 1.00 7.29  ? 67  MET A C   1 
ATOM   121  O O   . MET A 1 16  ? -4.652  10.603  -20.972 1.00 8.77  ? 67  MET A O   1 
ATOM   122  C CB  . MET A 1 16  ? -4.314  13.187  -23.001 1.00 11.05 ? 67  MET A CB  1 
ATOM   123  C CG  . MET A 1 16  ? -5.252  14.217  -23.631 1.00 11.42 ? 67  MET A CG  1 
ATOM   124  S SD  . MET A 1 16  ? -4.634  14.828  -25.219 1.00 14.59 ? 67  MET A SD  1 
ATOM   125  C CE  . MET A 1 16  ? -5.020  13.438  -26.239 1.00 10.01 ? 67  MET A CE  1 
ATOM   126  N N   . GLY A 1 17  ? -2.737  11.732  -20.671 1.00 8.60  ? 68  GLY A N   1 
ATOM   127  C CA  . GLY A 1 17  ? -1.992  10.615  -20.121 1.00 9.90  ? 68  GLY A CA  1 
ATOM   128  C C   . GLY A 1 17  ? -2.627  10.027  -18.868 1.00 9.47  ? 68  GLY A C   1 
ATOM   129  O O   . GLY A 1 17  ? -2.678  8.803   -18.733 1.00 10.16 ? 68  GLY A O   1 
ATOM   130  N N   . ARG A 1 18  ? -3.127  10.855  -17.946 1.00 9.72  ? 69  ARG A N   1 
ATOM   131  C CA  . ARG A 1 18  ? -3.926  10.404  -16.805 1.00 10.28 ? 69  ARG A CA  1 
ATOM   132  C C   . ARG A 1 18  ? -5.169  9.594   -17.172 1.00 12.30 ? 69  ARG A C   1 
ATOM   133  O O   . ARG A 1 18  ? -5.443  8.537   -16.590 1.00 12.99 ? 69  ARG A O   1 
ATOM   134  C CB  . ARG A 1 18  ? -4.368  11.594  -15.974 1.00 7.04  ? 69  ARG A CB  1 
ATOM   135  C CG  . ARG A 1 18  ? -3.181  12.260  -15.358 1.00 10.99 ? 69  ARG A CG  1 
ATOM   136  C CD  . ARG A 1 18  ? -3.713  13.438  -14.609 1.00 19.53 ? 69  ARG A CD  1 
ATOM   137  N NE  . ARG A 1 18  ? -2.611  14.165  -14.014 1.00 29.74 ? 69  ARG A NE  1 
ATOM   138  C CZ  . ARG A 1 18  ? -2.506  15.493  -14.095 1.00 40.37 ? 69  ARG A CZ  1 
ATOM   139  N NH1 . ARG A 1 18  ? -3.316  16.257  -14.844 1.00 36.93 ? 69  ARG A NH1 1 
ATOM   140  N NH2 . ARG A 1 18  ? -1.568  16.078  -13.361 1.00 45.19 ? 69  ARG A NH2 1 
ATOM   141  N N   . LYS A 1 19  ? -5.935  10.047  -18.170 1.00 11.39 ? 70  LYS A N   1 
ATOM   142  C CA  . LYS A 1 19  ? -7.119  9.338   -18.626 1.00 9.44  ? 70  LYS A CA  1 
ATOM   143  C C   . LYS A 1 19  ? -6.713  8.010   -19.229 1.00 10.16 ? 70  LYS A C   1 
ATOM   144  O O   . LYS A 1 19  ? -7.314  6.973   -18.947 1.00 12.08 ? 70  LYS A O   1 
ATOM   145  C CB  . LYS A 1 19  ? -7.877  10.147  -19.676 1.00 11.59 ? 70  LYS A CB  1 
ATOM   146  C CG  . LYS A 1 19  ? -8.515  11.415  -19.123 1.00 22.88 ? 70  LYS A CG  1 
ATOM   147  C CD  . LYS A 1 19  ? -9.225  12.149  -20.252 1.00 31.07 ? 70  LYS A CD  1 
ATOM   148  C CE  . LYS A 1 19  ? -9.854  13.449  -19.775 1.00 40.35 ? 70  LYS A CE  1 
ATOM   149  N NZ  . LYS A 1 19  ? -10.545 14.079  -20.885 1.00 42.60 ? 70  LYS A NZ  1 
ATOM   150  N N   . LYS A 1 20  ? -5.655  8.031   -20.047 1.00 9.30  ? 71  LYS A N   1 
ATOM   151  C CA  . LYS A 1 20  ? -5.113  6.821   -20.638 1.00 8.49  ? 71  LYS A CA  1 
ATOM   152  C C   . LYS A 1 20  ? -4.685  5.805   -19.596 1.00 10.73 ? 71  LYS A C   1 
ATOM   153  O O   . LYS A 1 20  ? -5.008  4.620   -19.741 1.00 11.55 ? 71  LYS A O   1 
ATOM   154  C CB  . LYS A 1 20  ? -3.921  7.128   -21.530 1.00 6.41  ? 71  LYS A CB  1 
ATOM   155  C CG  . LYS A 1 20  ? -4.330  7.887   -22.770 1.00 6.31  ? 71  LYS A CG  1 
ATOM   156  C CD  . LYS A 1 20  ? -3.109  8.279   -23.554 1.00 11.28 ? 71  LYS A CD  1 
ATOM   157  C CE  . LYS A 1 20  ? -3.462  9.314   -24.620 1.00 13.24 ? 71  LYS A CE  1 
ATOM   158  N NZ  . LYS A 1 20  ? -3.713  8.707   -25.909 1.00 9.24  ? 71  LYS A NZ  1 
ATOM   159  N N   . PHE A 1 21  ? -3.971  6.278   -18.561 1.00 10.92 ? 72  PHE A N   1 
ATOM   160  C CA  . PHE A 1 21  ? -3.504  5.465   -17.442 1.00 9.43  ? 72  PHE A CA  1 
ATOM   161  C C   . PHE A 1 21  ? -4.705  4.788   -16.793 1.00 9.80  ? 72  PHE A C   1 
ATOM   162  O O   . PHE A 1 21  ? -4.697  3.590   -16.523 1.00 10.72 ? 72  PHE A O   1 
ATOM   163  C CB  . PHE A 1 21  ? -2.765  6.349   -16.415 1.00 7.47  ? 72  PHE A CB  1 
ATOM   164  C CG  . PHE A 1 21  ? -2.242  5.597   -15.193 1.00 10.70 ? 72  PHE A CG  1 
ATOM   165  C CD1 . PHE A 1 21  ? -0.994  5.007   -15.228 1.00 11.33 ? 72  PHE A CD1 1 
ATOM   166  C CD2 . PHE A 1 21  ? -3.032  5.460   -14.059 1.00 11.39 ? 72  PHE A CD2 1 
ATOM   167  C CE1 . PHE A 1 21  ? -0.566  4.232   -14.167 1.00 6.65  ? 72  PHE A CE1 1 
ATOM   168  C CE2 . PHE A 1 21  ? -2.590  4.695   -12.996 1.00 8.44  ? 72  PHE A CE2 1 
ATOM   169  C CZ  . PHE A 1 21  ? -1.369  4.066   -13.062 1.00 9.70  ? 72  PHE A CZ  1 
ATOM   170  N N   . ASN A 1 22  ? -5.753  5.568   -16.568 1.00 8.47  ? 73  ASN A N   1 
ATOM   171  C CA  . ASN A 1 22  ? -6.941  5.082   -15.917 1.00 10.75 ? 73  ASN A CA  1 
ATOM   172  C C   . ASN A 1 22  ? -7.672  4.041   -16.722 1.00 12.32 ? 73  ASN A C   1 
ATOM   173  O O   . ASN A 1 22  ? -8.406  3.262   -16.126 1.00 14.49 ? 73  ASN A O   1 
ATOM   174  C CB  . ASN A 1 22  ? -7.875  6.230   -15.563 1.00 15.11 ? 73  ASN A CB  1 
ATOM   175  C CG  . ASN A 1 22  ? -7.302  7.104   -14.461 1.00 14.38 ? 73  ASN A CG  1 
ATOM   176  O OD1 . ASN A 1 22  ? -6.493  6.670   -13.633 1.00 12.40 ? 73  ASN A OD1 1 
ATOM   177  N ND2 . ASN A 1 22  ? -7.698  8.360   -14.399 1.00 15.22 ? 73  ASN A ND2 1 
ATOM   178  N N   . MET A 1 23  ? -7.528  4.006   -18.042 1.00 12.00 ? 74  MET A N   1 
ATOM   179  C CA  . MET A 1 23  ? -8.100  2.927   -18.832 1.00 11.39 ? 74  MET A CA  1 
ATOM   180  C C   . MET A 1 23  ? -7.175  1.725   -18.864 1.00 11.86 ? 74  MET A C   1 
ATOM   181  O O   . MET A 1 23  ? -7.609  0.570   -18.821 1.00 12.54 ? 74  MET A O   1 
ATOM   182  C CB  . MET A 1 23  ? -8.393  3.403   -20.257 1.00 11.40 ? 74  MET A CB  1 
ATOM   183  C CG  . MET A 1 23  ? -9.524  4.418   -20.274 1.00 12.54 ? 74  MET A CG  1 
ATOM   184  S SD  . MET A 1 23  ? -9.845  5.090   -21.918 1.00 19.59 ? 74  MET A SD  1 
ATOM   185  C CE  . MET A 1 23  ? -8.999  6.629   -21.810 1.00 20.75 ? 74  MET A CE  1 
ATOM   186  N N   . ASP A 1 24  ? -5.871  1.981   -18.917 1.00 11.09 ? 75  ASP A N   1 
ATOM   187  C CA  . ASP A 1 24  ? -4.888  0.924   -18.989 1.00 10.22 ? 75  ASP A CA  1 
ATOM   188  C C   . ASP A 1 24  ? -3.571  1.516   -18.523 1.00 10.44 ? 75  ASP A C   1 
ATOM   189  O O   . ASP A 1 24  ? -2.913  2.253   -19.275 1.00 12.10 ? 75  ASP A O   1 
ATOM   190  C CB  . ASP A 1 24  ? -4.718  0.391   -20.406 1.00 11.74 ? 75  ASP A CB  1 
ATOM   191  C CG  . ASP A 1 24  ? -3.806  -0.826  -20.447 1.00 17.06 ? 75  ASP A CG  1 
ATOM   192  O OD1 . ASP A 1 24  ? -4.243  -1.908  -20.087 1.00 27.34 ? 75  ASP A OD1 1 
ATOM   193  O OD2 . ASP A 1 24  ? -2.655  -0.688  -20.835 1.00 19.80 ? 75  ASP A OD2 1 
ATOM   194  N N   . PRO A 1 25  ? -3.124  1.186   -17.309 1.00 9.26  ? 76  PRO A N   1 
ATOM   195  C CA  . PRO A 1 25  ? -1.931  1.739   -16.688 1.00 10.50 ? 76  PRO A CA  1 
ATOM   196  C C   . PRO A 1 25  ? -0.687  1.738   -17.556 1.00 10.61 ? 76  PRO A C   1 
ATOM   197  O O   . PRO A 1 25  ? -0.064  2.794   -17.717 1.00 12.35 ? 76  PRO A O   1 
ATOM   198  C CB  . PRO A 1 25  ? -1.760  0.872   -15.468 1.00 10.50 ? 76  PRO A CB  1 
ATOM   199  C CG  . PRO A 1 25  ? -3.176  0.626   -15.056 1.00 10.37 ? 76  PRO A CG  1 
ATOM   200  C CD  . PRO A 1 25  ? -3.841  0.322   -16.380 1.00 6.77  ? 76  PRO A CD  1 
ATOM   201  N N   . LYS A 1 26  ? -0.328  0.597   -18.160 1.00 9.76  ? 77  LYS A N   1 
ATOM   202  C CA  . LYS A 1 26  ? 0.855   0.528   -19.000 1.00 12.38 ? 77  LYS A CA  1 
ATOM   203  C C   . LYS A 1 26  ? 0.807   1.430   -20.211 1.00 14.15 ? 77  LYS A C   1 
ATOM   204  O O   . LYS A 1 26  ? 1.821   2.041   -20.542 1.00 13.21 ? 77  LYS A O   1 
ATOM   205  C CB  . LYS A 1 26  ? 1.242   -0.896  -19.398 1.00 12.85 ? 77  LYS A CB  1 
ATOM   206  C CG  . LYS A 1 26  ? 1.816   -1.575  -18.164 1.00 19.23 ? 77  LYS A CG  1 
ATOM   207  C CD  . LYS A 1 26  ? 2.607   -2.846  -18.415 1.00 28.91 ? 77  LYS A CD  1 
ATOM   208  C CE  . LYS A 1 26  ? 1.720   -4.069  -18.479 1.00 37.66 ? 77  LYS A CE  1 
ATOM   209  N NZ  . LYS A 1 26  ? 2.544   -5.244  -18.263 1.00 40.07 ? 77  LYS A NZ  1 
ATOM   210  N N   . LYS A 1 27  ? -0.366  1.584   -20.832 1.00 13.99 ? 78  LYS A N   1 
ATOM   211  C CA  . LYS A 1 27  ? -0.521  2.495   -21.959 1.00 14.67 ? 78  LYS A CA  1 
ATOM   212  C C   . LYS A 1 27  ? -0.401  3.956   -21.532 1.00 13.78 ? 78  LYS A C   1 
ATOM   213  O O   . LYS A 1 27  ? 0.238   4.755   -22.225 1.00 14.46 ? 78  LYS A O   1 
ATOM   214  C CB  . LYS A 1 27  ? -1.870  2.242   -22.644 1.00 16.59 ? 78  LYS A CB  1 
ATOM   215  C CG  . LYS A 1 27  ? -1.741  1.644   -24.029 1.00 26.53 ? 78  LYS A CG  1 
ATOM   216  C CD  . LYS A 1 27  ? -0.930  0.358   -24.035 1.00 32.32 ? 78  LYS A CD  1 
ATOM   217  C CE  . LYS A 1 27  ? -0.751  -0.165  -25.453 1.00 41.53 ? 78  LYS A CE  1 
ATOM   218  N NZ  . LYS A 1 27  ? -0.157  0.838   -26.322 1.00 45.72 ? 78  LYS A NZ  1 
ATOM   219  N N   . GLY A 1 28  ? -0.966  4.330   -20.375 1.00 12.10 ? 79  GLY A N   1 
ATOM   220  C CA  . GLY A 1 28  ? -0.828  5.689   -19.874 1.00 9.41  ? 79  GLY A CA  1 
ATOM   221  C C   . GLY A 1 28  ? 0.615   6.071   -19.613 1.00 10.96 ? 79  GLY A C   1 
ATOM   222  O O   . GLY A 1 28  ? 1.067   7.150   -20.010 1.00 11.54 ? 79  GLY A O   1 
ATOM   223  N N   . ILE A 1 29  ? 1.357   5.178   -18.949 1.00 11.28 ? 80  ILE A N   1 
ATOM   224  C CA  . ILE A 1 29  ? 2.766   5.416   -18.657 1.00 10.51 ? 80  ILE A CA  1 
ATOM   225  C C   . ILE A 1 29  ? 3.546   5.522   -19.958 1.00 10.00 ? 80  ILE A C   1 
ATOM   226  O O   . ILE A 1 29  ? 4.362   6.428   -20.127 1.00 11.14 ? 80  ILE A O   1 
ATOM   227  C CB  . ILE A 1 29  ? 3.354   4.330   -17.716 1.00 8.01  ? 80  ILE A CB  1 
ATOM   228  C CG1 . ILE A 1 29  ? 2.634   4.326   -16.363 1.00 7.98  ? 80  ILE A CG1 1 
ATOM   229  C CG2 . ILE A 1 29  ? 4.860   4.519   -17.514 1.00 9.87  ? 80  ILE A CG2 1 
ATOM   230  C CD1 . ILE A 1 29  ? 2.813   5.596   -15.516 1.00 7.26  ? 80  ILE A CD1 1 
ATOM   231  N N   . GLN A 1 30  ? 3.277   4.636   -20.912 1.00 11.61 ? 81  GLN A N   1 
ATOM   232  C CA  . GLN A 1 30  ? 3.901   4.713   -22.219 1.00 13.85 ? 81  GLN A CA  1 
ATOM   233  C C   . GLN A 1 30  ? 3.672   6.067   -22.894 1.00 12.70 ? 81  GLN A C   1 
ATOM   234  O O   . GLN A 1 30  ? 4.631   6.675   -23.385 1.00 12.68 ? 81  GLN A O   1 
ATOM   235  C CB  . GLN A 1 30  ? 3.393   3.567   -23.078 1.00 15.23 ? 81  GLN A CB  1 
ATOM   236  C CG  . GLN A 1 30  ? 4.157   3.405   -24.374 1.00 18.92 ? 81  GLN A CG  1 
ATOM   237  C CD  . GLN A 1 30  ? 3.533   2.371   -25.284 1.00 29.38 ? 81  GLN A CD  1 
ATOM   238  O OE1 . GLN A 1 30  ? 3.308   1.227   -24.905 1.00 35.40 ? 81  GLN A OE1 1 
ATOM   239  N NE2 . GLN A 1 30  ? 3.213   2.724   -26.517 1.00 37.80 ? 81  GLN A NE2 1 
ATOM   240  N N   . PHE A 1 31  ? 2.444   6.590   -22.917 1.00 11.43 ? 82  PHE A N   1 
ATOM   241  C CA  . PHE A 1 31  ? 2.172   7.885   -23.529 1.00 11.46 ? 82  PHE A CA  1 
ATOM   242  C C   . PHE A 1 31  ? 2.956   8.986   -22.832 1.00 11.16 ? 82  PHE A C   1 
ATOM   243  O O   . PHE A 1 31  ? 3.583   9.816   -23.500 1.00 11.82 ? 82  PHE A O   1 
ATOM   244  C CB  . PHE A 1 31  ? 0.672   8.201   -23.480 1.00 12.18 ? 82  PHE A CB  1 
ATOM   245  C CG  . PHE A 1 31  ? 0.283   9.533   -24.122 1.00 12.24 ? 82  PHE A CG  1 
ATOM   246  C CD1 . PHE A 1 31  ? 0.165   9.638   -25.501 1.00 11.02 ? 82  PHE A CD1 1 
ATOM   247  C CD2 . PHE A 1 31  ? 0.033   10.629  -23.320 1.00 11.33 ? 82  PHE A CD2 1 
ATOM   248  C CE1 . PHE A 1 31  ? -0.198  10.841  -26.070 1.00 9.87  ? 82  PHE A CE1 1 
ATOM   249  C CE2 . PHE A 1 31  ? -0.331  11.825  -23.900 1.00 13.11 ? 82  PHE A CE2 1 
ATOM   250  C CZ  . PHE A 1 31  ? -0.445  11.934  -25.269 1.00 11.53 ? 82  PHE A CZ  1 
ATOM   251  N N   . LEU A 1 32  ? 2.958   9.029   -21.497 1.00 9.92  ? 83  LEU A N   1 
ATOM   252  C CA  . LEU A 1 32  ? 3.676   10.069  -20.780 1.00 8.20  ? 83  LEU A CA  1 
ATOM   253  C C   . LEU A 1 32  ? 5.174   9.998   -21.010 1.00 8.13  ? 83  LEU A C   1 
ATOM   254  O O   . LEU A 1 32  ? 5.815   11.023  -21.218 1.00 9.69  ? 83  LEU A O   1 
ATOM   255  C CB  . LEU A 1 32  ? 3.369   9.997   -19.298 1.00 10.13 ? 83  LEU A CB  1 
ATOM   256  C CG  . LEU A 1 32  ? 1.909   10.197  -18.895 1.00 12.13 ? 83  LEU A CG  1 
ATOM   257  C CD1 . LEU A 1 32  ? 1.673   9.734   -17.476 1.00 6.53  ? 83  LEU A CD1 1 
ATOM   258  C CD2 . LEU A 1 32  ? 1.472   11.629  -19.100 1.00 13.32 ? 83  LEU A CD2 1 
ATOM   259  N N   . VAL A 1 33  ? 5.766   8.806   -21.007 1.00 9.69  ? 84  VAL A N   1 
ATOM   260  C CA  . VAL A 1 33  ? 7.192   8.638   -21.239 1.00 11.73 ? 84  VAL A CA  1 
ATOM   261  C C   . VAL A 1 33  ? 7.584   9.075   -22.649 1.00 14.90 ? 84  VAL A C   1 
ATOM   262  O O   . VAL A 1 33  ? 8.497   9.894   -22.805 1.00 17.85 ? 84  VAL A O   1 
ATOM   263  C CB  . VAL A 1 33  ? 7.611   7.172   -20.932 1.00 8.25  ? 84  VAL A CB  1 
ATOM   264  C CG1 . VAL A 1 33  ? 9.008   6.824   -21.429 1.00 14.26 ? 84  VAL A CG1 1 
ATOM   265  C CG2 . VAL A 1 33  ? 7.611   6.959   -19.421 1.00 9.73  ? 84  VAL A CG2 1 
ATOM   266  N N   . GLU A 1 34  ? 6.878   8.608   -23.682 1.00 15.88 ? 85  GLU A N   1 
ATOM   267  C CA  . GLU A 1 34  ? 7.199   8.942   -25.064 1.00 17.46 ? 85  GLU A CA  1 
ATOM   268  C C   . GLU A 1 34  ? 7.054   10.424  -25.354 1.00 17.23 ? 85  GLU A C   1 
ATOM   269  O O   . GLU A 1 34  ? 7.825   10.997  -26.118 1.00 19.20 ? 85  GLU A O   1 
ATOM   270  C CB  . GLU A 1 34  ? 6.362   8.098   -26.024 1.00 20.44 ? 85  GLU A CB  1 
ATOM   271  C CG  . GLU A 1 34  ? 6.841   6.639   -25.916 1.00 31.35 ? 85  GLU A CG  1 
ATOM   272  C CD  . GLU A 1 34  ? 6.137   5.565   -26.741 1.00 34.03 ? 85  GLU A CD  1 
ATOM   273  O OE1 . GLU A 1 34  ? 5.069   5.811   -27.307 1.00 32.60 ? 85  GLU A OE1 1 
ATOM   274  O OE2 . GLU A 1 34  ? 6.673   4.458   -26.798 1.00 37.33 ? 85  GLU A OE2 1 
ATOM   275  N N   . ASN A 1 35  ? 6.117   11.083  -24.683 1.00 15.11 ? 86  ASN A N   1 
ATOM   276  C CA  . ASN A 1 35  ? 5.922   12.509  -24.852 1.00 14.37 ? 86  ASN A CA  1 
ATOM   277  C C   . ASN A 1 35  ? 6.783   13.362  -23.946 1.00 15.40 ? 86  ASN A C   1 
ATOM   278  O O   . ASN A 1 35  ? 6.566   14.567  -23.838 1.00 14.83 ? 86  ASN A O   1 
ATOM   279  C CB  . ASN A 1 35  ? 4.466   12.880  -24.673 1.00 12.45 ? 86  ASN A CB  1 
ATOM   280  C CG  . ASN A 1 35  ? 3.683   12.529  -25.916 1.00 19.59 ? 86  ASN A CG  1 
ATOM   281  O OD1 . ASN A 1 35  ? 3.715   13.209  -26.938 1.00 26.13 ? 86  ASN A OD1 1 
ATOM   282  N ND2 . ASN A 1 35  ? 2.981   11.414  -25.906 1.00 24.63 ? 86  ASN A ND2 1 
ATOM   283  N N   . GLU A 1 36  ? 7.754   12.755  -23.251 1.00 17.67 ? 87  GLU A N   1 
ATOM   284  C CA  . GLU A 1 36  ? 8.689   13.442  -22.361 1.00 20.42 ? 87  GLU A CA  1 
ATOM   285  C C   . GLU A 1 36  ? 8.024   14.158  -21.198 1.00 19.28 ? 87  GLU A C   1 
ATOM   286  O O   . GLU A 1 36  ? 8.504   15.161  -20.676 1.00 19.76 ? 87  GLU A O   1 
ATOM   287  C CB  . GLU A 1 36  ? 9.616   14.387  -23.143 1.00 27.44 ? 87  GLU A CB  1 
ATOM   288  C CG  . GLU A 1 36  ? 10.634  13.664  -24.018 1.00 38.21 ? 87  GLU A CG  1 
ATOM   289  C CD  . GLU A 1 36  ? 11.192  14.537  -25.132 1.00 47.95 ? 87  GLU A CD  1 
ATOM   290  O OE1 . GLU A 1 36  ? 11.763  15.589  -24.844 1.00 51.12 ? 87  GLU A OE1 1 
ATOM   291  O OE2 . GLU A 1 36  ? 11.043  14.157  -26.295 1.00 55.91 ? 87  GLU A OE2 1 
ATOM   292  N N   . LEU A 1 37  ? 6.908   13.592  -20.747 1.00 17.29 ? 88  LEU A N   1 
ATOM   293  C CA  . LEU A 1 37  ? 6.171   14.162  -19.642 1.00 15.75 ? 88  LEU A CA  1 
ATOM   294  C C   . LEU A 1 37  ? 6.519   13.472  -18.336 1.00 15.67 ? 88  LEU A C   1 
ATOM   295  O O   . LEU A 1 37  ? 6.201   13.970  -17.254 1.00 16.67 ? 88  LEU A O   1 
ATOM   296  C CB  . LEU A 1 37  ? 4.684   14.061  -19.946 1.00 14.47 ? 88  LEU A CB  1 
ATOM   297  C CG  . LEU A 1 37  ? 4.145   14.920  -21.089 1.00 17.13 ? 88  LEU A CG  1 
ATOM   298  C CD1 . LEU A 1 37  ? 2.783   14.446  -21.528 1.00 16.16 ? 88  LEU A CD1 1 
ATOM   299  C CD2 . LEU A 1 37  ? 4.109   16.374  -20.675 1.00 21.33 ? 88  LEU A CD2 1 
ATOM   300  N N   . LEU A 1 38  ? 7.166   12.311  -18.421 1.00 13.79 ? 89  LEU A N   1 
ATOM   301  C CA  . LEU A 1 38  ? 7.538   11.538  -17.256 1.00 11.75 ? 89  LEU A CA  1 
ATOM   302  C C   . LEU A 1 38  ? 8.828   10.847  -17.631 1.00 11.15 ? 89  LEU A C   1 
ATOM   303  O O   . LEU A 1 38  ? 8.931   10.325  -18.742 1.00 10.96 ? 89  LEU A O   1 
ATOM   304  C CB  . LEU A 1 38  ? 6.461   10.490  -16.962 1.00 11.47 ? 89  LEU A CB  1 
ATOM   305  C CG  . LEU A 1 38  ? 6.609   9.592   -15.741 1.00 13.91 ? 89  LEU A CG  1 
ATOM   306  C CD1 . LEU A 1 38  ? 6.754   10.432  -14.485 1.00 11.06 ? 89  LEU A CD1 1 
ATOM   307  C CD2 . LEU A 1 38  ? 5.425   8.646   -15.628 1.00 11.15 ? 89  LEU A CD2 1 
ATOM   308  N N   . GLN A 1 39  ? 9.841   10.899  -16.767 1.00 13.02 ? 90  GLN A N   1 
ATOM   309  C CA  . GLN A 1 39  ? 11.065  10.151  -16.995 1.00 13.60 ? 90  GLN A CA  1 
ATOM   310  C C   . GLN A 1 39  ? 10.813  8.685   -16.693 1.00 13.31 ? 90  GLN A C   1 
ATOM   311  O O   . GLN A 1 39  ? 10.098  8.331   -15.750 1.00 11.93 ? 90  GLN A O   1 
ATOM   312  C CB  . GLN A 1 39  ? 12.198  10.627  -16.114 1.00 14.04 ? 90  GLN A CB  1 
ATOM   313  C CG  . GLN A 1 39  ? 12.687  12.022  -16.433 1.00 22.09 ? 90  GLN A CG  1 
ATOM   314  C CD  . GLN A 1 39  ? 13.955  12.352  -15.660 1.00 33.35 ? 90  GLN A CD  1 
ATOM   315  O OE1 . GLN A 1 39  ? 15.043  12.456  -16.229 1.00 38.73 ? 90  GLN A OE1 1 
ATOM   316  N NE2 . GLN A 1 39  ? 13.900  12.524  -14.350 1.00 40.55 ? 90  GLN A NE2 1 
ATOM   317  N N   . ASN A 1 40  ? 11.425  7.826   -17.496 1.00 11.04 ? 91  ASN A N   1 
ATOM   318  C CA  . ASN A 1 40  ? 11.205  6.404   -17.390 1.00 12.59 ? 91  ASN A CA  1 
ATOM   319  C C   . ASN A 1 40  ? 12.139  5.770   -16.362 1.00 13.45 ? 91  ASN A C   1 
ATOM   320  O O   . ASN A 1 40  ? 12.873  4.827   -16.671 1.00 12.12 ? 91  ASN A O   1 
ATOM   321  C CB  . ASN A 1 40  ? 11.367  5.774   -18.781 1.00 11.96 ? 91  ASN A CB  1 
ATOM   322  C CG  . ASN A 1 40  ? 10.934  4.317   -18.881 1.00 10.58 ? 91  ASN A CG  1 
ATOM   323  O OD1 . ASN A 1 40  ? 11.534  3.500   -19.594 1.00 18.08 ? 91  ASN A OD1 1 
ATOM   324  N ND2 . ASN A 1 40  ? 9.876   3.933   -18.186 1.00 7.89  ? 91  ASN A ND2 1 
ATOM   325  N N   . THR A 1 41  ? 12.147  6.254   -15.117 1.00 12.80 ? 92  THR A N   1 
ATOM   326  C CA  . THR A 1 41  ? 12.962  5.633   -14.091 1.00 9.88  ? 92  THR A CA  1 
ATOM   327  C C   . THR A 1 41  ? 12.017  5.055   -13.041 1.00 11.27 ? 92  THR A C   1 
ATOM   328  O O   . THR A 1 41  ? 10.910  5.594   -12.856 1.00 10.74 ? 92  THR A O   1 
ATOM   329  C CB  . THR A 1 41  ? 13.977  6.610   -13.447 1.00 10.06 ? 92  THR A CB  1 
ATOM   330  O OG1 . THR A 1 41  ? 13.264  7.525   -12.626 1.00 15.61 ? 92  THR A OG1 1 
ATOM   331  C CG2 . THR A 1 41  ? 14.799  7.394   -14.452 1.00 10.53 ? 92  THR A CG2 1 
ATOM   332  N N   . PRO A 1 42  ? 12.366  3.981   -12.323 1.00 10.56 ? 93  PRO A N   1 
ATOM   333  C CA  . PRO A 1 42  ? 11.538  3.433   -11.258 1.00 11.23 ? 93  PRO A CA  1 
ATOM   334  C C   . PRO A 1 42  ? 11.122  4.478   -10.230 1.00 11.47 ? 93  PRO A C   1 
ATOM   335  O O   . PRO A 1 42  ? 9.940   4.536   -9.871  1.00 9.00  ? 93  PRO A O   1 
ATOM   336  C CB  . PRO A 1 42  ? 12.424  2.345   -10.678 1.00 10.83 ? 93  PRO A CB  1 
ATOM   337  C CG  . PRO A 1 42  ? 13.147  1.820   -11.892 1.00 11.32 ? 93  PRO A CG  1 
ATOM   338  C CD  . PRO A 1 42  ? 13.508  3.112   -12.613 1.00 10.18 ? 93  PRO A CD  1 
ATOM   339  N N   . GLU A 1 43  ? 12.021  5.364   -9.784  1.00 11.15 ? 94  GLU A N   1 
ATOM   340  C CA  . GLU A 1 43  ? 11.621  6.334   -8.779  1.00 13.69 ? 94  GLU A CA  1 
ATOM   341  C C   . GLU A 1 43  ? 10.728  7.459   -9.315  1.00 12.53 ? 94  GLU A C   1 
ATOM   342  O O   . GLU A 1 43  ? 9.854   7.932   -8.582  1.00 11.98 ? 94  GLU A O   1 
ATOM   343  C CB  . GLU A 1 43  ? 12.811  6.898   -8.002  1.00 19.44 ? 94  GLU A CB  1 
ATOM   344  C CG  . GLU A 1 43  ? 13.658  7.925   -8.724  1.00 40.68 ? 94  GLU A CG  1 
ATOM   345  C CD  . GLU A 1 43  ? 14.607  8.683   -7.806  1.00 57.46 ? 94  GLU A CD  1 
ATOM   346  O OE1 . GLU A 1 43  ? 14.136  9.434   -6.946  1.00 61.19 ? 94  GLU A OE1 1 
ATOM   347  O OE2 . GLU A 1 43  ? 15.818  8.519   -7.958  1.00 66.31 ? 94  GLU A OE2 1 
ATOM   348  N N   . GLU A 1 44  ? 10.889  7.916   -10.568 1.00 10.18 ? 95  GLU A N   1 
ATOM   349  C CA  . GLU A 1 44  ? 10.020  8.947   -11.109 1.00 8.15  ? 95  GLU A CA  1 
ATOM   350  C C   . GLU A 1 44  ? 8.619   8.427   -11.374 1.00 7.66  ? 95  GLU A C   1 
ATOM   351  O O   . GLU A 1 44  ? 7.623   9.133   -11.174 1.00 7.65  ? 95  GLU A O   1 
ATOM   352  C CB  . GLU A 1 44  ? 10.577  9.560   -12.393 1.00 13.30 ? 95  GLU A CB  1 
ATOM   353  C CG  . GLU A 1 44  ? 11.831  10.419  -12.206 1.00 18.51 ? 95  GLU A CG  1 
ATOM   354  C CD  . GLU A 1 44  ? 11.655  11.619  -11.284 1.00 26.61 ? 95  GLU A CD  1 
ATOM   355  O OE1 . GLU A 1 44  ? 10.747  12.411  -11.513 1.00 33.94 ? 95  GLU A OE1 1 
ATOM   356  O OE2 . GLU A 1 44  ? 12.425  11.756  -10.329 1.00 30.33 ? 95  GLU A OE2 1 
ATOM   357  N N   . ILE A 1 45  ? 8.500   7.191   -11.826 1.00 6.23  ? 96  ILE A N   1 
ATOM   358  C CA  . ILE A 1 45  ? 7.180   6.603   -12.006 1.00 6.51  ? 96  ILE A CA  1 
ATOM   359  C C   . ILE A 1 45  ? 6.539   6.419   -10.638 1.00 7.13  ? 96  ILE A C   1 
ATOM   360  O O   . ILE A 1 45  ? 5.365   6.752   -10.468 1.00 8.51  ? 96  ILE A O   1 
ATOM   361  C CB  . ILE A 1 45  ? 7.264   5.290   -12.804 1.00 6.31  ? 96  ILE A CB  1 
ATOM   362  C CG1 . ILE A 1 45  ? 7.855   5.559   -14.174 1.00 4.38  ? 96  ILE A CG1 1 
ATOM   363  C CG2 . ILE A 1 45  ? 5.891   4.652   -12.962 1.00 5.93  ? 96  ILE A CG2 1 
ATOM   364  C CD1 . ILE A 1 45  ? 8.371   4.267   -14.833 1.00 6.11  ? 96  ILE A CD1 1 
ATOM   365  N N   . ALA A 1 46  ? 7.282   5.954   -9.634  1.00 7.39  ? 97  ALA A N   1 
ATOM   366  C CA  . ALA A 1 46  ? 6.747   5.797   -8.290  1.00 9.09  ? 97  ALA A CA  1 
ATOM   367  C C   . ALA A 1 46  ? 6.298   7.110   -7.671  1.00 8.96  ? 97  ALA A C   1 
ATOM   368  O O   . ALA A 1 46  ? 5.226   7.130   -7.069  1.00 9.04  ? 97  ALA A O   1 
ATOM   369  C CB  . ALA A 1 46  ? 7.784   5.187   -7.369  1.00 7.84  ? 97  ALA A CB  1 
ATOM   370  N N   . ARG A 1 47  ? 7.046   8.219   -7.812  1.00 8.75  ? 98  ARG A N   1 
ATOM   371  C CA  . ARG A 1 47  ? 6.609   9.520   -7.305  1.00 10.51 ? 98  ARG A CA  1 
ATOM   372  C C   . ARG A 1 47  ? 5.336   9.968   -7.973  1.00 8.19  ? 98  ARG A C   1 
ATOM   373  O O   . ARG A 1 47  ? 4.429   10.465  -7.311  1.00 9.80  ? 98  ARG A O   1 
ATOM   374  C CB  . ARG A 1 47  ? 7.655   10.616  -7.496  1.00 13.01 ? 98  ARG A CB  1 
ATOM   375  C CG  . ARG A 1 47  ? 8.858   10.435  -6.601  1.00 20.30 ? 98  ARG A CG  1 
ATOM   376  C CD  . ARG A 1 47  ? 10.013  11.367  -6.988  1.00 27.48 ? 98  ARG A CD  1 
ATOM   377  N NE  . ARG A 1 47  ? 11.214  10.967  -6.262  1.00 38.01 ? 98  ARG A NE  1 
ATOM   378  C CZ  . ARG A 1 47  ? 11.599  11.524  -5.105  1.00 46.75 ? 98  ARG A CZ  1 
ATOM   379  N NH1 . ARG A 1 47  ? 11.011  12.613  -4.609  1.00 51.85 ? 98  ARG A NH1 1 
ATOM   380  N NH2 . ARG A 1 47  ? 12.578  10.945  -4.408  1.00 48.58 ? 98  ARG A NH2 1 
ATOM   381  N N   . PHE A 1 48  ? 5.231   9.760   -9.282  1.00 9.60  ? 99  PHE A N   1 
ATOM   382  C CA  . PHE A 1 48  ? 4.029   10.097  -10.031 1.00 9.48  ? 99  PHE A CA  1 
ATOM   383  C C   . PHE A 1 48  ? 2.804   9.380   -9.475  1.00 9.04  ? 99  PHE A C   1 
ATOM   384  O O   . PHE A 1 48  ? 1.746   9.977   -9.284  1.00 9.10  ? 99  PHE A O   1 
ATOM   385  C CB  . PHE A 1 48  ? 4.280   9.769   -11.512 1.00 6.37  ? 99  PHE A CB  1 
ATOM   386  C CG  . PHE A 1 48  ? 3.066   9.792   -12.435 1.00 9.67  ? 99  PHE A CG  1 
ATOM   387  C CD1 . PHE A 1 48  ? 2.545   10.991  -12.868 1.00 17.19 ? 99  PHE A CD1 1 
ATOM   388  C CD2 . PHE A 1 48  ? 2.468   8.606   -12.816 1.00 10.22 ? 99  PHE A CD2 1 
ATOM   389  C CE1 . PHE A 1 48  ? 1.405   11.007  -13.647 1.00 15.79 ? 99  PHE A CE1 1 
ATOM   390  C CE2 . PHE A 1 48  ? 1.328   8.634   -13.586 1.00 15.52 ? 99  PHE A CE2 1 
ATOM   391  C CZ  . PHE A 1 48  ? 0.790   9.836   -13.991 1.00 14.66 ? 99  PHE A CZ  1 
ATOM   392  N N   . LEU A 1 49  ? 2.925   8.085   -9.203  1.00 9.91  ? 100 LEU A N   1 
ATOM   393  C CA  . LEU A 1 49  ? 1.823   7.299   -8.676  1.00 10.40 ? 100 LEU A CA  1 
ATOM   394  C C   . LEU A 1 49  ? 1.534   7.657   -7.220  1.00 9.81  ? 100 LEU A C   1 
ATOM   395  O O   . LEU A 1 49  ? 0.378   7.646   -6.792  1.00 10.50 ? 100 LEU A O   1 
ATOM   396  C CB  . LEU A 1 49  ? 2.139   5.808   -8.795  1.00 10.88 ? 100 LEU A CB  1 
ATOM   397  C CG  . LEU A 1 49  ? 2.408   5.236   -10.181 1.00 11.20 ? 100 LEU A CG  1 
ATOM   398  C CD1 . LEU A 1 49  ? 2.736   3.765   -10.068 1.00 11.62 ? 100 LEU A CD1 1 
ATOM   399  C CD2 . LEU A 1 49  ? 1.205   5.412   -11.076 1.00 9.36  ? 100 LEU A CD2 1 
ATOM   400  N N   . TYR A 1 50  ? 2.565   7.987   -6.441  1.00 9.67  ? 101 TYR A N   1 
ATOM   401  C CA  . TYR A 1 50  ? 2.396   8.382   -5.051  1.00 11.00 ? 101 TYR A CA  1 
ATOM   402  C C   . TYR A 1 50  ? 1.619   9.682   -4.947  1.00 13.82 ? 101 TYR A C   1 
ATOM   403  O O   . TYR A 1 50  ? 0.763   9.807   -4.072  1.00 15.72 ? 101 TYR A O   1 
ATOM   404  C CB  . TYR A 1 50  ? 3.756   8.513   -4.387  1.00 13.36 ? 101 TYR A CB  1 
ATOM   405  C CG  . TYR A 1 50  ? 3.698   8.706   -2.880  1.00 16.50 ? 101 TYR A CG  1 
ATOM   406  C CD1 . TYR A 1 50  ? 3.675   7.597   -2.051  1.00 16.38 ? 101 TYR A CD1 1 
ATOM   407  C CD2 . TYR A 1 50  ? 3.677   9.984   -2.359  1.00 11.38 ? 101 TYR A CD2 1 
ATOM   408  C CE1 . TYR A 1 50  ? 3.635   7.774   -0.682  1.00 17.56 ? 101 TYR A CE1 1 
ATOM   409  C CE2 . TYR A 1 50  ? 3.630   10.160  -0.994  1.00 16.45 ? 101 TYR A CE2 1 
ATOM   410  C CZ  . TYR A 1 50  ? 3.617   9.054   -0.167  1.00 18.16 ? 101 TYR A CZ  1 
ATOM   411  O OH  . TYR A 1 50  ? 3.587   9.237   1.201   1.00 20.68 ? 101 TYR A OH  1 
ATOM   412  N N   . LYS A 1 51  ? 1.917   10.654  -5.815  1.00 15.42 ? 102 LYS A N   1 
ATOM   413  C CA  . LYS A 1 51  ? 1.150   11.882  -5.923  1.00 15.57 ? 102 LYS A CA  1 
ATOM   414  C C   . LYS A 1 51  ? -0.279  11.567  -6.344  1.00 14.99 ? 102 LYS A C   1 
ATOM   415  O O   . LYS A 1 51  ? -1.214  12.148  -5.797  1.00 15.30 ? 102 LYS A O   1 
ATOM   416  C CB  . LYS A 1 51  ? 1.747   12.795  -6.981  1.00 23.10 ? 102 LYS A CB  1 
ATOM   417  C CG  . LYS A 1 51  ? 2.250   14.139  -6.475  1.00 35.66 ? 102 LYS A CG  1 
ATOM   418  C CD  . LYS A 1 51  ? 3.561   13.998  -5.708  1.00 48.84 ? 102 LYS A CD  1 
ATOM   419  C CE  . LYS A 1 51  ? 4.730   13.567  -6.598  1.00 53.92 ? 102 LYS A CE  1 
ATOM   420  N NZ  . LYS A 1 51  ? 4.959   14.494  -7.691  1.00 59.28 ? 102 LYS A NZ  1 
ATOM   421  N N   . GLY A 1 52  ? -0.455  10.707  -7.354  1.00 12.92 ? 103 GLY A N   1 
ATOM   422  C CA  . GLY A 1 52  ? -1.749  10.132  -7.670  1.00 10.92 ? 103 GLY A CA  1 
ATOM   423  C C   . GLY A 1 52  ? -2.755  11.152  -8.171  1.00 13.49 ? 103 GLY A C   1 
ATOM   424  O O   . GLY A 1 52  ? -3.965  10.953  -8.042  1.00 15.12 ? 103 GLY A O   1 
ATOM   425  N N   . GLU A 1 53  ? -2.313  12.238  -8.792  1.00 14.52 ? 104 GLU A N   1 
ATOM   426  C CA  . GLU A 1 53  ? -3.194  13.335  -9.134  1.00 15.65 ? 104 GLU A CA  1 
ATOM   427  C C   . GLU A 1 53  ? -4.061  12.908  -10.301 1.00 15.32 ? 104 GLU A C   1 
ATOM   428  O O   . GLU A 1 53  ? -3.552  12.545  -11.357 1.00 16.62 ? 104 GLU A O   1 
ATOM   429  C CB  . GLU A 1 53  ? -2.322  14.496  -9.521  1.00 20.05 ? 104 GLU A CB  1 
ATOM   430  C CG  . GLU A 1 53  ? -2.999  15.837  -9.375  1.00 36.33 ? 104 GLU A CG  1 
ATOM   431  C CD  . GLU A 1 53  ? -2.088  16.958  -9.847  1.00 49.69 ? 104 GLU A CD  1 
ATOM   432  O OE1 . GLU A 1 53  ? -1.030  17.161  -9.242  1.00 57.97 ? 104 GLU A OE1 1 
ATOM   433  O OE2 . GLU A 1 53  ? -2.436  17.621  -10.826 1.00 55.91 ? 104 GLU A OE2 1 
ATOM   434  N N   . GLY A 1 54  ? -5.372  12.858  -10.110 1.00 16.16 ? 105 GLY A N   1 
ATOM   435  C CA  . GLY A 1 54  ? -6.308  12.471  -11.160 1.00 15.51 ? 105 GLY A CA  1 
ATOM   436  C C   . GLY A 1 54  ? -6.214  11.004  -11.563 1.00 15.75 ? 105 GLY A C   1 
ATOM   437  O O   . GLY A 1 54  ? -6.761  10.631  -12.604 1.00 15.83 ? 105 GLY A O   1 
ATOM   438  N N   . LEU A 1 55  ? -5.537  10.154  -10.782 1.00 13.90 ? 106 LEU A N   1 
ATOM   439  C CA  . LEU A 1 55  ? -5.367  8.751   -11.123 1.00 12.89 ? 106 LEU A CA  1 
ATOM   440  C C   . LEU A 1 55  ? -6.332  7.913   -10.294 1.00 12.06 ? 106 LEU A C   1 
ATOM   441  O O   . LEU A 1 55  ? -6.583  8.209   -9.119  1.00 15.73 ? 106 LEU A O   1 
ATOM   442  C CB  . LEU A 1 55  ? -3.921  8.307   -10.853 1.00 7.69  ? 106 LEU A CB  1 
ATOM   443  C CG  . LEU A 1 55  ? -2.771  9.048   -11.519 1.00 10.05 ? 106 LEU A CG  1 
ATOM   444  C CD1 . LEU A 1 55  ? -1.471  8.394   -11.099 1.00 11.79 ? 106 LEU A CD1 1 
ATOM   445  C CD2 . LEU A 1 55  ? -2.875  9.040   -13.038 1.00 7.76  ? 106 LEU A CD2 1 
ATOM   446  N N   . ASN A 1 56  ? -6.884  6.849   -10.856 1.00 12.96 ? 107 ASN A N   1 
ATOM   447  C CA  . ASN A 1 56  ? -7.762  5.949   -10.132 1.00 12.57 ? 107 ASN A CA  1 
ATOM   448  C C   . ASN A 1 56  ? -6.878  5.028   -9.333  1.00 13.21 ? 107 ASN A C   1 
ATOM   449  O O   . ASN A 1 56  ? -5.967  4.388   -9.872  1.00 10.90 ? 107 ASN A O   1 
ATOM   450  C CB  . ASN A 1 56  ? -8.593  5.037   -11.037 1.00 18.76 ? 107 ASN A CB  1 
ATOM   451  C CG  . ASN A 1 56  ? -9.644  5.751   -11.867 1.00 33.53 ? 107 ASN A CG  1 
ATOM   452  O OD1 . ASN A 1 56  ? -10.125 6.829   -11.525 1.00 40.01 ? 107 ASN A OD1 1 
ATOM   453  N ND2 . ASN A 1 56  ? -10.041 5.180   -12.998 1.00 44.33 ? 107 ASN A ND2 1 
ATOM   454  N N   . LYS A 1 57  ? -7.206  4.916   -8.047  1.00 12.97 ? 108 LYS A N   1 
ATOM   455  C CA  . LYS A 1 57  ? -6.510  4.049   -7.102  1.00 12.65 ? 108 LYS A CA  1 
ATOM   456  C C   . LYS A 1 57  ? -6.489  2.576   -7.517  1.00 11.19 ? 108 LYS A C   1 
ATOM   457  O O   . LYS A 1 57  ? -5.499  1.890   -7.271  1.00 10.28 ? 108 LYS A O   1 
ATOM   458  C CB  . LYS A 1 57  ? -7.164  4.193   -5.729  1.00 18.35 ? 108 LYS A CB  1 
ATOM   459  C CG  . LYS A 1 57  ? -7.054  5.574   -5.089  1.00 19.75 ? 108 LYS A CG  1 
ATOM   460  C CD  . LYS A 1 57  ? -5.629  5.906   -4.733  1.00 25.90 ? 108 LYS A CD  1 
ATOM   461  C CE  . LYS A 1 57  ? -5.480  7.272   -4.073  1.00 33.21 ? 108 LYS A CE  1 
ATOM   462  N NZ  . LYS A 1 57  ? -6.149  7.352   -2.785  1.00 34.72 ? 108 LYS A NZ  1 
ATOM   463  N N   . THR A 1 58  ? -7.557  2.050   -8.134  1.00 11.08 ? 109 THR A N   1 
ATOM   464  C CA  . THR A 1 58  ? -7.587  0.717   -8.735  1.00 12.79 ? 109 THR A CA  1 
ATOM   465  C C   . THR A 1 58  ? -6.534  0.518   -9.826  1.00 11.12 ? 109 THR A C   1 
ATOM   466  O O   . THR A 1 58  ? -5.806  -0.476  -9.811  1.00 10.36 ? 109 THR A O   1 
ATOM   467  C CB  . THR A 1 58  ? -9.019  0.417   -9.273  1.00 12.32 ? 109 THR A CB  1 
ATOM   468  O OG1 . THR A 1 58  ? -9.905  0.652   -8.177  1.00 18.62 ? 109 THR A OG1 1 
ATOM   469  C CG2 . THR A 1 58  ? -9.167  -1.016  -9.759  1.00 17.15 ? 109 THR A CG2 1 
ATOM   470  N N   . ALA A 1 59  ? -6.405  1.482   -10.736 1.00 11.13 ? 110 ALA A N   1 
ATOM   471  C CA  . ALA A 1 59  ? -5.381  1.427   -11.757 1.00 10.64 ? 110 ALA A CA  1 
ATOM   472  C C   . ALA A 1 59  ? -3.981  1.542   -11.152 1.00 8.70  ? 110 ALA A C   1 
ATOM   473  O O   . ALA A 1 59  ? -3.098  0.812   -11.596 1.00 10.73 ? 110 ALA A O   1 
ATOM   474  C CB  . ALA A 1 59  ? -5.631  2.541   -12.764 1.00 7.95  ? 110 ALA A CB  1 
ATOM   475  N N   . ILE A 1 60  ? -3.728  2.380   -10.137 1.00 7.58  ? 111 ILE A N   1 
ATOM   476  C CA  . ILE A 1 60  ? -2.429  2.393   -9.462  1.00 8.39  ? 111 ILE A CA  1 
ATOM   477  C C   . ILE A 1 60  ? -2.107  1.004   -8.926  1.00 8.10  ? 111 ILE A C   1 
ATOM   478  O O   . ILE A 1 60  ? -1.029  0.482   -9.204  1.00 9.80  ? 111 ILE A O   1 
ATOM   479  C CB  . ILE A 1 60  ? -2.354  3.435   -8.313  1.00 8.03  ? 111 ILE A CB  1 
ATOM   480  C CG1 . ILE A 1 60  ? -2.642  4.847   -8.832  1.00 8.82  ? 111 ILE A CG1 1 
ATOM   481  C CG2 . ILE A 1 60  ? -0.975  3.403   -7.630  1.00 5.16  ? 111 ILE A CG2 1 
ATOM   482  C CD1 . ILE A 1 60  ? -2.862  5.904   -7.726  1.00 6.97  ? 111 ILE A CD1 1 
ATOM   483  N N   . GLY A 1 61  ? -3.031  0.369   -8.209  1.00 6.94  ? 112 GLY A N   1 
ATOM   484  C CA  . GLY A 1 61  ? -2.816  -0.969  -7.682  1.00 6.13  ? 112 GLY A CA  1 
ATOM   485  C C   . GLY A 1 61  ? -2.556  -1.981  -8.782  1.00 7.68  ? 112 GLY A C   1 
ATOM   486  O O   . GLY A 1 61  ? -1.694  -2.835  -8.628  1.00 10.19 ? 112 GLY A O   1 
ATOM   487  N N   . ASP A 1 62  ? -3.255  -1.881  -9.918  1.00 9.73  ? 113 ASP A N   1 
ATOM   488  C CA  . ASP A 1 62  ? -3.084  -2.791  -11.050 1.00 13.21 ? 113 ASP A CA  1 
ATOM   489  C C   . ASP A 1 62  ? -1.665  -2.693  -11.632 1.00 12.15 ? 113 ASP A C   1 
ATOM   490  O O   . ASP A 1 62  ? -0.977  -3.702  -11.839 1.00 12.94 ? 113 ASP A O   1 
ATOM   491  C CB  . ASP A 1 62  ? -4.134  -2.422  -12.103 1.00 18.93 ? 113 ASP A CB  1 
ATOM   492  C CG  . ASP A 1 62  ? -4.436  -3.475  -13.157 1.00 34.54 ? 113 ASP A CG  1 
ATOM   493  O OD1 . ASP A 1 62  ? -3.770  -3.502  -14.192 1.00 39.91 ? 113 ASP A OD1 1 
ATOM   494  O OD2 . ASP A 1 62  ? -5.358  -4.257  -12.943 1.00 47.59 ? 113 ASP A OD2 1 
ATOM   495  N N   . TYR A 1 63  ? -1.188  -1.475  -11.872 1.00 10.51 ? 114 TYR A N   1 
ATOM   496  C CA  . TYR A 1 63  ? 0.170   -1.254  -12.320 1.00 7.63  ? 114 TYR A CA  1 
ATOM   497  C C   . TYR A 1 63  ? 1.181   -1.781  -11.304 1.00 9.01  ? 114 TYR A C   1 
ATOM   498  O O   . TYR A 1 63  ? 2.135   -2.475  -11.676 1.00 9.97  ? 114 TYR A O   1 
ATOM   499  C CB  . TYR A 1 63  ? 0.360   0.238   -12.541 1.00 6.36  ? 114 TYR A CB  1 
ATOM   500  C CG  . TYR A 1 63  ? 1.694   0.590   -13.188 1.00 11.55 ? 114 TYR A CG  1 
ATOM   501  C CD1 . TYR A 1 63  ? 1.850   0.511   -14.560 1.00 5.64  ? 114 TYR A CD1 1 
ATOM   502  C CD2 . TYR A 1 63  ? 2.760   0.935   -12.376 1.00 8.25  ? 114 TYR A CD2 1 
ATOM   503  C CE1 . TYR A 1 63  ? 3.094   0.757   -15.104 1.00 9.90  ? 114 TYR A CE1 1 
ATOM   504  C CE2 . TYR A 1 63  ? 3.999   1.148   -12.916 1.00 7.58  ? 114 TYR A CE2 1 
ATOM   505  C CZ  . TYR A 1 63  ? 4.150   1.054   -14.276 1.00 6.33  ? 114 TYR A CZ  1 
ATOM   506  O OH  . TYR A 1 63  ? 5.400   1.251   -14.821 1.00 14.47 ? 114 TYR A OH  1 
ATOM   507  N N   . LEU A 1 64  ? 1.021   -1.471  -10.018 1.00 7.68  ? 115 LEU A N   1 
ATOM   508  C CA  . LEU A 1 64  ? 1.955   -1.921  -9.000  1.00 10.77 ? 115 LEU A CA  1 
ATOM   509  C C   . LEU A 1 64  ? 1.988   -3.430  -8.813  1.00 10.75 ? 115 LEU A C   1 
ATOM   510  O O   . LEU A 1 64  ? 2.952   -3.959  -8.270  1.00 11.08 ? 115 LEU A O   1 
ATOM   511  C CB  . LEU A 1 64  ? 1.685   -1.242  -7.662  1.00 7.28  ? 115 LEU A CB  1 
ATOM   512  C CG  . LEU A 1 64  ? 1.934   0.252   -7.543  1.00 10.58 ? 115 LEU A CG  1 
ATOM   513  C CD1 . LEU A 1 64  ? 1.432   0.741   -6.199  1.00 9.76  ? 115 LEU A CD1 1 
ATOM   514  C CD2 . LEU A 1 64  ? 3.390   0.602   -7.760  1.00 10.08 ? 115 LEU A CD2 1 
ATOM   515  N N   . GLY A 1 65  ? 0.940   -4.132  -9.235  1.00 11.34 ? 116 GLY A N   1 
ATOM   516  C CA  . GLY A 1 65  ? 0.892   -5.572  -9.127  1.00 12.52 ? 116 GLY A CA  1 
ATOM   517  C C   . GLY A 1 65  ? 1.377   -6.295  -10.367 1.00 14.19 ? 116 GLY A C   1 
ATOM   518  O O   . GLY A 1 65  ? 1.197   -7.510  -10.438 1.00 16.46 ? 116 GLY A O   1 
ATOM   519  N N   . GLU A 1 66  ? 1.917   -5.646  -11.393 1.00 12.35 ? 117 GLU A N   1 
ATOM   520  C CA  . GLU A 1 66  ? 2.420   -6.387  -12.539 1.00 12.82 ? 117 GLU A CA  1 
ATOM   521  C C   . GLU A 1 66  ? 3.727   -7.091  -12.206 1.00 12.50 ? 117 GLU A C   1 
ATOM   522  O O   . GLU A 1 66  ? 4.564   -6.551  -11.495 1.00 12.06 ? 117 GLU A O   1 
ATOM   523  C CB  . GLU A 1 66  ? 2.659   -5.469  -13.729 1.00 14.34 ? 117 GLU A CB  1 
ATOM   524  C CG  . GLU A 1 66  ? 1.419   -4.812  -14.305 1.00 25.19 ? 117 GLU A CG  1 
ATOM   525  C CD  . GLU A 1 66  ? 0.492   -5.803  -14.986 1.00 37.28 ? 117 GLU A CD  1 
ATOM   526  O OE1 . GLU A 1 66  ? 0.925   -6.490  -15.913 1.00 36.30 ? 117 GLU A OE1 1 
ATOM   527  O OE2 . GLU A 1 66  ? -0.665  -5.878  -14.582 1.00 47.16 ? 117 GLU A OE2 1 
ATOM   528  N N   . ARG A 1 67  ? 3.940   -8.269  -12.783 1.00 14.01 ? 118 ARG A N   1 
ATOM   529  C CA  . ARG A 1 67  ? 5.102   -9.081  -12.486 1.00 17.84 ? 118 ARG A CA  1 
ATOM   530  C C   . ARG A 1 67  ? 6.382   -8.627  -13.178 1.00 17.41 ? 118 ARG A C   1 
ATOM   531  O O   . ARG A 1 67  ? 7.460   -9.081  -12.796 1.00 20.07 ? 118 ARG A O   1 
ATOM   532  C CB  . ARG A 1 67  ? 4.863   -10.548 -12.866 1.00 18.21 ? 118 ARG A CB  1 
ATOM   533  C CG  . ARG A 1 67  ? 4.819   -10.784 -14.377 1.00 27.17 ? 118 ARG A CG  1 
ATOM   534  C CD  . ARG A 1 67  ? 4.746   -12.269 -14.674 1.00 35.29 ? 118 ARG A CD  1 
ATOM   535  N NE  . ARG A 1 67  ? 4.636   -12.475 -16.104 1.00 35.51 ? 118 ARG A NE  1 
ATOM   536  C CZ  . ARG A 1 67  ? 4.561   -13.689 -16.657 1.00 41.38 ? 118 ARG A CZ  1 
ATOM   537  N NH1 . ARG A 1 67  ? 4.630   -14.812 -15.937 1.00 42.80 ? 118 ARG A NH1 1 
ATOM   538  N NH2 . ARG A 1 67  ? 4.397   -13.771 -17.972 1.00 39.67 ? 118 ARG A NH2 1 
ATOM   539  N N   . GLU A 1 68  ? 6.360   -7.810  -14.225 1.00 15.36 ? 119 GLU A N   1 
ATOM   540  C CA  . GLU A 1 68  ? 7.611   -7.541  -14.904 1.00 14.87 ? 119 GLU A CA  1 
ATOM   541  C C   . GLU A 1 68  ? 8.564   -6.668  -14.110 1.00 12.80 ? 119 GLU A C   1 
ATOM   542  O O   . GLU A 1 68  ? 8.140   -5.926  -13.222 1.00 11.87 ? 119 GLU A O   1 
ATOM   543  C CB  . GLU A 1 68  ? 7.391   -7.006  -16.287 1.00 20.25 ? 119 GLU A CB  1 
ATOM   544  C CG  . GLU A 1 68  ? 6.487   -5.813  -16.361 1.00 27.72 ? 119 GLU A CG  1 
ATOM   545  C CD  . GLU A 1 68  ? 6.399   -5.326  -17.784 1.00 30.77 ? 119 GLU A CD  1 
ATOM   546  O OE1 . GLU A 1 68  ? 7.287   -4.574  -18.167 1.00 32.51 ? 119 GLU A OE1 1 
ATOM   547  O OE2 . GLU A 1 68  ? 5.460   -5.720  -18.488 1.00 34.19 ? 119 GLU A OE2 1 
ATOM   548  N N   . GLU A 1 69  ? 9.851   -6.750  -14.444 1.00 9.13  ? 120 GLU A N   1 
ATOM   549  C CA  . GLU A 1 69  ? 10.920  -6.112  -13.698 1.00 7.73  ? 120 GLU A CA  1 
ATOM   550  C C   . GLU A 1 69  ? 10.669  -4.653  -13.349 1.00 7.62  ? 120 GLU A C   1 
ATOM   551  O O   . GLU A 1 69  ? 10.815  -4.304  -12.180 1.00 7.57  ? 120 GLU A O   1 
ATOM   552  C CB  . GLU A 1 69  ? 12.185  -6.199  -14.520 1.00 7.91  ? 120 GLU A CB  1 
ATOM   553  C CG  . GLU A 1 69  ? 13.451  -5.657  -13.861 1.00 4.33  ? 120 GLU A CG  1 
ATOM   554  C CD  . GLU A 1 69  ? 14.626  -5.547  -14.816 1.00 8.63  ? 120 GLU A CD  1 
ATOM   555  O OE1 . GLU A 1 69  ? 14.403  -5.391  -16.011 1.00 10.91 ? 120 GLU A OE1 1 
ATOM   556  O OE2 . GLU A 1 69  ? 15.769  -5.601  -14.376 1.00 11.88 ? 120 GLU A OE2 1 
ATOM   557  N N   . LEU A 1 70  ? 10.272  -3.794  -14.304 1.00 8.71  ? 121 LEU A N   1 
ATOM   558  C CA  . LEU A 1 70  ? 10.118  -2.369  -14.028 1.00 7.47  ? 121 LEU A CA  1 
ATOM   559  C C   . LEU A 1 70  ? 9.010   -2.129  -13.029 1.00 8.35  ? 121 LEU A C   1 
ATOM   560  O O   . LEU A 1 70  ? 9.157   -1.291  -12.141 1.00 8.12  ? 121 LEU A O   1 
ATOM   561  C CB  . LEU A 1 70  ? 9.837   -1.543  -15.284 1.00 6.44  ? 121 LEU A CB  1 
ATOM   562  C CG  . LEU A 1 70  ? 9.586   -0.028  -15.150 1.00 9.53  ? 121 LEU A CG  1 
ATOM   563  C CD1 . LEU A 1 70  ? 10.723  0.702   -14.439 1.00 5.78  ? 121 LEU A CD1 1 
ATOM   564  C CD2 . LEU A 1 70  ? 9.406   0.563   -16.528 1.00 9.31  ? 121 LEU A CD2 1 
ATOM   565  N N   . ASN A 1 71  ? 7.917   -2.873  -13.118 1.00 7.86  ? 122 ASN A N   1 
ATOM   566  C CA  . ASN A 1 71  ? 6.800   -2.690  -12.210 1.00 9.12  ? 122 ASN A CA  1 
ATOM   567  C C   . ASN A 1 71  ? 7.138   -3.083  -10.791 1.00 7.20  ? 122 ASN A C   1 
ATOM   568  O O   . ASN A 1 71  ? 6.686   -2.433  -9.849  1.00 8.38  ? 122 ASN A O   1 
ATOM   569  C CB  . ASN A 1 71  ? 5.597   -3.486  -12.675 1.00 8.66  ? 122 ASN A CB  1 
ATOM   570  C CG  . ASN A 1 71  ? 5.071   -2.946  -13.990 1.00 11.63 ? 122 ASN A CG  1 
ATOM   571  O OD1 . ASN A 1 71  ? 5.727   -3.005  -15.028 1.00 10.66 ? 122 ASN A OD1 1 
ATOM   572  N ND2 . ASN A 1 71  ? 3.863   -2.410  -14.008 1.00 14.25 ? 122 ASN A ND2 1 
ATOM   573  N N   . LEU A 1 72  ? 7.957   -4.120  -10.640 1.00 8.00  ? 123 LEU A N   1 
ATOM   574  C CA  . LEU A 1 72  ? 8.455   -4.547  -9.344  1.00 8.41  ? 123 LEU A CA  1 
ATOM   575  C C   . LEU A 1 72  ? 9.396   -3.509  -8.770  1.00 7.57  ? 123 LEU A C   1 
ATOM   576  O O   . LEU A 1 72  ? 9.378   -3.228  -7.570  1.00 7.99  ? 123 LEU A O   1 
ATOM   577  C CB  . LEU A 1 72  ? 9.218   -5.865  -9.448  1.00 10.54 ? 123 LEU A CB  1 
ATOM   578  C CG  . LEU A 1 72  ? 8.503   -7.141  -9.880  1.00 15.84 ? 123 LEU A CG  1 
ATOM   579  C CD1 . LEU A 1 72  ? 9.475   -8.307  -9.851  1.00 21.96 ? 123 LEU A CD1 1 
ATOM   580  C CD2 . LEU A 1 72  ? 7.337   -7.470  -8.972  1.00 20.53 ? 123 LEU A CD2 1 
ATOM   581  N N   . ALA A 1 73  ? 10.261  -2.932  -9.603  1.00 7.22  ? 124 ALA A N   1 
ATOM   582  C CA  . ALA A 1 73  ? 11.129  -1.838  -9.178  1.00 7.23  ? 124 ALA A CA  1 
ATOM   583  C C   . ALA A 1 73  ? 10.346  -0.585  -8.782  1.00 7.56  ? 124 ALA A C   1 
ATOM   584  O O   . ALA A 1 73  ? 10.688  0.071   -7.789  1.00 7.52  ? 124 ALA A O   1 
ATOM   585  C CB  . ALA A 1 73  ? 12.062  -1.467  -10.324 1.00 6.13  ? 124 ALA A CB  1 
ATOM   586  N N   . VAL A 1 74  ? 9.285   -0.229  -9.518  1.00 6.65  ? 125 VAL A N   1 
ATOM   587  C CA  . VAL A 1 74  ? 8.392   0.875   -9.172  1.00 6.95  ? 125 VAL A CA  1 
ATOM   588  C C   . VAL A 1 74  ? 7.687   0.586   -7.843  1.00 7.75  ? 125 VAL A C   1 
ATOM   589  O O   . VAL A 1 74  ? 7.640   1.450   -6.967  1.00 7.04  ? 125 VAL A O   1 
ATOM   590  C CB  . VAL A 1 74  ? 7.376   1.084   -10.316 1.00 6.87  ? 125 VAL A CB  1 
ATOM   591  C CG1 . VAL A 1 74  ? 6.312   2.102   -9.939  1.00 5.90  ? 125 VAL A CG1 1 
ATOM   592  C CG2 . VAL A 1 74  ? 8.097   1.581   -11.556 1.00 4.51  ? 125 VAL A CG2 1 
ATOM   593  N N   . LEU A 1 75  ? 7.166   -0.634  -7.645  1.00 7.73  ? 126 LEU A N   1 
ATOM   594  C CA  . LEU A 1 75  ? 6.593   -1.037  -6.374  1.00 8.82  ? 126 LEU A CA  1 
ATOM   595  C C   . LEU A 1 75  ? 7.543   -0.820  -5.201  1.00 8.05  ? 126 LEU A C   1 
ATOM   596  O O   . LEU A 1 75  ? 7.158   -0.214  -4.195  1.00 8.23  ? 126 LEU A O   1 
ATOM   597  C CB  . LEU A 1 75  ? 6.107   -2.492  -6.420  1.00 8.59  ? 126 LEU A CB  1 
ATOM   598  C CG  . LEU A 1 75  ? 5.537   -3.087  -5.113  1.00 10.20 ? 126 LEU A CG  1 
ATOM   599  C CD1 . LEU A 1 75  ? 4.326   -2.309  -4.598  1.00 3.98  ? 126 LEU A CD1 1 
ATOM   600  C CD2 . LEU A 1 75  ? 5.197   -4.551  -5.310  1.00 12.35 ? 126 LEU A CD2 1 
ATOM   601  N N   . HIS A 1 76  ? 8.797   -1.274  -5.314  1.00 9.02  ? 127 HIS A N   1 
ATOM   602  C CA  . HIS A 1 76  ? 9.778   -1.109  -4.257  1.00 8.89  ? 127 HIS A CA  1 
ATOM   603  C C   . HIS A 1 76  ? 10.062  0.374   -4.025  1.00 8.94  ? 127 HIS A C   1 
ATOM   604  O O   . HIS A 1 76  ? 10.143  0.822   -2.872  1.00 9.66  ? 127 HIS A O   1 
ATOM   605  C CB  . HIS A 1 76  ? 11.060  -1.908  -4.582  1.00 16.47 ? 127 HIS A CB  1 
ATOM   606  C CG  . HIS A 1 76  ? 12.261  -1.672  -3.655  1.00 36.77 ? 127 HIS A CG  1 
ATOM   607  N ND1 . HIS A 1 76  ? 13.318  -0.891  -3.887  1.00 45.65 ? 127 HIS A ND1 1 
ATOM   608  C CD2 . HIS A 1 76  ? 12.431  -2.224  -2.399  1.00 43.62 ? 127 HIS A CD2 1 
ATOM   609  C CE1 . HIS A 1 76  ? 14.099  -0.929  -2.832  1.00 46.05 ? 127 HIS A CE1 1 
ATOM   610  N NE2 . HIS A 1 76  ? 13.550  -1.726  -1.938  1.00 44.13 ? 127 HIS A NE2 1 
ATOM   611  N N   . ALA A 1 77  ? 10.170  1.188   -5.072  1.00 6.76  ? 128 ALA A N   1 
ATOM   612  C CA  . ALA A 1 77  ? 10.393  2.617   -4.913  1.00 8.10  ? 128 ALA A CA  1 
ATOM   613  C C   . ALA A 1 77  ? 9.182   3.327   -4.318  1.00 7.87  ? 128 ALA A C   1 
ATOM   614  O O   . ALA A 1 77  ? 9.338   4.251   -3.512  1.00 9.47  ? 128 ALA A O   1 
ATOM   615  C CB  . ALA A 1 77  ? 10.737  3.231   -6.273  1.00 6.72  ? 128 ALA A CB  1 
ATOM   616  N N   . PHE A 1 78  ? 7.969   2.865   -4.650  1.00 7.87  ? 129 PHE A N   1 
ATOM   617  C CA  . PHE A 1 78  ? 6.717   3.424   -4.155  1.00 7.91  ? 129 PHE A CA  1 
ATOM   618  C C   . PHE A 1 78  ? 6.586   3.187   -2.656  1.00 7.00  ? 129 PHE A C   1 
ATOM   619  O O   . PHE A 1 78  ? 6.240   4.075   -1.872  1.00 8.30  ? 129 PHE A O   1 
ATOM   620  C CB  . PHE A 1 78  ? 5.547   2.788   -4.926  1.00 3.98  ? 129 PHE A CB  1 
ATOM   621  C CG  . PHE A 1 78  ? 4.150   3.243   -4.514  1.00 8.89  ? 129 PHE A CG  1 
ATOM   622  C CD1 . PHE A 1 78  ? 3.597   4.380   -5.079  1.00 7.95  ? 129 PHE A CD1 1 
ATOM   623  C CD2 . PHE A 1 78  ? 3.434   2.519   -3.572  1.00 7.08  ? 129 PHE A CD2 1 
ATOM   624  C CE1 . PHE A 1 78  ? 2.340   4.795   -4.691  1.00 6.22  ? 129 PHE A CE1 1 
ATOM   625  C CE2 . PHE A 1 78  ? 2.181   2.947   -3.184  1.00 12.84 ? 129 PHE A CE2 1 
ATOM   626  C CZ  . PHE A 1 78  ? 1.635   4.085   -3.741  1.00 12.59 ? 129 PHE A CZ  1 
ATOM   627  N N   . VAL A 1 79  ? 6.853   1.964   -2.218  1.00 7.59  ? 130 VAL A N   1 
ATOM   628  C CA  . VAL A 1 79  ? 6.830   1.635   -0.795  1.00 11.13 ? 130 VAL A CA  1 
ATOM   629  C C   . VAL A 1 79  ? 7.900   2.431   -0.047  1.00 10.94 ? 130 VAL A C   1 
ATOM   630  O O   . VAL A 1 79  ? 7.643   2.912   1.056   1.00 9.88  ? 130 VAL A O   1 
ATOM   631  C CB  . VAL A 1 79  ? 7.000   0.100   -0.579  1.00 9.43  ? 130 VAL A CB  1 
ATOM   632  C CG1 . VAL A 1 79  ? 6.953   -0.262  0.888   1.00 12.10 ? 130 VAL A CG1 1 
ATOM   633  C CG2 . VAL A 1 79  ? 5.867   -0.666  -1.253  1.00 8.61  ? 130 VAL A CG2 1 
ATOM   634  N N   . ASP A 1 80  ? 9.075   2.646   -0.644  1.00 11.42 ? 131 ASP A N   1 
ATOM   635  C CA  . ASP A 1 80  ? 10.103  3.463   -0.021  1.00 13.54 ? 131 ASP A CA  1 
ATOM   636  C C   . ASP A 1 80  ? 9.748   4.929   0.119   1.00 14.88 ? 131 ASP A C   1 
ATOM   637  O O   . ASP A 1 80  ? 10.388  5.643   0.890   1.00 13.17 ? 131 ASP A O   1 
ATOM   638  C CB  . ASP A 1 80  ? 11.440  3.349   -0.749  1.00 15.61 ? 131 ASP A CB  1 
ATOM   639  C CG  . ASP A 1 80  ? 12.261  2.120   -0.397  1.00 23.85 ? 131 ASP A CG  1 
ATOM   640  O OD1 . ASP A 1 80  ? 11.837  1.335   0.450   1.00 28.51 ? 131 ASP A OD1 1 
ATOM   641  O OD2 . ASP A 1 80  ? 13.332  1.944   -0.974  1.00 30.77 ? 131 ASP A OD2 1 
ATOM   642  N N   . LEU A 1 81  ? 8.746   5.408   -0.630  1.00 12.27 ? 132 LEU A N   1 
ATOM   643  C CA  . LEU A 1 81  ? 8.273   6.768   -0.438  1.00 11.60 ? 132 LEU A CA  1 
ATOM   644  C C   . LEU A 1 81  ? 7.458   6.920   0.834   1.00 11.43 ? 132 LEU A C   1 
ATOM   645  O O   . LEU A 1 81  ? 7.248   8.031   1.316   1.00 12.05 ? 132 LEU A O   1 
ATOM   646  C CB  . LEU A 1 81  ? 7.482   7.229   -1.645  1.00 6.04  ? 132 LEU A CB  1 
ATOM   647  C CG  . LEU A 1 81  ? 8.273   7.359   -2.937  1.00 11.40 ? 132 LEU A CG  1 
ATOM   648  C CD1 . LEU A 1 81  ? 7.326   7.595   -4.097  1.00 11.09 ? 132 LEU A CD1 1 
ATOM   649  C CD2 . LEU A 1 81  ? 9.342   8.447   -2.851  1.00 9.09  ? 132 LEU A CD2 1 
ATOM   650  N N   . HIS A 1 82  ? 6.944   5.823   1.390   1.00 11.59 ? 133 HIS A N   1 
ATOM   651  C CA  . HIS A 1 82  ? 6.122   5.866   2.585   1.00 12.50 ? 133 HIS A CA  1 
ATOM   652  C C   . HIS A 1 82  ? 7.022   5.944   3.814   1.00 13.45 ? 133 HIS A C   1 
ATOM   653  O O   . HIS A 1 82  ? 7.912   5.111   3.970   1.00 12.95 ? 133 HIS A O   1 
ATOM   654  C CB  . HIS A 1 82  ? 5.254   4.611   2.670   1.00 8.66  ? 133 HIS A CB  1 
ATOM   655  C CG  . HIS A 1 82  ? 4.007   4.625   1.787   1.00 8.28  ? 133 HIS A CG  1 
ATOM   656  N ND1 . HIS A 1 82  ? 2.800   5.089   2.106   1.00 8.43  ? 133 HIS A ND1 1 
ATOM   657  C CD2 . HIS A 1 82  ? 3.951   4.187   0.481   1.00 7.83  ? 133 HIS A CD2 1 
ATOM   658  C CE1 . HIS A 1 82  ? 2.026   4.961   1.060   1.00 9.62  ? 133 HIS A CE1 1 
ATOM   659  N NE2 . HIS A 1 82  ? 2.725   4.409   0.102   1.00 11.37 ? 133 HIS A NE2 1 
ATOM   660  N N   . GLU A 1 83  ? 6.822   6.935   4.681   1.00 13.29 ? 134 GLU A N   1 
ATOM   661  C CA  . GLU A 1 83  ? 7.614   7.071   5.899   1.00 15.36 ? 134 GLU A CA  1 
ATOM   662  C C   . GLU A 1 83  ? 6.901   6.393   7.055   1.00 14.44 ? 134 GLU A C   1 
ATOM   663  O O   . GLU A 1 83  ? 5.818   6.843   7.450   1.00 15.88 ? 134 GLU A O   1 
ATOM   664  C CB  . GLU A 1 83  ? 7.823   8.550   6.242   1.00 16.21 ? 134 GLU A CB  1 
ATOM   665  C CG  . GLU A 1 83  ? 8.615   9.359   5.215   1.00 26.94 ? 134 GLU A CG  1 
ATOM   666  C CD  . GLU A 1 83  ? 10.083  8.975   5.033   1.00 36.81 ? 134 GLU A CD  1 
ATOM   667  O OE1 . GLU A 1 83  ? 10.749  8.640   6.013   1.00 44.94 ? 134 GLU A OE1 1 
ATOM   668  O OE2 . GLU A 1 83  ? 10.568  9.029   3.899   1.00 42.30 ? 134 GLU A OE2 1 
ATOM   669  N N   . PHE A 1 84  ? 7.435   5.305   7.602   1.00 12.37 ? 135 PHE A N   1 
ATOM   670  C CA  . PHE A 1 84  ? 6.722   4.593   8.645   1.00 11.72 ? 135 PHE A CA  1 
ATOM   671  C C   . PHE A 1 84  ? 7.415   4.651   9.997   1.00 13.54 ? 135 PHE A C   1 
ATOM   672  O O   . PHE A 1 84  ? 6.959   3.978   10.926  1.00 14.10 ? 135 PHE A O   1 
ATOM   673  C CB  . PHE A 1 84  ? 6.498   3.129   8.274   1.00 12.23 ? 135 PHE A CB  1 
ATOM   674  C CG  . PHE A 1 84  ? 5.633   2.844   7.054   1.00 12.93 ? 135 PHE A CG  1 
ATOM   675  C CD1 . PHE A 1 84  ? 4.501   3.599   6.774   1.00 11.99 ? 135 PHE A CD1 1 
ATOM   676  C CD2 . PHE A 1 84  ? 5.973   1.775   6.249   1.00 11.46 ? 135 PHE A CD2 1 
ATOM   677  C CE1 . PHE A 1 84  ? 3.706   3.268   5.701   1.00 8.56  ? 135 PHE A CE1 1 
ATOM   678  C CE2 . PHE A 1 84  ? 5.172   1.455   5.179   1.00 10.81 ? 135 PHE A CE2 1 
ATOM   679  C CZ  . PHE A 1 84  ? 4.039   2.193   4.910   1.00 9.49  ? 135 PHE A CZ  1 
ATOM   680  N N   . THR A 1 85  ? 8.528   5.382   10.155  1.00 13.95 ? 136 THR A N   1 
ATOM   681  C CA  . THR A 1 85  ? 9.251   5.462   11.424  1.00 14.92 ? 136 THR A CA  1 
ATOM   682  C C   . THR A 1 85  ? 8.377   6.057   12.521  1.00 15.17 ? 136 THR A C   1 
ATOM   683  O O   . THR A 1 85  ? 7.753   7.105   12.330  1.00 14.83 ? 136 THR A O   1 
ATOM   684  C CB  . THR A 1 85  ? 10.514  6.328   11.258  1.00 16.34 ? 136 THR A CB  1 
ATOM   685  O OG1 . THR A 1 85  ? 11.246  5.723   10.194  1.00 21.93 ? 136 THR A OG1 1 
ATOM   686  C CG2 . THR A 1 85  ? 11.387  6.376   12.511  1.00 19.00 ? 136 THR A CG2 1 
ATOM   687  N N   . ASP A 1 86  ? 8.333   5.351   13.655  1.00 16.15 ? 137 ASP A N   1 
ATOM   688  C CA  . ASP A 1 86  ? 7.573   5.713   14.844  1.00 18.68 ? 137 ASP A CA  1 
ATOM   689  C C   . ASP A 1 86  ? 6.068   5.592   14.685  1.00 20.54 ? 137 ASP A C   1 
ATOM   690  O O   . ASP A 1 86  ? 5.321   6.078   15.542  1.00 23.44 ? 137 ASP A O   1 
ATOM   691  C CB  . ASP A 1 86  ? 7.934   7.106   15.381  1.00 23.41 ? 137 ASP A CB  1 
ATOM   692  C CG  . ASP A 1 86  ? 9.400   7.281   15.745  1.00 28.08 ? 137 ASP A CG  1 
ATOM   693  O OD1 . ASP A 1 86  ? 9.990   6.364   16.307  1.00 32.66 ? 137 ASP A OD1 1 
ATOM   694  O OD2 . ASP A 1 86  ? 9.956   8.339   15.463  1.00 37.42 ? 137 ASP A OD2 1 
ATOM   695  N N   . LEU A 1 87  ? 5.584   4.961   13.605  1.00 18.55 ? 138 LEU A N   1 
ATOM   696  C CA  . LEU A 1 87  ? 4.168   4.697   13.461  1.00 14.88 ? 138 LEU A CA  1 
ATOM   697  C C   . LEU A 1 87  ? 3.949   3.287   13.939  1.00 12.97 ? 138 LEU A C   1 
ATOM   698  O O   . LEU A 1 87  ? 4.814   2.424   13.775  1.00 14.79 ? 138 LEU A O   1 
ATOM   699  C CB  . LEU A 1 87  ? 3.683   4.819   12.019  1.00 15.64 ? 138 LEU A CB  1 
ATOM   700  C CG  . LEU A 1 87  ? 3.735   6.180   11.329  1.00 17.78 ? 138 LEU A CG  1 
ATOM   701  C CD1 . LEU A 1 87  ? 3.120   6.064   9.952   1.00 13.21 ? 138 LEU A CD1 1 
ATOM   702  C CD2 . LEU A 1 87  ? 2.993   7.270   12.093  1.00 16.83 ? 138 LEU A CD2 1 
ATOM   703  N N   . ASN A 1 88  ? 2.828   3.007   14.576  1.00 13.12 ? 139 ASN A N   1 
ATOM   704  C CA  . ASN A 1 88  ? 2.494   1.639   14.921  1.00 13.99 ? 139 ASN A CA  1 
ATOM   705  C C   . ASN A 1 88  ? 2.000   0.936   13.654  1.00 15.30 ? 139 ASN A C   1 
ATOM   706  O O   . ASN A 1 88  ? 1.723   1.602   12.644  1.00 15.62 ? 139 ASN A O   1 
ATOM   707  C CB  . ASN A 1 88  ? 1.486   1.547   16.093  1.00 14.78 ? 139 ASN A CB  1 
ATOM   708  C CG  . ASN A 1 88  ? 0.029   1.950   15.876  1.00 21.85 ? 139 ASN A CG  1 
ATOM   709  O OD1 . ASN A 1 88  ? -0.634  1.554   14.912  1.00 23.06 ? 139 ASN A OD1 1 
ATOM   710  N ND2 . ASN A 1 88  ? -0.546  2.713   16.792  1.00 22.03 ? 139 ASN A ND2 1 
ATOM   711  N N   . LEU A 1 89  ? 1.869   -0.393  13.647  1.00 12.01 ? 140 LEU A N   1 
ATOM   712  C CA  . LEU A 1 89  ? 1.477   -1.123  12.455  1.00 10.83 ? 140 LEU A CA  1 
ATOM   713  C C   . LEU A 1 89  ? 0.140   -0.678  11.882  1.00 12.18 ? 140 LEU A C   1 
ATOM   714  O O   . LEU A 1 89  ? 0.014   -0.607  10.661  1.00 10.26 ? 140 LEU A O   1 
ATOM   715  C CB  . LEU A 1 89  ? 1.436   -2.612  12.726  1.00 9.98  ? 140 LEU A CB  1 
ATOM   716  C CG  . LEU A 1 89  ? 1.159   -3.532  11.532  1.00 10.91 ? 140 LEU A CG  1 
ATOM   717  C CD1 . LEU A 1 89  ? 2.304   -3.440  10.547  1.00 10.18 ? 140 LEU A CD1 1 
ATOM   718  C CD2 . LEU A 1 89  ? 1.030   -4.972  11.977  1.00 7.82  ? 140 LEU A CD2 1 
ATOM   719  N N   . VAL A 1 90  ? -0.856  -0.328  12.713  1.00 13.12 ? 141 VAL A N   1 
ATOM   720  C CA  . VAL A 1 90  ? -2.150  0.097   12.200  1.00 12.74 ? 141 VAL A CA  1 
ATOM   721  C C   . VAL A 1 90  ? -2.017  1.449   11.519  1.00 12.04 ? 141 VAL A C   1 
ATOM   722  O O   . VAL A 1 90  ? -2.506  1.613   10.403  1.00 13.91 ? 141 VAL A O   1 
ATOM   723  C CB  . VAL A 1 90  ? -3.240  0.110   13.282  1.00 16.23 ? 141 VAL A CB  1 
ATOM   724  C CG1 . VAL A 1 90  ? -4.546  0.724   12.781  1.00 16.07 ? 141 VAL A CG1 1 
ATOM   725  C CG2 . VAL A 1 90  ? -3.540  -1.327  13.655  1.00 18.55 ? 141 VAL A CG2 1 
ATOM   726  N N   . GLN A 1 91  ? -1.331  2.411   12.133  1.00 11.85 ? 142 GLN A N   1 
ATOM   727  C CA  . GLN A 1 91  ? -1.132  3.726   11.537  1.00 11.31 ? 142 GLN A CA  1 
ATOM   728  C C   . GLN A 1 91  ? -0.459  3.617   10.177  1.00 11.38 ? 142 GLN A C   1 
ATOM   729  O O   . GLN A 1 91  ? -0.900  4.234   9.205   1.00 11.49 ? 142 GLN A O   1 
ATOM   730  C CB  . GLN A 1 91  ? -0.249  4.590   12.421  1.00 13.17 ? 142 GLN A CB  1 
ATOM   731  C CG  . GLN A 1 91  ? -0.800  4.961   13.788  1.00 18.62 ? 142 GLN A CG  1 
ATOM   732  C CD  . GLN A 1 91  ? 0.220   5.766   14.583  1.00 30.28 ? 142 GLN A CD  1 
ATOM   733  O OE1 . GLN A 1 91  ? 1.104   5.210   15.236  1.00 22.82 ? 142 GLN A OE1 1 
ATOM   734  N NE2 . GLN A 1 91  ? 0.179   7.089   14.508  1.00 38.20 ? 142 GLN A NE2 1 
ATOM   735  N N   . ALA A 1 92  ? 0.590   2.789   10.094  1.00 10.16 ? 143 ALA A N   1 
ATOM   736  C CA  . ALA A 1 92  ? 1.294   2.565   8.843   1.00 8.42  ? 143 ALA A CA  1 
ATOM   737  C C   . ALA A 1 92  ? 0.406   1.903   7.791   1.00 9.57  ? 143 ALA A C   1 
ATOM   738  O O   . ALA A 1 92  ? 0.432   2.277   6.611   1.00 9.35  ? 143 ALA A O   1 
ATOM   739  C CB  . ALA A 1 92  ? 2.507   1.673   9.108   1.00 6.73  ? 143 ALA A CB  1 
ATOM   740  N N   . LEU A 1 93  ? -0.416  0.929   8.194   1.00 9.22  ? 144 LEU A N   1 
ATOM   741  C CA  . LEU A 1 93  ? -1.359  0.284   7.300   1.00 9.90  ? 144 LEU A CA  1 
ATOM   742  C C   . LEU A 1 93  ? -2.423  1.239   6.810   1.00 10.63 ? 144 LEU A C   1 
ATOM   743  O O   . LEU A 1 93  ? -2.755  1.170   5.625   1.00 9.85  ? 144 LEU A O   1 
ATOM   744  C CB  . LEU A 1 93  ? -2.030  -0.954  7.919   1.00 9.93  ? 144 LEU A CB  1 
ATOM   745  C CG  . LEU A 1 93  ? -1.286  -2.301  7.860   1.00 13.74 ? 144 LEU A CG  1 
ATOM   746  C CD1 . LEU A 1 93  ? -1.972  -3.341  8.726   1.00 9.73  ? 144 LEU A CD1 1 
ATOM   747  C CD2 . LEU A 1 93  ? -1.186  -2.815  6.426   1.00 8.68  ? 144 LEU A CD2 1 
ATOM   748  N N   . ARG A 1 94  ? -2.943  2.148   7.641   1.00 8.89  ? 145 ARG A N   1 
ATOM   749  C CA  . ARG A 1 94  ? -3.943  3.109   7.207   1.00 7.95  ? 145 ARG A CA  1 
ATOM   750  C C   . ARG A 1 94  ? -3.395  3.948   6.071   1.00 8.80  ? 145 ARG A C   1 
ATOM   751  O O   . ARG A 1 94  ? -4.031  4.083   5.023   1.00 10.42 ? 145 ARG A O   1 
ATOM   752  C CB  . ARG A 1 94  ? -4.374  4.070   8.314   1.00 12.02 ? 145 ARG A CB  1 
ATOM   753  C CG  . ARG A 1 94  ? -5.113  3.446   9.485   1.00 13.56 ? 145 ARG A CG  1 
ATOM   754  C CD  . ARG A 1 94  ? -5.641  4.516   10.432  1.00 13.96 ? 145 ARG A CD  1 
ATOM   755  N NE  . ARG A 1 94  ? -6.080  3.914   11.678  1.00 11.53 ? 145 ARG A NE  1 
ATOM   756  C CZ  . ARG A 1 94  ? -7.224  3.246   11.795  1.00 10.88 ? 145 ARG A CZ  1 
ATOM   757  N NH1 . ARG A 1 94  ? -8.097  3.133   10.801  1.00 11.32 ? 145 ARG A NH1 1 
ATOM   758  N NH2 . ARG A 1 94  ? -7.484  2.655   12.951  1.00 16.05 ? 145 ARG A NH2 1 
ATOM   759  N N   . GLN A 1 95  ? -2.176  4.445   6.255   1.00 7.22  ? 146 GLN A N   1 
ATOM   760  C CA  . GLN A 1 95  ? -1.488  5.209   5.239   1.00 11.98 ? 146 GLN A CA  1 
ATOM   761  C C   . GLN A 1 95  ? -1.249  4.398   3.967   1.00 13.21 ? 146 GLN A C   1 
ATOM   762  O O   . GLN A 1 95  ? -1.547  4.856   2.857   1.00 12.75 ? 146 GLN A O   1 
ATOM   763  C CB  . GLN A 1 95  ? -0.195  5.661   5.882   1.00 16.77 ? 146 GLN A CB  1 
ATOM   764  C CG  . GLN A 1 95  ? 0.669   6.643   5.135   1.00 30.43 ? 146 GLN A CG  1 
ATOM   765  C CD  . GLN A 1 95  ? 1.817   7.111   6.014   1.00 32.32 ? 146 GLN A CD  1 
ATOM   766  O OE1 . GLN A 1 95  ? 1.653   7.407   7.195   1.00 27.25 ? 146 GLN A OE1 1 
ATOM   767  N NE2 . GLN A 1 95  ? 3.013   7.250   5.466   1.00 34.14 ? 146 GLN A NE2 1 
ATOM   768  N N   . PHE A 1 96  ? -0.743  3.170   4.063   1.00 10.70 ? 147 PHE A N   1 
ATOM   769  C CA  . PHE A 1 96  ? -0.432  2.376   2.888   1.00 11.77 ? 147 PHE A CA  1 
ATOM   770  C C   . PHE A 1 96  ? -1.670  1.980   2.079   1.00 12.83 ? 147 PHE A C   1 
ATOM   771  O O   . PHE A 1 96  ? -1.727  2.156   0.851   1.00 12.50 ? 147 PHE A O   1 
ATOM   772  C CB  . PHE A 1 96  ? 0.371   1.157   3.323   1.00 9.99  ? 147 PHE A CB  1 
ATOM   773  C CG  . PHE A 1 96  ? 0.832   0.254   2.189   1.00 12.47 ? 147 PHE A CG  1 
ATOM   774  C CD1 . PHE A 1 96  ? 1.863   0.664   1.370   1.00 10.32 ? 147 PHE A CD1 1 
ATOM   775  C CD2 . PHE A 1 96  ? 0.273   -1.005  2.045   1.00 8.98  ? 147 PHE A CD2 1 
ATOM   776  C CE1 . PHE A 1 96  ? 2.369   -0.217  0.443   1.00 13.93 ? 147 PHE A CE1 1 
ATOM   777  C CE2 . PHE A 1 96  ? 0.790   -1.879  1.114   1.00 13.59 ? 147 PHE A CE2 1 
ATOM   778  C CZ  . PHE A 1 96  ? 1.848   -1.490  0.327   1.00 10.30 ? 147 PHE A CZ  1 
ATOM   779  N N   . LEU A 1 97  ? -2.696  1.499   2.775   1.00 12.19 ? 148 LEU A N   1 
ATOM   780  C CA  . LEU A 1 97  ? -3.911  1.053   2.125   1.00 13.48 ? 148 LEU A CA  1 
ATOM   781  C C   . LEU A 1 97  ? -4.758  2.196   1.582   1.00 13.83 ? 148 LEU A C   1 
ATOM   782  O O   . LEU A 1 97  ? -5.700  1.951   0.825   1.00 14.34 ? 148 LEU A O   1 
ATOM   783  C CB  . LEU A 1 97  ? -4.718  0.179   3.068   1.00 16.22 ? 148 LEU A CB  1 
ATOM   784  C CG  . LEU A 1 97  ? -4.032  -1.105  3.533   1.00 18.71 ? 148 LEU A CG  1 
ATOM   785  C CD1 . LEU A 1 97  ? -4.789  -1.733  4.688   1.00 18.31 ? 148 LEU A CD1 1 
ATOM   786  C CD2 . LEU A 1 97  ? -3.879  -2.071  2.371   1.00 18.09 ? 148 LEU A CD2 1 
ATOM   787  N N   . TRP A 1 98  ? -4.461  3.449   1.946   1.00 12.70 ? 149 TRP A N   1 
ATOM   788  C CA  . TRP A 1 98  ? -5.101  4.592   1.306   1.00 13.61 ? 149 TRP A CA  1 
ATOM   789  C C   . TRP A 1 98  ? -4.424  4.926   -0.022  1.00 14.89 ? 149 TRP A C   1 
ATOM   790  O O   . TRP A 1 98  ? -5.106  5.405   -0.926  1.00 15.05 ? 149 TRP A O   1 
ATOM   791  C CB  . TRP A 1 98  ? -5.151  5.803   2.273   1.00 10.73 ? 149 TRP A CB  1 
ATOM   792  C CG  . TRP A 1 98  ? -6.041  6.975   1.849   1.00 18.23 ? 149 TRP A CG  1 
ATOM   793  C CD1 . TRP A 1 98  ? -5.470  8.187   1.576   1.00 21.16 ? 149 TRP A CD1 1 
ATOM   794  C CD2 . TRP A 1 98  ? -7.409  6.970   1.610   1.00 18.10 ? 149 TRP A CD2 1 
ATOM   795  N NE1 . TRP A 1 98  ? -6.447  8.946   1.144   1.00 21.10 ? 149 TRP A NE1 1 
ATOM   796  C CE2 . TRP A 1 98  ? -7.606  8.271   1.155   1.00 22.52 ? 149 TRP A CE2 1 
ATOM   797  C CE3 . TRP A 1 98  ? -8.489  6.108   1.697   1.00 20.84 ? 149 TRP A CE3 1 
ATOM   798  C CZ2 . TRP A 1 98  ? -8.865  8.713   0.779   1.00 22.19 ? 149 TRP A CZ2 1 
ATOM   799  C CZ3 . TRP A 1 98  ? -9.751  6.551   1.323   1.00 19.70 ? 149 TRP A CZ3 1 
ATOM   800  C CH2 . TRP A 1 98  ? -9.933  7.840   0.865   1.00 21.32 ? 149 TRP A CH2 1 
ATOM   801  N N   . SER A 1 99  ? -3.134  4.661   -0.255  1.00 13.43 ? 150 SER A N   1 
ATOM   802  C CA  . SER A 1 99  ? -2.465  5.160   -1.452  1.00 11.65 ? 150 SER A CA  1 
ATOM   803  C C   . SER A 1 99  ? -2.805  4.466   -2.764  1.00 11.66 ? 150 SER A C   1 
ATOM   804  O O   . SER A 1 99  ? -2.439  4.932   -3.845  1.00 12.54 ? 150 SER A O   1 
ATOM   805  C CB  . SER A 1 99  ? -0.962  5.189   -1.229  1.00 10.87 ? 150 SER A CB  1 
ATOM   806  O OG  . SER A 1 99  ? -0.406  3.987   -0.697  1.00 18.70 ? 150 SER A OG  1 
ATOM   807  N N   . PHE A 1 100 ? -3.507  3.342   -2.694  1.00 9.10  ? 151 PHE A N   1 
ATOM   808  C CA  . PHE A 1 100 ? -3.896  2.566   -3.854  1.00 11.97 ? 151 PHE A CA  1 
ATOM   809  C C   . PHE A 1 100 ? -4.901  1.540   -3.372  1.00 12.47 ? 151 PHE A C   1 
ATOM   810  O O   . PHE A 1 100 ? -5.038  1.318   -2.170  1.00 13.15 ? 151 PHE A O   1 
ATOM   811  C CB  . PHE A 1 100 ? -2.694  1.851   -4.500  1.00 16.74 ? 151 PHE A CB  1 
ATOM   812  C CG  . PHE A 1 100 ? -2.036  0.717   -3.711  1.00 23.41 ? 151 PHE A CG  1 
ATOM   813  C CD1 . PHE A 1 100 ? -1.269  0.986   -2.592  1.00 22.37 ? 151 PHE A CD1 1 
ATOM   814  C CD2 . PHE A 1 100 ? -2.190  -0.589  -4.139  1.00 22.77 ? 151 PHE A CD2 1 
ATOM   815  C CE1 . PHE A 1 100 ? -0.665  -0.048  -1.915  1.00 22.16 ? 151 PHE A CE1 1 
ATOM   816  C CE2 . PHE A 1 100 ? -1.578  -1.613  -3.455  1.00 24.12 ? 151 PHE A CE2 1 
ATOM   817  C CZ  . PHE A 1 100 ? -0.812  -1.343  -2.345  1.00 26.30 ? 151 PHE A CZ  1 
ATOM   818  N N   . ARG A 1 101 ? -5.593  0.879   -4.275  1.00 13.55 ? 152 ARG A N   1 
ATOM   819  C CA  . ARG A 1 101 ? -6.560  -0.139  -3.913  1.00 14.37 ? 152 ARG A CA  1 
ATOM   820  C C   . ARG A 1 101 ? -5.899  -1.456  -4.280  1.00 14.48 ? 152 ARG A C   1 
ATOM   821  O O   . ARG A 1 101 ? -5.383  -1.591  -5.402  1.00 14.01 ? 152 ARG A O   1 
ATOM   822  C CB  . ARG A 1 101 ? -7.794  0.138   -4.751  1.00 19.77 ? 152 ARG A CB  1 
ATOM   823  C CG  . ARG A 1 101 ? -9.129  -0.482  -4.407  1.00 32.46 ? 152 ARG A CG  1 
ATOM   824  C CD  . ARG A 1 101 ? -9.347  -1.855  -5.029  1.00 54.16 ? 152 ARG A CD  1 
ATOM   825  N NE  . ARG A 1 101 ? -10.761 -2.086  -5.304  1.00 70.24 ? 152 ARG A NE  1 
ATOM   826  C CZ  . ARG A 1 101 ? -11.675 -2.306  -4.349  1.00 78.48 ? 152 ARG A CZ  1 
ATOM   827  N NH1 . ARG A 1 101 ? -11.351 -2.427  -3.059  1.00 82.31 ? 152 ARG A NH1 1 
ATOM   828  N NH2 . ARG A 1 101 ? -12.957 -2.372  -4.697  1.00 85.11 ? 152 ARG A NH2 1 
ATOM   829  N N   . LEU A 1 102 ? -5.888  -2.423  -3.363  1.00 16.11 ? 153 LEU A N   1 
ATOM   830  C CA  . LEU A 1 102 ? -5.270  -3.723  -3.594  1.00 18.43 ? 153 LEU A CA  1 
ATOM   831  C C   . LEU A 1 102 ? -5.949  -4.483  -4.715  1.00 19.96 ? 153 LEU A C   1 
ATOM   832  O O   . LEU A 1 102 ? -7.183  -4.503  -4.781  1.00 22.09 ? 153 LEU A O   1 
ATOM   833  C CB  . LEU A 1 102 ? -5.335  -4.623  -2.365  1.00 16.69 ? 153 LEU A CB  1 
ATOM   834  C CG  . LEU A 1 102 ? -4.471  -4.279  -1.166  1.00 19.26 ? 153 LEU A CG  1 
ATOM   835  C CD1 . LEU A 1 102 ? -4.864  -5.169  -0.004  1.00 22.58 ? 153 LEU A CD1 1 
ATOM   836  C CD2 . LEU A 1 102 ? -2.996  -4.443  -1.465  1.00 17.61 ? 153 LEU A CD2 1 
ATOM   837  N N   . PRO A 1 103 ? -5.190  -5.122  -5.610  1.00 19.82 ? 154 PRO A N   1 
ATOM   838  C CA  . PRO A 1 103 ? -5.733  -5.972  -6.656  1.00 19.46 ? 154 PRO A CA  1 
ATOM   839  C C   . PRO A 1 103 ? -6.454  -7.156  -6.031  1.00 20.45 ? 154 PRO A C   1 
ATOM   840  O O   . PRO A 1 103 ? -6.257  -7.483  -4.857  1.00 19.14 ? 154 PRO A O   1 
ATOM   841  C CB  . PRO A 1 103 ? -4.491  -6.455  -7.364  1.00 20.79 ? 154 PRO A CB  1 
ATOM   842  C CG  . PRO A 1 103 ? -3.480  -5.374  -7.118  1.00 22.18 ? 154 PRO A CG  1 
ATOM   843  C CD  . PRO A 1 103 ? -3.737  -5.072  -5.666  1.00 17.16 ? 154 PRO A CD  1 
ATOM   844  N N   . GLY A 1 104 ? -7.265  -7.853  -6.811  1.00 22.19 ? 155 GLY A N   1 
ATOM   845  C CA  . GLY A 1 104 ? -7.942  -9.040  -6.319  1.00 23.67 ? 155 GLY A CA  1 
ATOM   846  C C   . GLY A 1 104 ? -7.020  -10.255 -6.277  1.00 23.24 ? 155 GLY A C   1 
ATOM   847  O O   . GLY A 1 104 ? -7.180  -11.136 -5.439  1.00 27.62 ? 155 GLY A O   1 
ATOM   848  N N   . GLU A 1 105 ? -6.022  -10.357 -7.152  1.00 20.95 ? 156 GLU A N   1 
ATOM   849  C CA  . GLU A 1 105 ? -5.234  -11.572 -7.287  1.00 19.00 ? 156 GLU A CA  1 
ATOM   850  C C   . GLU A 1 105 ? -4.278  -11.727 -6.123  1.00 19.01 ? 156 GLU A C   1 
ATOM   851  O O   . GLU A 1 105 ? -3.397  -10.890 -5.874  1.00 18.30 ? 156 GLU A O   1 
ATOM   852  C CB  . GLU A 1 105 ? -4.431  -11.577 -8.582  1.00 23.42 ? 156 GLU A CB  1 
ATOM   853  C CG  . GLU A 1 105 ? -5.204  -11.507 -9.906  1.00 35.36 ? 156 GLU A CG  1 
ATOM   854  C CD  . GLU A 1 105 ? -5.985  -10.223 -10.209 1.00 43.29 ? 156 GLU A CD  1 
ATOM   855  O OE1 . GLU A 1 105 ? -5.529  -9.124  -9.881  1.00 40.76 ? 156 GLU A OE1 1 
ATOM   856  O OE2 . GLU A 1 105 ? -7.067  -10.329 -10.786 1.00 52.73 ? 156 GLU A OE2 1 
ATOM   857  N N   . ALA A 1 106 ? -4.439  -12.853 -5.435  1.00 18.23 ? 157 ALA A N   1 
ATOM   858  C CA  . ALA A 1 106 ? -3.640  -13.209 -4.274  1.00 17.16 ? 157 ALA A CA  1 
ATOM   859  C C   . ALA A 1 106 ? -2.145  -13.076 -4.468  1.00 16.86 ? 157 ALA A C   1 
ATOM   860  O O   . ALA A 1 106 ? -1.449  -12.598 -3.578  1.00 19.32 ? 157 ALA A O   1 
ATOM   861  C CB  . ALA A 1 106 ? -3.902  -14.652 -3.882  1.00 13.87 ? 157 ALA A CB  1 
ATOM   862  N N   . GLN A 1 107 ? -1.592  -13.421 -5.623  1.00 16.94 ? 158 GLN A N   1 
ATOM   863  C CA  . GLN A 1 107 ? -0.146  -13.310 -5.804  1.00 21.61 ? 158 GLN A CA  1 
ATOM   864  C C   . GLN A 1 107 ? 0.368   -11.857 -5.854  1.00 17.38 ? 158 GLN A C   1 
ATOM   865  O O   . GLN A 1 107 ? 1.479   -11.556 -5.402  1.00 14.44 ? 158 GLN A O   1 
ATOM   866  C CB  . GLN A 1 107 ? 0.385   -14.196 -6.968  1.00 28.78 ? 158 GLN A CB  1 
ATOM   867  C CG  . GLN A 1 107 ? -0.196  -14.067 -8.392  1.00 41.26 ? 158 GLN A CG  1 
ATOM   868  C CD  . GLN A 1 107 ? -1.644  -14.504 -8.602  1.00 51.55 ? 158 GLN A CD  1 
ATOM   869  O OE1 . GLN A 1 107 ? -2.394  -13.849 -9.314  1.00 55.66 ? 158 GLN A OE1 1 
ATOM   870  N NE2 . GLN A 1 107 ? -2.171  -15.559 -7.992  1.00 55.41 ? 158 GLN A NE2 1 
ATOM   871  N N   . LYS A 1 108 ? -0.486  -10.934 -6.298  1.00 15.03 ? 159 LYS A N   1 
ATOM   872  C CA  . LYS A 1 108 ? -0.119  -9.536  -6.405  1.00 14.23 ? 159 LYS A CA  1 
ATOM   873  C C   . LYS A 1 108 ? -0.157  -8.932  -5.019  1.00 13.94 ? 159 LYS A C   1 
ATOM   874  O O   . LYS A 1 108 ? 0.790   -8.260  -4.608  1.00 13.88 ? 159 LYS A O   1 
ATOM   875  C CB  . LYS A 1 108 ? -1.094  -8.814  -7.312  1.00 14.91 ? 159 LYS A CB  1 
ATOM   876  C CG  . LYS A 1 108 ? -1.069  -9.362  -8.739  1.00 19.42 ? 159 LYS A CG  1 
ATOM   877  C CD  . LYS A 1 108 ? -2.060  -8.634  -9.636  1.00 25.07 ? 159 LYS A CD  1 
ATOM   878  C CE  . LYS A 1 108 ? -2.171  -9.335  -10.995 1.00 30.31 ? 159 LYS A CE  1 
ATOM   879  N NZ  . LYS A 1 108 ? -0.944  -9.207  -11.757 1.00 36.43 ? 159 LYS A NZ  1 
ATOM   880  N N   . ILE A 1 109 ? -1.213  -9.247  -4.259  1.00 12.75 ? 160 ILE A N   1 
ATOM   881  C CA  . ILE A 1 109 ? -1.336  -8.802  -2.868  1.00 12.39 ? 160 ILE A CA  1 
ATOM   882  C C   . ILE A 1 109 ? -0.145  -9.294  -2.047  1.00 11.85 ? 160 ILE A C   1 
ATOM   883  O O   . ILE A 1 109 ? 0.445   -8.527  -1.284  1.00 12.85 ? 160 ILE A O   1 
ATOM   884  C CB  . ILE A 1 109 ? -2.650  -9.298  -2.211  1.00 10.21 ? 160 ILE A CB  1 
ATOM   885  C CG1 . ILE A 1 109 ? -3.871  -8.834  -2.968  1.00 13.07 ? 160 ILE A CG1 1 
ATOM   886  C CG2 . ILE A 1 109 ? -2.739  -8.871  -0.737  1.00 11.29 ? 160 ILE A CG2 1 
ATOM   887  C CD1 . ILE A 1 109 ? -5.169  -9.424  -2.394  1.00 19.68 ? 160 ILE A CD1 1 
ATOM   888  N N   . ASP A 1 110 ? 0.242   -10.566 -2.201  1.00 11.81 ? 161 ASP A N   1 
ATOM   889  C CA  . ASP A 1 110 ? 1.402   -11.107 -1.517  1.00 11.93 ? 161 ASP A CA  1 
ATOM   890  C C   . ASP A 1 110 ? 2.659   -10.278 -1.774  1.00 11.70 ? 161 ASP A C   1 
ATOM   891  O O   . ASP A 1 110 ? 3.328   -9.916  -0.804  1.00 12.54 ? 161 ASP A O   1 
ATOM   892  C CB  . ASP A 1 110 ? 1.604   -12.586 -1.888  1.00 15.69 ? 161 ASP A CB  1 
ATOM   893  C CG  . ASP A 1 110 ? 2.882   -13.221 -1.333  1.00 16.55 ? 161 ASP A CG  1 
ATOM   894  O OD1 . ASP A 1 110 ? 3.070   -13.267 -0.120  1.00 20.96 ? 161 ASP A OD1 1 
ATOM   895  O OD2 . ASP A 1 110 ? 3.714   -13.646 -2.126  1.00 26.07 ? 161 ASP A OD2 1 
ATOM   896  N N   . ARG A 1 111 ? 2.985   -9.924  -3.023  1.00 11.53 ? 162 ARG A N   1 
ATOM   897  C CA  . ARG A 1 111 ? 4.149   -9.089  -3.303  1.00 12.55 ? 162 ARG A CA  1 
ATOM   898  C C   . ARG A 1 111 ? 4.063   -7.726  -2.633  1.00 13.00 ? 162 ARG A C   1 
ATOM   899  O O   . ARG A 1 111 ? 5.036   -7.216  -2.071  1.00 13.27 ? 162 ARG A O   1 
ATOM   900  C CB  . ARG A 1 111 ? 4.329   -8.824  -4.791  1.00 14.52 ? 162 ARG A CB  1 
ATOM   901  C CG  . ARG A 1 111 ? 4.845   -10.022 -5.550  1.00 17.62 ? 162 ARG A CG  1 
ATOM   902  C CD  . ARG A 1 111 ? 5.244   -9.618  -6.960  1.00 20.59 ? 162 ARG A CD  1 
ATOM   903  N NE  . ARG A 1 111 ? 4.114   -9.285  -7.809  1.00 16.54 ? 162 ARG A NE  1 
ATOM   904  C CZ  . ARG A 1 111 ? 3.477   -10.208 -8.524  1.00 19.03 ? 162 ARG A CZ  1 
ATOM   905  N NH1 . ARG A 1 111 ? 3.818   -11.494 -8.490  1.00 21.71 ? 162 ARG A NH1 1 
ATOM   906  N NH2 . ARG A 1 111 ? 2.472   -9.836  -9.302  1.00 18.27 ? 162 ARG A NH2 1 
ATOM   907  N N   . MET A 1 112 ? 2.882   -7.124  -2.676  1.00 11.63 ? 163 MET A N   1 
ATOM   908  C CA  . MET A 1 112 ? 2.675   -5.803  -2.107  1.00 11.14 ? 163 MET A CA  1 
ATOM   909  C C   . MET A 1 112 ? 2.809   -5.806  -0.590  1.00 11.15 ? 163 MET A C   1 
ATOM   910  O O   . MET A 1 112 ? 3.468   -4.938  -0.019  1.00 11.37 ? 163 MET A O   1 
ATOM   911  C CB  . MET A 1 112 ? 1.313   -5.293  -2.533  1.00 8.26  ? 163 MET A CB  1 
ATOM   912  C CG  . MET A 1 112 ? 1.308   -5.156  -4.037  1.00 10.64 ? 163 MET A CG  1 
ATOM   913  S SD  . MET A 1 112 ? -0.378  -4.875  -4.574  1.00 19.83 ? 163 MET A SD  1 
ATOM   914  C CE  . MET A 1 112 ? -0.066  -3.855  -5.964  1.00 22.15 ? 163 MET A CE  1 
ATOM   915  N N   . MET A 1 113 ? 2.242   -6.808  0.084   1.00 10.98 ? 164 MET A N   1 
ATOM   916  C CA  . MET A 1 113 ? 2.291   -6.880  1.531   1.00 10.40 ? 164 MET A CA  1 
ATOM   917  C C   . MET A 1 113 ? 3.660   -7.260  2.039   1.00 9.40  ? 164 MET A C   1 
ATOM   918  O O   . MET A 1 113 ? 4.089   -6.785  3.087   1.00 9.05  ? 164 MET A O   1 
ATOM   919  C CB  . MET A 1 113 ? 1.251   -7.832  2.085   1.00 8.53  ? 164 MET A CB  1 
ATOM   920  C CG  . MET A 1 113 ? -0.174  -7.298  1.932   1.00 21.55 ? 164 MET A CG  1 
ATOM   921  S SD  . MET A 1 113 ? -0.522  -5.665  2.654   1.00 23.36 ? 164 MET A SD  1 
ATOM   922  C CE  . MET A 1 113 ? 0.021   -5.934  4.310   1.00 9.79  ? 164 MET A CE  1 
ATOM   923  N N   . GLU A 1 114 ? 4.390   -8.088  1.291   1.00 10.97 ? 165 GLU A N   1 
ATOM   924  C CA  . GLU A 1 114 ? 5.777   -8.396  1.609   1.00 9.65  ? 165 GLU A CA  1 
ATOM   925  C C   . GLU A 1 114 ? 6.614   -7.132  1.556   1.00 9.09  ? 165 GLU A C   1 
ATOM   926  O O   . GLU A 1 114 ? 7.414   -6.869  2.464   1.00 10.27 ? 165 GLU A O   1 
ATOM   927  C CB  . GLU A 1 114 ? 6.320   -9.423  0.614   1.00 11.84 ? 165 GLU A CB  1 
ATOM   928  C CG  . GLU A 1 114 ? 7.756   -9.891  0.876   1.00 13.69 ? 165 GLU A CG  1 
ATOM   929  C CD  . GLU A 1 114 ? 8.017   -10.639 2.179   1.00 15.70 ? 165 GLU A CD  1 
ATOM   930  O OE1 . GLU A 1 114 ? 7.153   -11.371 2.646   1.00 26.00 ? 165 GLU A OE1 1 
ATOM   931  O OE2 . GLU A 1 114 ? 9.102   -10.494 2.728   1.00 24.43 ? 165 GLU A OE2 1 
ATOM   932  N N   . ALA A 1 115 ? 6.422   -6.312  0.520   1.00 9.25  ? 166 ALA A N   1 
ATOM   933  C CA  . ALA A 1 115 ? 7.164   -5.064  0.398   1.00 10.77 ? 166 ALA A CA  1 
ATOM   934  C C   . ALA A 1 115 ? 6.820   -4.103  1.531   1.00 8.70  ? 166 ALA A C   1 
ATOM   935  O O   . ALA A 1 115 ? 7.707   -3.457  2.094   1.00 10.08 ? 166 ALA A O   1 
ATOM   936  C CB  . ALA A 1 115 ? 6.886   -4.392  -0.954  1.00 9.99  ? 166 ALA A CB  1 
ATOM   937  N N   . PHE A 1 116 ? 5.547   -4.018  1.912   1.00 8.70  ? 167 PHE A N   1 
ATOM   938  C CA  . PHE A 1 116 ? 5.125   -3.251  3.075   1.00 7.83  ? 167 PHE A CA  1 
ATOM   939  C C   . PHE A 1 116 ? 5.833   -3.755  4.330   1.00 7.51  ? 167 PHE A C   1 
ATOM   940  O O   . PHE A 1 116 ? 6.412   -2.968  5.065   1.00 8.10  ? 167 PHE A O   1 
ATOM   941  C CB  . PHE A 1 116 ? 3.596   -3.364  3.230   1.00 6.58  ? 167 PHE A CB  1 
ATOM   942  C CG  . PHE A 1 116 ? 3.060   -2.791  4.534   1.00 6.30  ? 167 PHE A CG  1 
ATOM   943  C CD1 . PHE A 1 116 ? 2.875   -1.430  4.663   1.00 6.18  ? 167 PHE A CD1 1 
ATOM   944  C CD2 . PHE A 1 116 ? 2.864   -3.633  5.619   1.00 6.98  ? 167 PHE A CD2 1 
ATOM   945  C CE1 . PHE A 1 116 ? 2.554   -0.898  5.896   1.00 8.15  ? 167 PHE A CE1 1 
ATOM   946  C CE2 . PHE A 1 116 ? 2.555   -3.095  6.851   1.00 9.41  ? 167 PHE A CE2 1 
ATOM   947  C CZ  . PHE A 1 116 ? 2.416   -1.726  6.988   1.00 8.52  ? 167 PHE A CZ  1 
ATOM   948  N N   . ALA A 1 117 ? 5.807   -5.059  4.594   1.00 9.76  ? 168 ALA A N   1 
ATOM   949  C CA  . ALA A 1 117 ? 6.355   -5.624  5.812   1.00 9.64  ? 168 ALA A CA  1 
ATOM   950  C C   . ALA A 1 117 ? 7.829   -5.299  5.932   1.00 11.34 ? 168 ALA A C   1 
ATOM   951  O O   . ALA A 1 117 ? 8.282   -4.868  6.990   1.00 11.48 ? 168 ALA A O   1 
ATOM   952  C CB  . ALA A 1 117 ? 6.181   -7.133  5.787   1.00 9.06  ? 168 ALA A CB  1 
ATOM   953  N N   . GLN A 1 118 ? 8.557   -5.423  4.816   1.00 11.36 ? 169 GLN A N   1 
ATOM   954  C CA  . GLN A 1 118 ? 9.975   -5.095  4.779   1.00 13.95 ? 169 GLN A CA  1 
ATOM   955  C C   . GLN A 1 118 ? 10.204  -3.629  5.126   1.00 11.12 ? 169 GLN A C   1 
ATOM   956  O O   . GLN A 1 118 ? 11.063  -3.323  5.947   1.00 10.50 ? 169 GLN A O   1 
ATOM   957  C CB  . GLN A 1 118 ? 10.578  -5.406  3.412   1.00 14.37 ? 169 GLN A CB  1 
ATOM   958  C CG  . GLN A 1 118 ? 10.658  -6.883  3.047   1.00 25.27 ? 169 GLN A CG  1 
ATOM   959  C CD  . GLN A 1 118 ? 11.731  -7.685  3.775   1.00 41.44 ? 169 GLN A CD  1 
ATOM   960  O OE1 . GLN A 1 118 ? 12.709  -7.171  4.317   1.00 49.58 ? 169 GLN A OE1 1 
ATOM   961  N NE2 . GLN A 1 118 ? 11.595  -9.001  3.808   1.00 45.11 ? 169 GLN A NE2 1 
ATOM   962  N N   . ARG A 1 119 ? 9.394   -2.714  4.585   1.00 11.67 ? 170 ARG A N   1 
ATOM   963  C CA  . ARG A 1 119 ? 9.555   -1.288  4.842   1.00 11.74 ? 170 ARG A CA  1 
ATOM   964  C C   . ARG A 1 119 ? 9.247   -0.985  6.302   1.00 11.28 ? 170 ARG A C   1 
ATOM   965  O O   . ARG A 1 119 ? 10.028  -0.316  6.986   1.00 12.36 ? 170 ARG A O   1 
ATOM   966  C CB  . ARG A 1 119 ? 8.615   -0.465  3.969   1.00 10.13 ? 170 ARG A CB  1 
ATOM   967  C CG  . ARG A 1 119 ? 9.303   0.696   3.302   1.00 14.87 ? 170 ARG A CG  1 
ATOM   968  C CD  . ARG A 1 119 ? 9.481   1.984   4.045   1.00 15.09 ? 170 ARG A CD  1 
ATOM   969  N NE  . ARG A 1 119 ? 10.717  2.527   3.533   1.00 20.34 ? 170 ARG A NE  1 
ATOM   970  C CZ  . ARG A 1 119 ? 11.252  3.705   3.844   1.00 18.44 ? 170 ARG A CZ  1 
ATOM   971  N NH1 . ARG A 1 119 ? 10.593  4.725   4.375   1.00 23.79 ? 170 ARG A NH1 1 
ATOM   972  N NH2 . ARG A 1 119 ? 12.564  3.812   3.695   1.00 30.50 ? 170 ARG A NH2 1 
ATOM   973  N N   . TYR A 1 120 ? 8.129   -1.489  6.828   1.00 10.64 ? 171 TYR A N   1 
ATOM   974  C CA  . TYR A 1 120 ? 7.762   -1.259  8.214   1.00 9.06  ? 171 TYR A CA  1 
ATOM   975  C C   . TYR A 1 120 ? 8.882   -1.722  9.146   1.00 11.31 ? 171 TYR A C   1 
ATOM   976  O O   . TYR A 1 120 ? 9.264   -0.946  10.029  1.00 11.33 ? 171 TYR A O   1 
ATOM   977  C CB  . TYR A 1 120 ? 6.427   -1.929  8.569   1.00 9.26  ? 171 TYR A CB  1 
ATOM   978  C CG  . TYR A 1 120 ? 5.969   -1.564  9.976   1.00 11.46 ? 171 TYR A CG  1 
ATOM   979  C CD1 . TYR A 1 120 ? 5.276   -0.385  10.185  1.00 11.89 ? 171 TYR A CD1 1 
ATOM   980  C CD2 . TYR A 1 120 ? 6.367   -2.343  11.057  1.00 13.43 ? 171 TYR A CD2 1 
ATOM   981  C CE1 . TYR A 1 120 ? 5.049   0.043   11.481  1.00 12.84 ? 171 TYR A CE1 1 
ATOM   982  C CE2 . TYR A 1 120 ? 6.149   -1.914  12.345  1.00 12.12 ? 171 TYR A CE2 1 
ATOM   983  C CZ  . TYR A 1 120 ? 5.509   -0.718  12.540  1.00 11.33 ? 171 TYR A CZ  1 
ATOM   984  O OH  . TYR A 1 120 ? 5.353   -0.275  13.832  1.00 10.25 ? 171 TYR A OH  1 
ATOM   985  N N   . CYS A 1 121 ? 9.456   -2.915  8.954   1.00 11.90 ? 172 CYS A N   1 
ATOM   986  C CA  . CYS A 1 121 ? 10.522  -3.414  9.816   1.00 14.02 ? 172 CYS A CA  1 
ATOM   987  C C   . CYS A 1 121 ? 11.818  -2.616  9.720   1.00 15.11 ? 172 CYS A C   1 
ATOM   988  O O   . CYS A 1 121 ? 12.423  -2.296  10.745  1.00 17.14 ? 172 CYS A O   1 
ATOM   989  C CB  . CYS A 1 121 ? 10.790  -4.882  9.538   1.00 12.35 ? 172 CYS A CB  1 
ATOM   990  S SG  . CYS A 1 121 ? 9.378   -5.891  10.042  1.00 15.03 ? 172 CYS A SG  1 
ATOM   991  N N   . LEU A 1 122 ? 12.232  -2.212  8.517   1.00 15.36 ? 173 LEU A N   1 
ATOM   992  C CA  . LEU A 1 122 ? 13.395  -1.361  8.286   1.00 15.59 ? 173 LEU A CA  1 
ATOM   993  C C   . LEU A 1 122 ? 13.217  -0.011  8.973   1.00 16.64 ? 173 LEU A C   1 
ATOM   994  O O   . LEU A 1 122 ? 14.153  0.524   9.567   1.00 17.67 ? 173 LEU A O   1 
ATOM   995  C CB  . LEU A 1 122 ? 13.485  -1.150  6.777   1.00 16.80 ? 173 LEU A CB  1 
ATOM   996  C CG  . LEU A 1 122 ? 14.769  -1.078  5.986   1.00 24.57 ? 173 LEU A CG  1 
ATOM   997  C CD1 . LEU A 1 122 ? 15.516  0.214   6.250   1.00 25.68 ? 173 LEU A CD1 1 
ATOM   998  C CD2 . LEU A 1 122 ? 15.602  -2.319  6.245   1.00 30.02 ? 173 LEU A CD2 1 
ATOM   999  N N   . CYS A 1 123 ? 12.020  0.573   8.889   1.00 15.93 ? 174 CYS A N   1 
ATOM   1000 C CA  . CYS A 1 123 ? 11.712  1.829   9.542   1.00 15.61 ? 174 CYS A CA  1 
ATOM   1001 C C   . CYS A 1 123 ? 11.561  1.721   11.050  1.00 17.19 ? 174 CYS A C   1 
ATOM   1002 O O   . CYS A 1 123 ? 11.691  2.740   11.728  1.00 18.86 ? 174 CYS A O   1 
ATOM   1003 C CB  . CYS A 1 123 ? 10.411  2.407   9.006   1.00 10.29 ? 174 CYS A CB  1 
ATOM   1004 S SG  . CYS A 1 123 ? 10.495  3.052   7.328   1.00 15.01 ? 174 CYS A SG  1 
ATOM   1005 N N   . ASN A 1 124 ? 11.247  0.550   11.615  1.00 17.65 ? 175 ASN A N   1 
ATOM   1006 C CA  . ASN A 1 124 ? 10.976  0.412   13.046  1.00 19.59 ? 175 ASN A CA  1 
ATOM   1007 C C   . ASN A 1 124 ? 11.714  -0.813  13.577  1.00 20.89 ? 175 ASN A C   1 
ATOM   1008 O O   . ASN A 1 124 ? 11.086  -1.775  14.020  1.00 18.34 ? 175 ASN A O   1 
ATOM   1009 C CB  . ASN A 1 124 ? 9.472   0.261   13.305  1.00 16.98 ? 175 ASN A CB  1 
ATOM   1010 C CG  . ASN A 1 124 ? 8.689   1.487   12.901  1.00 17.82 ? 175 ASN A CG  1 
ATOM   1011 O OD1 . ASN A 1 124 ? 8.694   2.510   13.583  1.00 21.86 ? 175 ASN A OD1 1 
ATOM   1012 N ND2 . ASN A 1 124 ? 8.036   1.453   11.755  1.00 10.68 ? 175 ASN A ND2 1 
ATOM   1013 N N   . PRO A 1 125 ? 13.055  -0.827  13.619  1.00 24.13 ? 176 PRO A N   1 
ATOM   1014 C CA  . PRO A 1 125 ? 13.889  -2.020  13.840  1.00 27.71 ? 176 PRO A CA  1 
ATOM   1015 C C   . PRO A 1 125 ? 13.609  -2.842  15.097  1.00 29.77 ? 176 PRO A C   1 
ATOM   1016 O O   . PRO A 1 125 ? 13.845  -4.052  15.149  1.00 31.62 ? 176 PRO A O   1 
ATOM   1017 C CB  . PRO A 1 125 ? 15.294  -1.455  13.921  1.00 28.56 ? 176 PRO A CB  1 
ATOM   1018 C CG  . PRO A 1 125 ? 15.217  -0.133  13.203  1.00 29.22 ? 176 PRO A CG  1 
ATOM   1019 C CD  . PRO A 1 125 ? 13.874  0.377   13.678  1.00 25.90 ? 176 PRO A CD  1 
ATOM   1020 N N   . GLY A 1 126 ? 13.103  -2.180  16.135  1.00 29.05 ? 177 GLY A N   1 
ATOM   1021 C CA  . GLY A 1 126 ? 12.885  -2.838  17.405  1.00 31.06 ? 177 GLY A CA  1 
ATOM   1022 C C   . GLY A 1 126 ? 11.601  -3.667  17.450  1.00 30.86 ? 177 GLY A C   1 
ATOM   1023 O O   . GLY A 1 126 ? 11.526  -4.588  18.263  1.00 32.54 ? 177 GLY A O   1 
ATOM   1024 N N   . VAL A 1 127 ? 10.602  -3.394  16.600  1.00 27.73 ? 178 VAL A N   1 
ATOM   1025 C CA  . VAL A 1 127 ? 9.237   -3.831  16.870  1.00 24.83 ? 178 VAL A CA  1 
ATOM   1026 C C   . VAL A 1 127 ? 9.077   -5.306  16.566  1.00 23.15 ? 178 VAL A C   1 
ATOM   1027 O O   . VAL A 1 127 ? 8.555   -6.060  17.390  1.00 22.52 ? 178 VAL A O   1 
ATOM   1028 C CB  . VAL A 1 127 ? 8.170   -3.003  16.093  1.00 21.10 ? 178 VAL A CB  1 
ATOM   1029 C CG1 . VAL A 1 127 ? 6.760   -3.388  16.524  1.00 14.10 ? 178 VAL A CG1 1 
ATOM   1030 C CG2 . VAL A 1 127 ? 8.347   -1.516  16.335  1.00 25.68 ? 178 VAL A CG2 1 
ATOM   1031 N N   . PHE A 1 128 ? 9.477   -5.707  15.369  1.00 21.71 ? 179 PHE A N   1 
ATOM   1032 C CA  . PHE A 1 128 ? 9.372   -7.080  14.944  1.00 22.11 ? 179 PHE A CA  1 
ATOM   1033 C C   . PHE A 1 128 ? 10.781  -7.442  14.564  1.00 24.48 ? 179 PHE A C   1 
ATOM   1034 O O   . PHE A 1 128 ? 11.431  -6.716  13.809  1.00 27.65 ? 179 PHE A O   1 
ATOM   1035 C CB  . PHE A 1 128 ? 8.489   -7.233  13.717  1.00 13.80 ? 179 PHE A CB  1 
ATOM   1036 C CG  . PHE A 1 128 ? 7.061   -6.761  13.930  1.00 15.13 ? 179 PHE A CG  1 
ATOM   1037 C CD1 . PHE A 1 128 ? 6.272   -7.353  14.894  1.00 15.90 ? 179 PHE A CD1 1 
ATOM   1038 C CD2 . PHE A 1 128 ? 6.585   -5.683  13.203  1.00 11.69 ? 179 PHE A CD2 1 
ATOM   1039 C CE1 . PHE A 1 128 ? 5.032   -6.822  15.164  1.00 21.38 ? 179 PHE A CE1 1 
ATOM   1040 C CE2 . PHE A 1 128 ? 5.335   -5.171  13.469  1.00 9.33  ? 179 PHE A CE2 1 
ATOM   1041 C CZ  . PHE A 1 128 ? 4.566   -5.727  14.461  1.00 18.63 ? 179 PHE A CZ  1 
ATOM   1042 N N   . GLN A 1 129 ? 11.269  -8.556  15.095  1.00 27.68 ? 180 GLN A N   1 
ATOM   1043 C CA  . GLN A 1 129 ? 12.557  -9.066  14.674  1.00 28.06 ? 180 GLN A CA  1 
ATOM   1044 C C   . GLN A 1 129 ? 12.435  -9.897  13.402  1.00 25.37 ? 180 GLN A C   1 
ATOM   1045 O O   . GLN A 1 129 ? 13.434  -10.133 12.733  1.00 24.99 ? 180 GLN A O   1 
ATOM   1046 C CB  . GLN A 1 129 ? 13.232  -9.863  15.789  1.00 33.95 ? 180 GLN A CB  1 
ATOM   1047 C CG  . GLN A 1 129 ? 13.743  -8.998  16.944  1.00 50.21 ? 180 GLN A CG  1 
ATOM   1048 C CD  . GLN A 1 129 ? 14.845  -8.020  16.546  1.00 59.30 ? 180 GLN A CD  1 
ATOM   1049 O OE1 . GLN A 1 129 ? 16.017  -8.378  16.398  1.00 63.74 ? 180 GLN A OE1 1 
ATOM   1050 N NE2 . GLN A 1 129 ? 14.495  -6.753  16.366  1.00 62.95 ? 180 GLN A NE2 1 
ATOM   1051 N N   . SER A 1 130 ? 11.243  -10.363 13.029  1.00 21.48 ? 181 SER A N   1 
ATOM   1052 C CA  . SER A 1 130 ? 11.062  -11.090 11.792  1.00 16.97 ? 181 SER A CA  1 
ATOM   1053 C C   . SER A 1 130 ? 10.083  -10.351 10.889  1.00 15.37 ? 181 SER A C   1 
ATOM   1054 O O   . SER A 1 130 ? 9.014   -9.898  11.318  1.00 15.59 ? 181 SER A O   1 
ATOM   1055 C CB  . SER A 1 130 ? 10.530  -12.476 12.146  1.00 18.21 ? 181 SER A CB  1 
ATOM   1056 O OG  . SER A 1 130 ? 10.228  -13.284 11.013  1.00 23.16 ? 181 SER A OG  1 
ATOM   1057 N N   . THR A 1 131 ? 10.385  -10.276 9.599   1.00 14.92 ? 182 THR A N   1 
ATOM   1058 C CA  . THR A 1 131 ? 9.438   -9.784  8.618   1.00 15.33 ? 182 THR A CA  1 
ATOM   1059 C C   . THR A 1 131 ? 8.223   -10.718 8.492   1.00 13.41 ? 182 THR A C   1 
ATOM   1060 O O   . THR A 1 131 ? 7.111   -10.264 8.223   1.00 11.04 ? 182 THR A O   1 
ATOM   1061 C CB  . THR A 1 131 ? 10.191  -9.491  7.289   1.00 14.85 ? 182 THR A CB  1 
ATOM   1062 O OG1 . THR A 1 131 ? 10.984  -10.629 6.983   1.00 26.56 ? 182 THR A OG1 1 
ATOM   1063 C CG2 . THR A 1 131 ? 11.105  -8.271  7.423   1.00 17.61 ? 182 THR A CG2 1 
ATOM   1064 N N   . ASP A 1 132 ? 8.361   -12.020 8.774   1.00 12.12 ? 183 ASP A N   1 
ATOM   1065 C CA  . ASP A 1 132 ? 7.223   -12.927 8.786   1.00 10.54 ? 183 ASP A CA  1 
ATOM   1066 C C   . ASP A 1 132 ? 6.229   -12.585 9.879   1.00 9.02  ? 183 ASP A C   1 
ATOM   1067 O O   . ASP A 1 132 ? 5.024   -12.650 9.626   1.00 10.34 ? 183 ASP A O   1 
ATOM   1068 C CB  . ASP A 1 132 ? 7.639   -14.382 8.991   1.00 14.59 ? 183 ASP A CB  1 
ATOM   1069 C CG  . ASP A 1 132 ? 8.402   -15.060 7.865   1.00 16.52 ? 183 ASP A CG  1 
ATOM   1070 O OD1 . ASP A 1 132 ? 8.334   -14.612 6.725   1.00 19.57 ? 183 ASP A OD1 1 
ATOM   1071 O OD2 . ASP A 1 132 ? 9.056   -16.063 8.145   1.00 19.97 ? 183 ASP A OD2 1 
ATOM   1072 N N   . THR A 1 133 ? 6.679   -12.212 11.079  1.00 8.50  ? 184 THR A N   1 
ATOM   1073 C CA  . THR A 1 133 ? 5.786   -11.755 12.128  1.00 9.99  ? 184 THR A CA  1 
ATOM   1074 C C   . THR A 1 133 ? 5.018   -10.524 11.633  1.00 9.53  ? 184 THR A C   1 
ATOM   1075 O O   . THR A 1 133 ? 3.803   -10.462 11.800  1.00 10.41 ? 184 THR A O   1 
ATOM   1076 C CB  . THR A 1 133 ? 6.594   -11.389 13.385  1.00 10.20 ? 184 THR A CB  1 
ATOM   1077 O OG1 . THR A 1 133 ? 7.490   -12.461 13.664  1.00 9.99  ? 184 THR A OG1 1 
ATOM   1078 C CG2 . THR A 1 133 ? 5.713   -11.087 14.591  1.00 8.68  ? 184 THR A CG2 1 
ATOM   1079 N N   . CYS A 1 134 ? 5.683   -9.551  11.009  1.00 8.99  ? 185 CYS A N   1 
ATOM   1080 C CA  . CYS A 1 134 ? 5.022   -8.354  10.521  1.00 8.54  ? 185 CYS A CA  1 
ATOM   1081 C C   . CYS A 1 134 ? 3.989   -8.670  9.450   1.00 9.37  ? 185 CYS A C   1 
ATOM   1082 O O   . CYS A 1 134 ? 2.845   -8.215  9.538   1.00 10.07 ? 185 CYS A O   1 
ATOM   1083 C CB  . CYS A 1 134 ? 6.063   -7.392  9.979   1.00 9.65  ? 185 CYS A CB  1 
ATOM   1084 S SG  . CYS A 1 134 ? 5.377   -5.792  9.502   1.00 11.66 ? 185 CYS A SG  1 
ATOM   1085 N N   . TYR A 1 135 ? 4.320   -9.496  8.457   1.00 10.63 ? 186 TYR A N   1 
ATOM   1086 C CA  . TYR A 1 135 ? 3.395   -9.927  7.401   1.00 10.23 ? 186 TYR A CA  1 
ATOM   1087 C C   . TYR A 1 135 ? 2.146   -10.582 7.994   1.00 11.33 ? 186 TYR A C   1 
ATOM   1088 O O   . TYR A 1 135 ? 1.021   -10.208 7.651   1.00 7.53  ? 186 TYR A O   1 
ATOM   1089 C CB  . TYR A 1 135 ? 4.139   -10.895 6.439   1.00 11.36 ? 186 TYR A CB  1 
ATOM   1090 C CG  . TYR A 1 135 ? 3.368   -11.420 5.222   1.00 11.66 ? 186 TYR A CG  1 
ATOM   1091 C CD1 . TYR A 1 135 ? 2.471   -12.463 5.350   1.00 10.14 ? 186 TYR A CD1 1 
ATOM   1092 C CD2 . TYR A 1 135 ? 3.594   -10.864 3.979   1.00 9.02  ? 186 TYR A CD2 1 
ATOM   1093 C CE1 . TYR A 1 135 ? 1.802   -12.956 4.248   1.00 10.24 ? 186 TYR A CE1 1 
ATOM   1094 C CE2 . TYR A 1 135 ? 2.930   -11.353 2.873   1.00 7.07  ? 186 TYR A CE2 1 
ATOM   1095 C CZ  . TYR A 1 135 ? 2.043   -12.399 3.020   1.00 11.37 ? 186 TYR A CZ  1 
ATOM   1096 O OH  . TYR A 1 135 ? 1.386   -12.912 1.917   1.00 11.60 ? 186 TYR A OH  1 
ATOM   1097 N N   . VAL A 1 136 ? 2.331   -11.550 8.908   1.00 12.36 ? 187 VAL A N   1 
ATOM   1098 C CA  . VAL A 1 136 ? 1.231   -12.300 9.518   1.00 11.92 ? 187 VAL A CA  1 
ATOM   1099 C C   . VAL A 1 136 ? 0.339   -11.395 10.345  1.00 9.74  ? 187 VAL A C   1 
ATOM   1100 O O   . VAL A 1 136 ? -0.886  -11.457 10.225  1.00 13.00 ? 187 VAL A O   1 
ATOM   1101 C CB  . VAL A 1 136 ? 1.737   -13.521 10.360  1.00 15.61 ? 187 VAL A CB  1 
ATOM   1102 C CG1 . VAL A 1 136 ? 0.659   -14.137 11.242  1.00 10.04 ? 187 VAL A CG1 1 
ATOM   1103 C CG2 . VAL A 1 136 ? 2.247   -14.602 9.406   1.00 11.73 ? 187 VAL A CG2 1 
ATOM   1104 N N   . LEU A 1 137 ? 0.934   -10.529 11.141  1.00 8.16  ? 188 LEU A N   1 
ATOM   1105 C CA  . LEU A 1 137 ? 0.163   -9.611  11.944  1.00 9.65  ? 188 LEU A CA  1 
ATOM   1106 C C   . LEU A 1 137 ? -0.543  -8.556  11.096  1.00 9.94  ? 188 LEU A C   1 
ATOM   1107 O O   . LEU A 1 137 ? -1.660  -8.164  11.426  1.00 11.27 ? 188 LEU A O   1 
ATOM   1108 C CB  . LEU A 1 137 ? 1.060   -9.003  13.005  1.00 8.35  ? 188 LEU A CB  1 
ATOM   1109 C CG  . LEU A 1 137 ? 0.368   -8.215  14.086  1.00 14.23 ? 188 LEU A CG  1 
ATOM   1110 C CD1 . LEU A 1 137 ? -0.597  -9.087  14.883  1.00 16.48 ? 188 LEU A CD1 1 
ATOM   1111 C CD2 . LEU A 1 137 ? 1.407   -7.569  14.966  1.00 15.82 ? 188 LEU A CD2 1 
ATOM   1112 N N   . SER A 1 138 ? 0.033   -8.107  9.980   1.00 8.62  ? 189 SER A N   1 
ATOM   1113 C CA  . SER A 1 138 ? -0.646  -7.215  9.065   1.00 6.64  ? 189 SER A CA  1 
ATOM   1114 C C   . SER A 1 138 ? -1.932  -7.819  8.526   1.00 9.68  ? 189 SER A C   1 
ATOM   1115 O O   . SER A 1 138 ? -2.979  -7.167  8.555   1.00 11.85 ? 189 SER A O   1 
ATOM   1116 C CB  . SER A 1 138 ? 0.250   -6.885  7.898   1.00 8.35  ? 189 SER A CB  1 
ATOM   1117 O OG  . SER A 1 138 ? 1.355   -6.124  8.329   1.00 10.09 ? 189 SER A OG  1 
ATOM   1118 N N   . PHE A 1 139 ? -1.902  -9.076  8.060   1.00 8.99  ? 190 PHE A N   1 
ATOM   1119 C CA  . PHE A 1 139 ? -3.122  -9.746  7.654   1.00 8.60  ? 190 PHE A CA  1 
ATOM   1120 C C   . PHE A 1 139 ? -4.084  -9.978  8.799   1.00 10.42 ? 190 PHE A C   1 
ATOM   1121 O O   . PHE A 1 139 ? -5.290  -9.862  8.589   1.00 10.63 ? 190 PHE A O   1 
ATOM   1122 C CB  . PHE A 1 139 ? -2.851  -11.044 6.925   1.00 7.04  ? 190 PHE A CB  1 
ATOM   1123 C CG  . PHE A 1 139 ? -2.521  -10.774 5.476   1.00 11.60 ? 190 PHE A CG  1 
ATOM   1124 C CD1 . PHE A 1 139 ? -3.517  -10.322 4.631   1.00 11.91 ? 190 PHE A CD1 1 
ATOM   1125 C CD2 . PHE A 1 139 ? -1.233  -10.942 5.017   1.00 11.49 ? 190 PHE A CD2 1 
ATOM   1126 C CE1 . PHE A 1 139 ? -3.213  -10.020 3.322   1.00 12.66 ? 190 PHE A CE1 1 
ATOM   1127 C CE2 . PHE A 1 139 ? -0.941  -10.637 3.704   1.00 14.70 ? 190 PHE A CE2 1 
ATOM   1128 C CZ  . PHE A 1 139 ? -1.929  -10.182 2.857   1.00 15.07 ? 190 PHE A CZ  1 
ATOM   1129 N N   . ALA A 1 140 ? -3.609  -10.256 10.018  1.00 11.58 ? 191 ALA A N   1 
ATOM   1130 C CA  . ALA A 1 140 ? -4.470  -10.358 11.189  1.00 12.72 ? 191 ALA A CA  1 
ATOM   1131 C C   . ALA A 1 140 ? -5.252  -9.062  11.417  1.00 11.42 ? 191 ALA A C   1 
ATOM   1132 O O   . ALA A 1 140 ? -6.465  -9.103  11.653  1.00 10.86 ? 191 ALA A O   1 
ATOM   1133 C CB  . ALA A 1 140 ? -3.618  -10.643 12.432  1.00 12.52 ? 191 ALA A CB  1 
ATOM   1134 N N   . VAL A 1 141 ? -4.598  -7.900  11.288  1.00 10.82 ? 192 VAL A N   1 
ATOM   1135 C CA  . VAL A 1 141 ? -5.225  -6.591  11.462  1.00 11.41 ? 192 VAL A CA  1 
ATOM   1136 C C   . VAL A 1 141 ? -6.272  -6.348  10.385  1.00 11.60 ? 192 VAL A C   1 
ATOM   1137 O O   . VAL A 1 141 ? -7.385  -5.902  10.674  1.00 12.20 ? 192 VAL A O   1 
ATOM   1138 C CB  . VAL A 1 141 ? -4.135  -5.481  11.465  1.00 11.01 ? 192 VAL A CB  1 
ATOM   1139 C CG1 . VAL A 1 141 ? -4.710  -4.082  11.388  1.00 15.51 ? 192 VAL A CG1 1 
ATOM   1140 C CG2 . VAL A 1 141 ? -3.335  -5.543  12.764  1.00 13.77 ? 192 VAL A CG2 1 
ATOM   1141 N N   . ILE A 1 142 ? -5.942  -6.649  9.134   1.00 12.09 ? 193 ILE A N   1 
ATOM   1142 C CA  . ILE A 1 142 ? -6.886  -6.499  8.034   1.00 13.22 ? 193 ILE A CA  1 
ATOM   1143 C C   . ILE A 1 142 ? -8.133  -7.357  8.250   1.00 14.08 ? 193 ILE A C   1 
ATOM   1144 O O   . ILE A 1 142 ? -9.265  -6.902  8.063   1.00 12.70 ? 193 ILE A O   1 
ATOM   1145 C CB  . ILE A 1 142 ? -6.165  -6.802  6.693   1.00 13.09 ? 193 ILE A CB  1 
ATOM   1146 C CG1 . ILE A 1 142 ? -5.138  -5.711  6.370   1.00 16.09 ? 193 ILE A CG1 1 
ATOM   1147 C CG2 . ILE A 1 142 ? -7.149  -6.976  5.531   1.00 15.73 ? 193 ILE A CG2 1 
ATOM   1148 C CD1 . ILE A 1 142 ? -4.179  -6.016  5.189   1.00 13.43 ? 193 ILE A CD1 1 
ATOM   1149 N N   . MET A 1 143 ? -7.950  -8.603  8.672   1.00 14.03 ? 194 MET A N   1 
ATOM   1150 C CA  . MET A 1 143 ? -9.069  -9.489  8.931   1.00 16.73 ? 194 MET A CA  1 
ATOM   1151 C C   . MET A 1 143 ? -9.894  -9.084  10.135  1.00 14.44 ? 194 MET A C   1 
ATOM   1152 O O   . MET A 1 143 ? -11.120 -9.181  10.097  1.00 15.45 ? 194 MET A O   1 
ATOM   1153 C CB  . MET A 1 143 ? -8.594  -10.898 9.116   1.00 15.31 ? 194 MET A CB  1 
ATOM   1154 C CG  . MET A 1 143 ? -8.057  -11.476 7.831   1.00 19.33 ? 194 MET A CG  1 
ATOM   1155 S SD  . MET A 1 143 ? -7.650  -13.223 8.067   1.00 31.50 ? 194 MET A SD  1 
ATOM   1156 C CE  . MET A 1 143 ? -6.142  -13.033 8.948   1.00 18.62 ? 194 MET A CE  1 
ATOM   1157 N N   . LEU A 1 144 ? -9.249  -8.568  11.181  1.00 14.95 ? 195 LEU A N   1 
ATOM   1158 C CA  . LEU A 1 144 ? -9.931  -8.039  12.352  1.00 15.73 ? 195 LEU A CA  1 
ATOM   1159 C C   . LEU A 1 144 ? -10.838 -6.892  11.939  1.00 15.71 ? 195 LEU A C   1 
ATOM   1160 O O   . LEU A 1 144 ? -11.977 -6.814  12.397  1.00 15.81 ? 195 LEU A O   1 
ATOM   1161 C CB  . LEU A 1 144 ? -8.928  -7.509  13.392  1.00 12.67 ? 195 LEU A CB  1 
ATOM   1162 C CG  . LEU A 1 144 ? -9.450  -6.936  14.705  1.00 11.94 ? 195 LEU A CG  1 
ATOM   1163 C CD1 . LEU A 1 144 ? -10.159 -8.024  15.508  1.00 14.63 ? 195 LEU A CD1 1 
ATOM   1164 C CD2 . LEU A 1 144 ? -8.322  -6.278  15.490  1.00 12.74 ? 195 LEU A CD2 1 
ATOM   1165 N N   . ASN A 1 145 ? -10.355 -6.004  11.070  1.00 16.42 ? 196 ASN A N   1 
ATOM   1166 C CA  . ASN A 1 145 ? -11.165 -4.900  10.584  1.00 16.96 ? 196 ASN A CA  1 
ATOM   1167 C C   . ASN A 1 145 ? -12.435 -5.392  9.897   1.00 17.14 ? 196 ASN A C   1 
ATOM   1168 O O   . ASN A 1 145 ? -13.523 -4.884  10.202  1.00 18.73 ? 196 ASN A O   1 
ATOM   1169 C CB  . ASN A 1 145 ? -10.344 -4.011  9.666   1.00 16.22 ? 196 ASN A CB  1 
ATOM   1170 C CG  . ASN A 1 145 ? -11.123 -2.799  9.165   1.00 14.35 ? 196 ASN A CG  1 
ATOM   1171 O OD1 . ASN A 1 145 ? -11.282 -1.803  9.864   1.00 13.80 ? 196 ASN A OD1 1 
ATOM   1172 N ND2 . ASN A 1 145 ? -11.611 -2.828  7.938   1.00 14.68 ? 196 ASN A ND2 1 
ATOM   1173 N N   . THR A 1 146 ? -12.327 -6.412  9.037   1.00 16.23 ? 197 THR A N   1 
ATOM   1174 C CA  . THR A 1 146 ? -13.509 -7.011  8.431   1.00 19.40 ? 197 THR A CA  1 
ATOM   1175 C C   . THR A 1 146 ? -14.422 -7.618  9.495   1.00 20.23 ? 197 THR A C   1 
ATOM   1176 O O   . THR A 1 146 ? -15.612 -7.316  9.512   1.00 20.85 ? 197 THR A O   1 
ATOM   1177 C CB  . THR A 1 146 ? -13.106 -8.069  7.392   1.00 18.74 ? 197 THR A CB  1 
ATOM   1178 O OG1 . THR A 1 146 ? -12.256 -7.415  6.456   1.00 19.72 ? 197 THR A OG1 1 
ATOM   1179 C CG2 . THR A 1 146 ? -14.289 -8.712  6.675   1.00 18.69 ? 197 THR A CG2 1 
ATOM   1180 N N   . SER A 1 147 ? -13.879 -8.405  10.422  1.00 18.87 ? 198 SER A N   1 
ATOM   1181 C CA  . SER A 1 147 ? -14.677 -9.027  11.462  1.00 19.22 ? 198 SER A CA  1 
ATOM   1182 C C   . SER A 1 147 ? -15.412 -8.031  12.347  1.00 18.34 ? 198 SER A C   1 
ATOM   1183 O O   . SER A 1 147 ? -16.612 -8.149  12.544  1.00 19.93 ? 198 SER A O   1 
ATOM   1184 C CB  . SER A 1 147 ? -13.793 -9.899  12.321  1.00 18.63 ? 198 SER A CB  1 
ATOM   1185 O OG  . SER A 1 147 ? -13.143 -10.868 11.505  1.00 27.51 ? 198 SER A OG  1 
ATOM   1186 N N   . LEU A 1 148 ? -14.761 -6.994  12.850  1.00 17.52 ? 199 LEU A N   1 
ATOM   1187 C CA  . LEU A 1 148 ? -15.412 -6.062  13.735  1.00 18.08 ? 199 LEU A CA  1 
ATOM   1188 C C   . LEU A 1 148 ? -16.408 -5.203  12.983  1.00 19.66 ? 199 LEU A C   1 
ATOM   1189 O O   . LEU A 1 148 ? -17.434 -4.811  13.541  1.00 20.27 ? 199 LEU A O   1 
ATOM   1190 C CB  . LEU A 1 148 ? -14.386 -5.180  14.427  1.00 16.68 ? 199 LEU A CB  1 
ATOM   1191 C CG  . LEU A 1 148 ? -13.428 -5.817  15.417  1.00 16.87 ? 199 LEU A CG  1 
ATOM   1192 C CD1 . LEU A 1 148 ? -12.507 -4.755  15.989  1.00 13.32 ? 199 LEU A CD1 1 
ATOM   1193 C CD2 . LEU A 1 148 ? -14.187 -6.480  16.553  1.00 20.01 ? 199 LEU A CD2 1 
ATOM   1194 N N   . HIS A 1 149 ? -16.156 -4.868  11.719  1.00 19.32 ? 200 HIS A N   1 
ATOM   1195 C CA  . HIS A 1 149 ? -16.933 -3.813  11.111  1.00 21.68 ? 200 HIS A CA  1 
ATOM   1196 C C   . HIS A 1 149 ? -17.825 -4.238  9.975   1.00 25.03 ? 200 HIS A C   1 
ATOM   1197 O O   . HIS A 1 149 ? -18.541 -3.409  9.414   1.00 27.29 ? 200 HIS A O   1 
ATOM   1198 C CB  . HIS A 1 149 ? -16.034 -2.680  10.666  1.00 19.03 ? 200 HIS A CB  1 
ATOM   1199 C CG  . HIS A 1 149 ? -15.346 -2.018  11.845  1.00 17.77 ? 200 HIS A CG  1 
ATOM   1200 N ND1 . HIS A 1 149 ? -15.888 -1.385  12.881  1.00 20.25 ? 200 HIS A ND1 1 
ATOM   1201 C CD2 . HIS A 1 149 ? -13.988 -2.009  12.017  1.00 11.69 ? 200 HIS A CD2 1 
ATOM   1202 C CE1 . HIS A 1 149 ? -14.921 -0.991  13.666  1.00 20.20 ? 200 HIS A CE1 1 
ATOM   1203 N NE2 . HIS A 1 149 ? -13.785 -1.359  13.128  1.00 16.17 ? 200 HIS A NE2 1 
ATOM   1204 N N   . ASN A 1 150 ? -17.809 -5.504  9.586   1.00 27.49 ? 201 ASN A N   1 
ATOM   1205 C CA  . ASN A 1 150 ? -18.686 -5.955  8.518   1.00 29.34 ? 201 ASN A CA  1 
ATOM   1206 C C   . ASN A 1 150 ? -19.879 -6.617  9.195   1.00 29.47 ? 201 ASN A C   1 
ATOM   1207 O O   . ASN A 1 150 ? -19.662 -7.615  9.886   1.00 28.25 ? 201 ASN A O   1 
ATOM   1208 C CB  . ASN A 1 150 ? -17.929 -6.936  7.619   1.00 34.38 ? 201 ASN A CB  1 
ATOM   1209 C CG  . ASN A 1 150 ? -18.721 -7.530  6.466   1.00 40.20 ? 201 ASN A CG  1 
ATOM   1210 O OD1 . ASN A 1 150 ? -19.907 -7.833  6.570   1.00 43.20 ? 201 ASN A OD1 1 
ATOM   1211 N ND2 . ASN A 1 150 ? -18.102 -7.732  5.314   1.00 42.20 ? 201 ASN A ND2 1 
ATOM   1212 N N   . PRO A 1 151 ? -21.129 -6.141  9.047   1.00 30.13 ? 202 PRO A N   1 
ATOM   1213 C CA  . PRO A 1 151 ? -22.300 -6.685  9.734   1.00 31.69 ? 202 PRO A CA  1 
ATOM   1214 C C   . PRO A 1 151 ? -22.609 -8.140  9.380   1.00 33.95 ? 202 PRO A C   1 
ATOM   1215 O O   . PRO A 1 151 ? -23.332 -8.833  10.096  1.00 34.34 ? 202 PRO A O   1 
ATOM   1216 C CB  . PRO A 1 151 ? -23.399 -5.727  9.308   1.00 28.79 ? 202 PRO A CB  1 
ATOM   1217 C CG  . PRO A 1 151 ? -22.982 -5.299  7.922   1.00 28.23 ? 202 PRO A CG  1 
ATOM   1218 C CD  . PRO A 1 151 ? -21.504 -5.048  8.153   1.00 28.25 ? 202 PRO A CD  1 
ATOM   1219 N N   . ASN A 1 152 ? -22.082 -8.640  8.262   1.00 36.03 ? 203 ASN A N   1 
ATOM   1220 C CA  . ASN A 1 152 ? -22.263 -10.032 7.882   1.00 41.73 ? 203 ASN A CA  1 
ATOM   1221 C C   . ASN A 1 152 ? -21.445 -10.989 8.708   1.00 44.51 ? 203 ASN A C   1 
ATOM   1222 O O   . ASN A 1 152 ? -21.783 -12.176 8.788   1.00 47.25 ? 203 ASN A O   1 
ATOM   1223 C CB  . ASN A 1 152 ? -21.925 -10.299 6.428   1.00 44.83 ? 203 ASN A CB  1 
ATOM   1224 C CG  . ASN A 1 152 ? -22.992 -9.747  5.512   1.00 50.07 ? 203 ASN A CG  1 
ATOM   1225 O OD1 . ASN A 1 152 ? -22.769 -8.801  4.762   1.00 54.00 ? 203 ASN A OD1 1 
ATOM   1226 N ND2 . ASN A 1 152 ? -24.201 -10.287 5.555   1.00 57.07 ? 203 ASN A ND2 1 
ATOM   1227 N N   . VAL A 1 153 ? -20.356 -10.521 9.309   1.00 45.21 ? 204 VAL A N   1 
ATOM   1228 C CA  . VAL A 1 153 ? -19.595 -11.380 10.184  1.00 44.49 ? 204 VAL A CA  1 
ATOM   1229 C C   . VAL A 1 153 ? -20.329 -11.242 11.503  1.00 47.25 ? 204 VAL A C   1 
ATOM   1230 O O   . VAL A 1 153 ? -20.250 -10.223 12.180  1.00 45.55 ? 204 VAL A O   1 
ATOM   1231 C CB  . VAL A 1 153 ? -18.128 -10.931 10.265  1.00 42.44 ? 204 VAL A CB  1 
ATOM   1232 C CG1 . VAL A 1 153 ? -17.331 -11.916 11.110  1.00 37.55 ? 204 VAL A CG1 1 
ATOM   1233 C CG2 . VAL A 1 153 ? -17.514 -10.804 8.870   1.00 38.57 ? 204 VAL A CG2 1 
ATOM   1234 N N   . ARG A 1 154 ? -21.169 -12.222 11.818  1.00 52.28 ? 205 ARG A N   1 
ATOM   1235 C CA  . ARG A 1 154 ? -21.812 -12.267 13.117  1.00 57.79 ? 205 ARG A CA  1 
ATOM   1236 C C   . ARG A 1 154 ? -20.767 -12.834 14.077  1.00 60.06 ? 205 ARG A C   1 
ATOM   1237 O O   . ARG A 1 154 ? -20.035 -13.770 13.730  1.00 61.20 ? 205 ARG A O   1 
ATOM   1238 C CB  . ARG A 1 154 ? -23.103 -13.118 13.114  1.00 63.62 ? 205 ARG A CB  1 
ATOM   1239 C CG  . ARG A 1 154 ? -22.956 -14.643 12.923  1.00 73.62 ? 205 ARG A CG  1 
ATOM   1240 C CD  . ARG A 1 154 ? -24.267 -15.395 13.185  1.00 81.53 ? 205 ARG A CD  1 
ATOM   1241 N NE  . ARG A 1 154 ? -24.047 -16.822 13.411  1.00 86.49 ? 205 ARG A NE  1 
ATOM   1242 C CZ  . ARG A 1 154 ? -25.036 -17.665 13.752  1.00 87.45 ? 205 ARG A CZ  1 
ATOM   1243 N NH1 . ARG A 1 154 ? -26.309 -17.279 13.853  1.00 86.48 ? 205 ARG A NH1 1 
ATOM   1244 N NH2 . ARG A 1 154 ? -24.750 -18.938 14.021  1.00 90.19 ? 205 ARG A NH2 1 
ATOM   1245 N N   . ASP A 1 155 ? -20.713 -12.263 15.284  1.00 61.39 ? 206 ASP A N   1 
ATOM   1246 C CA  . ASP A 1 155 ? -19.737 -12.611 16.316  1.00 62.49 ? 206 ASP A CA  1 
ATOM   1247 C C   . ASP A 1 155 ? -18.290 -12.264 15.991  1.00 59.20 ? 206 ASP A C   1 
ATOM   1248 O O   . ASP A 1 155 ? -17.439 -12.964 15.429  1.00 58.52 ? 206 ASP A O   1 
ATOM   1249 C CB  . ASP A 1 155 ? -19.882 -14.025 16.916  1.00 71.61 ? 206 ASP A CB  1 
ATOM   1250 C CG  . ASP A 1 155 ? -21.124 -14.178 17.799  1.00 80.12 ? 206 ASP A CG  1 
ATOM   1251 O OD1 . ASP A 1 155 ? -21.274 -13.425 18.766  1.00 81.63 ? 206 ASP A OD1 1 
ATOM   1252 O OD2 . ASP A 1 155 ? -21.939 -15.057 17.515  1.00 87.47 ? 206 ASP A OD2 1 
ATOM   1253 N N   . LYS A 1 156 ? -18.086 -11.057 16.480  1.00 55.08 ? 207 LYS A N   1 
ATOM   1254 C CA  . LYS A 1 156 ? -16.856 -10.346 16.271  1.00 49.67 ? 207 LYS A CA  1 
ATOM   1255 C C   . LYS A 1 156 ? -15.909 -10.811 17.356  1.00 45.52 ? 207 LYS A C   1 
ATOM   1256 O O   . LYS A 1 156 ? -16.339 -10.901 18.512  1.00 44.84 ? 207 LYS A O   1 
ATOM   1257 C CB  . LYS A 1 156 ? -17.159 -8.876  16.410  1.00 50.71 ? 207 LYS A CB  1 
ATOM   1258 C CG  . LYS A 1 156 ? -17.906 -8.351  15.204  1.00 50.01 ? 207 LYS A CG  1 
ATOM   1259 C CD  . LYS A 1 156 ? -19.380 -8.080  15.378  1.00 42.05 ? 207 LYS A CD  1 
ATOM   1260 C CE  . LYS A 1 156 ? -19.784 -7.176  14.231  1.00 36.75 ? 207 LYS A CE  1 
ATOM   1261 N NZ  . LYS A 1 156 ? -19.668 -7.826  12.941  1.00 26.02 ? 207 LYS A NZ  1 
ATOM   1262 N N   . PRO A 1 157 ? -14.664 -11.188 17.051  1.00 41.67 ? 208 PRO A N   1 
ATOM   1263 C CA  . PRO A 1 157 ? -13.672 -11.589 18.041  1.00 37.05 ? 208 PRO A CA  1 
ATOM   1264 C C   . PRO A 1 157 ? -13.346 -10.489 19.047  1.00 33.26 ? 208 PRO A C   1 
ATOM   1265 O O   . PRO A 1 157 ? -13.170 -9.326  18.680  1.00 32.83 ? 208 PRO A O   1 
ATOM   1266 C CB  . PRO A 1 157 ? -12.480 -11.993 17.185  1.00 35.71 ? 208 PRO A CB  1 
ATOM   1267 C CG  . PRO A 1 157 ? -12.661 -11.228 15.899  1.00 39.55 ? 208 PRO A CG  1 
ATOM   1268 C CD  . PRO A 1 157 ? -14.160 -11.361 15.694  1.00 41.36 ? 208 PRO A CD  1 
ATOM   1269 N N   . GLY A 1 158 ? -13.313 -10.855 20.331  1.00 29.18 ? 209 GLY A N   1 
ATOM   1270 C CA  . GLY A 1 158 ? -12.910 -9.933  21.381  1.00 26.06 ? 209 GLY A CA  1 
ATOM   1271 C C   . GLY A 1 158 ? -11.392 -9.873  21.475  1.00 24.85 ? 209 GLY A C   1 
ATOM   1272 O O   . GLY A 1 158 ? -10.708 -10.735 20.910  1.00 24.80 ? 209 GLY A O   1 
ATOM   1273 N N   . LEU A 1 159 ? -10.836 -8.915  22.228  1.00 24.97 ? 210 LEU A N   1 
ATOM   1274 C CA  . LEU A 1 159 ? -9.394  -8.808  22.409  1.00 26.19 ? 210 LEU A CA  1 
ATOM   1275 C C   . LEU A 1 159 ? -8.709  -10.105 22.813  1.00 27.69 ? 210 LEU A C   1 
ATOM   1276 O O   . LEU A 1 159 ? -7.703  -10.464 22.201  1.00 25.48 ? 210 LEU A O   1 
ATOM   1277 C CB  . LEU A 1 159 ? -9.023  -7.698  23.387  1.00 26.63 ? 210 LEU A CB  1 
ATOM   1278 C CG  . LEU A 1 159 ? -7.541  -7.476  23.739  1.00 31.51 ? 210 LEU A CG  1 
ATOM   1279 C CD1 . LEU A 1 159 ? -6.672  -7.145  22.528  1.00 26.27 ? 210 LEU A CD1 1 
ATOM   1280 C CD2 . LEU A 1 159 ? -7.426  -6.400  24.802  1.00 35.60 ? 210 LEU A CD2 1 
ATOM   1281 N N   . GLU A 1 160 ? -9.240  -10.844 23.795  1.00 29.63 ? 211 GLU A N   1 
ATOM   1282 C CA  . GLU A 1 160 ? -8.656  -12.130 24.151  1.00 34.09 ? 211 GLU A CA  1 
ATOM   1283 C C   . GLU A 1 160 ? -8.605  -13.117 22.982  1.00 32.07 ? 211 GLU A C   1 
ATOM   1284 O O   . GLU A 1 160 ? -7.587  -13.795 22.815  1.00 33.66 ? 211 GLU A O   1 
ATOM   1285 C CB  . GLU A 1 160 ? -9.318  -12.721 25.415  1.00 42.90 ? 211 GLU A CB  1 
ATOM   1286 C CG  . GLU A 1 160 ? -8.808  -14.100 25.922  1.00 63.04 ? 211 GLU A CG  1 
ATOM   1287 C CD  . GLU A 1 160 ? -7.299  -14.287 26.165  1.00 74.82 ? 211 GLU A CD  1 
ATOM   1288 O OE1 . GLU A 1 160 ? -6.658  -13.425 26.773  1.00 79.17 ? 211 GLU A OE1 1 
ATOM   1289 O OE2 . GLU A 1 160 ? -6.761  -15.314 25.745  1.00 79.56 ? 211 GLU A OE2 1 
ATOM   1290 N N   . ARG A 1 161 ? -9.611  -13.158 22.099  1.00 29.10 ? 212 ARG A N   1 
ATOM   1291 C CA  . ARG A 1 161 ? -9.559  -14.037 20.936  1.00 28.29 ? 212 ARG A CA  1 
ATOM   1292 C C   . ARG A 1 161 ? -8.450  -13.576 19.996  1.00 24.97 ? 212 ARG A C   1 
ATOM   1293 O O   . ARG A 1 161 ? -7.683  -14.392 19.485  1.00 24.21 ? 212 ARG A O   1 
ATOM   1294 C CB  . ARG A 1 161 ? -10.902 -14.041 20.211  1.00 32.64 ? 212 ARG A CB  1 
ATOM   1295 C CG  . ARG A 1 161 ? -11.002 -14.891 18.940  1.00 46.55 ? 212 ARG A CG  1 
ATOM   1296 C CD  . ARG A 1 161 ? -10.935 -16.390 19.164  1.00 60.21 ? 212 ARG A CD  1 
ATOM   1297 N NE  . ARG A 1 161 ? -12.059 -16.860 19.961  1.00 76.58 ? 212 ARG A NE  1 
ATOM   1298 C CZ  . ARG A 1 161 ? -11.882 -17.546 21.099  1.00 87.41 ? 212 ARG A CZ  1 
ATOM   1299 N NH1 . ARG A 1 161 ? -10.666 -17.846 21.569  1.00 91.02 ? 212 ARG A NH1 1 
ATOM   1300 N NH2 . ARG A 1 161 ? -12.948 -17.937 21.791  1.00 91.85 ? 212 ARG A NH2 1 
ATOM   1301 N N   . PHE A 1 162 ? -8.315  -12.264 19.800  1.00 22.63 ? 213 PHE A N   1 
ATOM   1302 C CA  . PHE A 1 162 ? -7.271  -11.725 18.949  1.00 18.97 ? 213 PHE A CA  1 
ATOM   1303 C C   . PHE A 1 162 ? -5.892  -12.035 19.526  1.00 16.76 ? 213 PHE A C   1 
ATOM   1304 O O   . PHE A 1 162 ? -4.977  -12.371 18.774  1.00 16.40 ? 213 PHE A O   1 
ATOM   1305 C CB  . PHE A 1 162 ? -7.487  -10.221 18.777  1.00 16.56 ? 213 PHE A CB  1 
ATOM   1306 C CG  . PHE A 1 162 ? -6.495  -9.533  17.847  1.00 12.80 ? 213 PHE A CG  1 
ATOM   1307 C CD1 . PHE A 1 162 ? -6.556  -9.748  16.484  1.00 14.38 ? 213 PHE A CD1 1 
ATOM   1308 C CD2 . PHE A 1 162 ? -5.541  -8.680  18.373  1.00 12.86 ? 213 PHE A CD2 1 
ATOM   1309 C CE1 . PHE A 1 162 ? -5.670  -9.097  15.649  1.00 14.69 ? 213 PHE A CE1 1 
ATOM   1310 C CE2 . PHE A 1 162 ? -4.657  -8.037  17.527  1.00 16.36 ? 213 PHE A CE2 1 
ATOM   1311 C CZ  . PHE A 1 162 ? -4.718  -8.237  16.164  1.00 14.74 ? 213 PHE A CZ  1 
ATOM   1312 N N   . VAL A 1 163 ? -5.705  -11.975 20.848  1.00 15.06 ? 214 VAL A N   1 
ATOM   1313 C CA  . VAL A 1 163 ? -4.415  -12.267 21.446  1.00 16.58 ? 214 VAL A CA  1 
ATOM   1314 C C   . VAL A 1 163 ? -4.093  -13.726 21.215  1.00 18.39 ? 214 VAL A C   1 
ATOM   1315 O O   . VAL A 1 163 ? -3.017  -14.044 20.688  1.00 20.22 ? 214 VAL A O   1 
ATOM   1316 C CB  . VAL A 1 163 ? -4.316  -11.884 22.943  1.00 16.82 ? 214 VAL A CB  1 
ATOM   1317 C CG1 . VAL A 1 163 ? -2.938  -12.198 23.521  1.00 15.81 ? 214 VAL A CG1 1 
ATOM   1318 C CG2 . VAL A 1 163 ? -4.518  -10.388 23.124  1.00 16.84 ? 214 VAL A CG2 1 
ATOM   1319 N N   . ALA A 1 164 ? -5.027  -14.619 21.526  1.00 20.10 ? 215 ALA A N   1 
ATOM   1320 C CA  . ALA A 1 164 ? -4.777  -16.043 21.403  1.00 22.16 ? 215 ALA A CA  1 
ATOM   1321 C C   . ALA A 1 164 ? -4.531  -16.510 19.973  1.00 23.88 ? 215 ALA A C   1 
ATOM   1322 O O   . ALA A 1 164 ? -3.701  -17.397 19.761  1.00 25.27 ? 215 ALA A O   1 
ATOM   1323 C CB  . ALA A 1 164 ? -5.928  -16.822 22.001  1.00 25.86 ? 215 ALA A CB  1 
ATOM   1324 N N   . MET A 1 165 ? -5.170  -15.898 18.968  1.00 23.91 ? 216 MET A N   1 
ATOM   1325 C CA  . MET A 1 165 ? -4.922  -16.218 17.562  1.00 22.92 ? 216 MET A CA  1 
ATOM   1326 C C   . MET A 1 165 ? -3.508  -15.900 17.098  1.00 21.53 ? 216 MET A C   1 
ATOM   1327 O O   . MET A 1 165 ? -3.059  -16.428 16.084  1.00 23.44 ? 216 MET A O   1 
ATOM   1328 C CB  . MET A 1 165 ? -5.870  -15.434 16.669  1.00 26.60 ? 216 MET A CB  1 
ATOM   1329 C CG  . MET A 1 165 ? -7.321  -15.888 16.682  1.00 41.92 ? 216 MET A CG  1 
ATOM   1330 S SD  . MET A 1 165 ? -8.415  -14.602 16.012  1.00 51.23 ? 216 MET A SD  1 
ATOM   1331 C CE  . MET A 1 165 ? -8.036  -14.825 14.297  1.00 55.00 ? 216 MET A CE  1 
ATOM   1332 N N   . ASN A 1 166 ? -2.779  -15.030 17.798  1.00 19.56 ? 217 ASN A N   1 
ATOM   1333 C CA  . ASN A 1 166 ? -1.459  -14.628 17.338  1.00 16.76 ? 217 ASN A CA  1 
ATOM   1334 C C   . ASN A 1 166 ? -0.328  -15.203 18.185  1.00 14.79 ? 217 ASN A C   1 
ATOM   1335 O O   . ASN A 1 166 ? 0.809   -14.732 18.123  1.00 14.11 ? 217 ASN A O   1 
ATOM   1336 C CB  . ASN A 1 166 ? -1.367  -13.108 17.269  1.00 17.54 ? 217 ASN A CB  1 
ATOM   1337 C CG  . ASN A 1 166 ? -2.196  -12.507 16.144  1.00 29.21 ? 217 ASN A CG  1 
ATOM   1338 O OD1 . ASN A 1 166 ? -1.807  -12.503 14.979  1.00 39.30 ? 217 ASN A OD1 1 
ATOM   1339 N ND2 . ASN A 1 166 ? -3.372  -11.967 16.430  1.00 31.91 ? 217 ASN A ND2 1 
ATOM   1340 N N   . ARG A 1 167 ? -0.560  -16.204 19.043  1.00 15.80 ? 218 ARG A N   1 
ATOM   1341 C CA  . ARG A 1 167 ? 0.514   -16.778 19.856  1.00 15.91 ? 218 ARG A CA  1 
ATOM   1342 C C   . ARG A 1 167 ? 1.565   -17.471 19.007  1.00 15.78 ? 218 ARG A C   1 
ATOM   1343 O O   . ARG A 1 167 ? 1.237   -18.034 17.962  1.00 16.70 ? 218 ARG A O   1 
ATOM   1344 C CB  . ARG A 1 167 ? -0.019  -17.779 20.865  1.00 18.32 ? 218 ARG A CB  1 
ATOM   1345 C CG  . ARG A 1 167 ? -0.965  -17.087 21.803  1.00 32.26 ? 218 ARG A CG  1 
ATOM   1346 C CD  . ARG A 1 167 ? -1.307  -17.917 23.026  1.00 46.82 ? 218 ARG A CD  1 
ATOM   1347 N NE  . ARG A 1 167 ? -2.302  -17.240 23.851  1.00 58.70 ? 218 ARG A NE  1 
ATOM   1348 C CZ  . ARG A 1 167 ? -2.062  -16.114 24.549  1.00 60.08 ? 218 ARG A CZ  1 
ATOM   1349 N NH1 . ARG A 1 167 ? -0.861  -15.515 24.581  1.00 51.01 ? 218 ARG A NH1 1 
ATOM   1350 N NH2 . ARG A 1 167 ? -3.075  -15.571 25.224  1.00 58.88 ? 218 ARG A NH2 1 
ATOM   1351 N N   . GLY A 1 168 ? 2.840   -17.386 19.394  1.00 14.89 ? 219 GLY A N   1 
ATOM   1352 C CA  . GLY A 1 168 ? 3.873   -18.210 18.790  1.00 13.39 ? 219 GLY A CA  1 
ATOM   1353 C C   . GLY A 1 168 ? 4.545   -17.560 17.597  1.00 12.81 ? 219 GLY A C   1 
ATOM   1354 O O   . GLY A 1 168 ? 5.576   -18.059 17.129  1.00 15.49 ? 219 GLY A O   1 
ATOM   1355 N N   . ILE A 1 169 ? 4.033   -16.435 17.078  1.00 12.81 ? 220 ILE A N   1 
ATOM   1356 C CA  . ILE A 1 169 ? 4.583   -15.872 15.850  1.00 11.16 ? 220 ILE A CA  1 
ATOM   1357 C C   . ILE A 1 169 ? 5.790   -14.966 16.070  1.00 11.19 ? 220 ILE A C   1 
ATOM   1358 O O   . ILE A 1 169 ? 6.428   -14.540 15.108  1.00 11.23 ? 220 ILE A O   1 
ATOM   1359 C CB  . ILE A 1 169 ? 3.519   -15.143 14.991  1.00 10.69 ? 220 ILE A CB  1 
ATOM   1360 C CG1 . ILE A 1 169 ? 2.932   -13.907 15.682  1.00 10.13 ? 220 ILE A CG1 1 
ATOM   1361 C CG2 . ILE A 1 169 ? 2.476   -16.170 14.558  1.00 8.68  ? 220 ILE A CG2 1 
ATOM   1362 C CD1 . ILE A 1 169 ? 2.153   -12.963 14.738  1.00 10.64 ? 220 ILE A CD1 1 
ATOM   1363 N N   . ASN A 1 170 ? 6.155   -14.629 17.305  1.00 10.49 ? 221 ASN A N   1 
ATOM   1364 C CA  . ASN A 1 170 ? 7.244   -13.702 17.538  1.00 9.31  ? 221 ASN A CA  1 
ATOM   1365 C C   . ASN A 1 170 ? 8.489   -14.526 17.844  1.00 11.36 ? 221 ASN A C   1 
ATOM   1366 O O   . ASN A 1 170 ? 8.873   -14.737 18.996  1.00 10.78 ? 221 ASN A O   1 
ATOM   1367 C CB  . ASN A 1 170 ? 6.895   -12.768 18.696  1.00 9.34  ? 221 ASN A CB  1 
ATOM   1368 C CG  . ASN A 1 170 ? 7.949   -11.704 18.972  1.00 13.26 ? 221 ASN A CG  1 
ATOM   1369 O OD1 . ASN A 1 170 ? 8.724   -11.331 18.090  1.00 13.96 ? 221 ASN A OD1 1 
ATOM   1370 N ND2 . ASN A 1 170 ? 8.015   -11.176 20.185  1.00 13.41 ? 221 ASN A ND2 1 
ATOM   1371 N N   . GLU A 1 171 ? 9.087   -15.059 16.780  1.00 11.43 ? 222 GLU A N   1 
ATOM   1372 C CA  . GLU A 1 171 ? 10.225  -15.973 16.856  1.00 10.98 ? 222 GLU A CA  1 
ATOM   1373 C C   . GLU A 1 171 ? 10.021  -17.105 17.842  1.00 9.55  ? 222 GLU A C   1 
ATOM   1374 O O   . GLU A 1 171 ? 10.882  -17.478 18.635  1.00 9.61  ? 222 GLU A O   1 
ATOM   1375 C CB  . GLU A 1 171 ? 11.510  -15.241 17.175  1.00 15.52 ? 222 GLU A CB  1 
ATOM   1376 C CG  . GLU A 1 171 ? 11.960  -14.211 16.158  1.00 20.79 ? 222 GLU A CG  1 
ATOM   1377 C CD  . GLU A 1 171 ? 13.320  -13.662 16.556  1.00 32.77 ? 222 GLU A CD  1 
ATOM   1378 O OE1 . GLU A 1 171 ? 13.395  -12.874 17.506  1.00 31.74 ? 222 GLU A OE1 1 
ATOM   1379 O OE2 . GLU A 1 171 ? 14.308  -14.039 15.927  1.00 38.14 ? 222 GLU A OE2 1 
ATOM   1380 N N   . GLY A 1 172 ? 8.827   -17.675 17.804  1.00 9.40  ? 223 GLY A N   1 
ATOM   1381 C CA  . GLY A 1 172 ? 8.499   -18.711 18.749  1.00 11.72 ? 223 GLY A CA  1 
ATOM   1382 C C   . GLY A 1 172 ? 7.859   -18.171 20.001  1.00 10.91 ? 223 GLY A C   1 
ATOM   1383 O O   . GLY A 1 172 ? 7.139   -18.930 20.649  1.00 11.04 ? 223 GLY A O   1 
ATOM   1384 N N   . GLY A 1 173 ? 8.102   -16.923 20.397  1.00 9.47  ? 224 GLY A N   1 
ATOM   1385 C CA  . GLY A 1 173 ? 7.394   -16.342 21.521  1.00 8.69  ? 224 GLY A CA  1 
ATOM   1386 C C   . GLY A 1 173 ? 6.126   -15.634 21.074  1.00 10.14 ? 224 GLY A C   1 
ATOM   1387 O O   . GLY A 1 173 ? 5.611   -15.823 19.961  1.00 10.98 ? 224 GLY A O   1 
ATOM   1388 N N   . ASP A 1 174 ? 5.620   -14.785 21.955  1.00 10.24 ? 225 ASP A N   1 
ATOM   1389 C CA  . ASP A 1 174 ? 4.418   -14.003 21.731  1.00 11.37 ? 225 ASP A CA  1 
ATOM   1390 C C   . ASP A 1 174 ? 4.822   -12.530 21.621  1.00 10.92 ? 225 ASP A C   1 
ATOM   1391 O O   . ASP A 1 174 ? 5.923   -12.107 21.997  1.00 10.48 ? 225 ASP A O   1 
ATOM   1392 C CB  . ASP A 1 174 ? 3.430   -14.221 22.902  1.00 7.05  ? 225 ASP A CB  1 
ATOM   1393 C CG  . ASP A 1 174 ? 3.013   -15.668 23.126  1.00 14.16 ? 225 ASP A CG  1 
ATOM   1394 O OD1 . ASP A 1 174 ? 2.868   -16.426 22.166  1.00 16.04 ? 225 ASP A OD1 1 
ATOM   1395 O OD2 . ASP A 1 174 ? 2.832   -16.062 24.266  1.00 15.15 ? 225 ASP A OD2 1 
ATOM   1396 N N   . LEU A 1 175 ? 3.961   -11.738 21.007  1.00 10.53 ? 226 LEU A N   1 
ATOM   1397 C CA  . LEU A 1 175 ? 4.138   -10.301 20.967  1.00 12.00 ? 226 LEU A CA  1 
ATOM   1398 C C   . LEU A 1 175 ? 3.668   -9.726  22.294  1.00 13.37 ? 226 LEU A C   1 
ATOM   1399 O O   . LEU A 1 175 ? 2.794   -10.337 22.931  1.00 14.77 ? 226 LEU A O   1 
ATOM   1400 C CB  . LEU A 1 175 ? 3.346   -9.714  19.800  1.00 10.31 ? 226 LEU A CB  1 
ATOM   1401 C CG  . LEU A 1 175 ? 3.900   -10.008 18.420  1.00 11.58 ? 226 LEU A CG  1 
ATOM   1402 C CD1 . LEU A 1 175 ? 2.822   -9.812  17.387  1.00 17.55 ? 226 LEU A CD1 1 
ATOM   1403 C CD2 . LEU A 1 175 ? 5.150   -9.195  18.129  1.00 11.83 ? 226 LEU A CD2 1 
ATOM   1404 N N   . PRO A 1 176 ? 4.201   -8.579  22.765  1.00 14.95 ? 227 PRO A N   1 
ATOM   1405 C CA  . PRO A 1 176 ? 3.742   -7.920  23.981  1.00 15.38 ? 227 PRO A CA  1 
ATOM   1406 C C   . PRO A 1 176 ? 2.242   -7.664  23.862  1.00 19.15 ? 227 PRO A C   1 
ATOM   1407 O O   . PRO A 1 176 ? 1.743   -7.124  22.859  1.00 17.89 ? 227 PRO A O   1 
ATOM   1408 C CB  . PRO A 1 176 ? 4.524   -6.619  23.993  1.00 16.12 ? 227 PRO A CB  1 
ATOM   1409 C CG  . PRO A 1 176 ? 5.803   -6.942  23.263  1.00 16.24 ? 227 PRO A CG  1 
ATOM   1410 C CD  . PRO A 1 176 ? 5.285   -7.822  22.137  1.00 14.14 ? 227 PRO A CD  1 
ATOM   1411 N N   . GLU A 1 177 ? 1.502   -8.073  24.886  1.00 20.46 ? 228 GLU A N   1 
ATOM   1412 C CA  . GLU A 1 177 ? 0.062   -7.912  24.921  1.00 23.20 ? 228 GLU A CA  1 
ATOM   1413 C C   . GLU A 1 177 ? -0.359  -6.456  24.791  1.00 21.93 ? 228 GLU A C   1 
ATOM   1414 O O   . GLU A 1 177 ? -1.381  -6.185  24.167  1.00 21.56 ? 228 GLU A O   1 
ATOM   1415 C CB  . GLU A 1 177 ? -0.429  -8.517  26.207  1.00 30.54 ? 228 GLU A CB  1 
ATOM   1416 C CG  . GLU A 1 177 ? -1.919  -8.787  26.256  1.00 44.58 ? 228 GLU A CG  1 
ATOM   1417 C CD  . GLU A 1 177 ? -2.240  -9.707  27.422  1.00 54.58 ? 228 GLU A CD  1 
ATOM   1418 O OE1 . GLU A 1 177 ? -2.109  -10.925 27.257  1.00 53.95 ? 228 GLU A OE1 1 
ATOM   1419 O OE2 . GLU A 1 177 ? -2.600  -9.202  28.489  1.00 58.36 ? 228 GLU A OE2 1 
ATOM   1420 N N   . GLU A 1 178 ? 0.425   -5.496  25.306  1.00 23.31 ? 229 GLU A N   1 
ATOM   1421 C CA  . GLU A 1 178 ? 0.145   -4.075  25.120  1.00 24.01 ? 229 GLU A CA  1 
ATOM   1422 C C   . GLU A 1 178 ? 0.166   -3.693  23.643  1.00 22.32 ? 229 GLU A C   1 
ATOM   1423 O O   . GLU A 1 178 ? -0.621  -2.838  23.230  1.00 21.10 ? 229 GLU A O   1 
ATOM   1424 C CB  . GLU A 1 178 ? 1.124   -3.204  25.928  1.00 30.14 ? 229 GLU A CB  1 
ATOM   1425 C CG  . GLU A 1 178 ? 1.112   -1.671  25.739  1.00 48.61 ? 229 GLU A CG  1 
ATOM   1426 C CD  . GLU A 1 178 ? -0.077  -0.861  26.268  1.00 60.46 ? 229 GLU A CD  1 
ATOM   1427 O OE1 . GLU A 1 178 ? -1.226  -1.101  25.878  1.00 63.78 ? 229 GLU A OE1 1 
ATOM   1428 O OE2 . GLU A 1 178 ? 0.167   0.046   27.066  1.00 64.32 ? 229 GLU A OE2 1 
ATOM   1429 N N   . LEU A 1 179 ? 1.020   -4.324  22.819  1.00 19.38 ? 230 LEU A N   1 
ATOM   1430 C CA  . LEU A 1 179 ? 1.035   -4.047  21.389  1.00 19.79 ? 230 LEU A CA  1 
ATOM   1431 C C   . LEU A 1 179 ? -0.268  -4.532  20.769  1.00 18.90 ? 230 LEU A C   1 
ATOM   1432 O O   . LEU A 1 179 ? -0.940  -3.764  20.079  1.00 20.03 ? 230 LEU A O   1 
ATOM   1433 C CB  . LEU A 1 179 ? 2.234   -4.699  20.674  1.00 21.21 ? 230 LEU A CB  1 
ATOM   1434 C CG  . LEU A 1 179 ? 2.328   -4.617  19.140  1.00 20.10 ? 230 LEU A CG  1 
ATOM   1435 C CD1 . LEU A 1 179 ? 2.320   -3.178  18.649  1.00 21.12 ? 230 LEU A CD1 1 
ATOM   1436 C CD2 . LEU A 1 179 ? 3.575   -5.326  18.653  1.00 24.28 ? 230 LEU A CD2 1 
ATOM   1437 N N   . LEU A 1 180 ? -0.660  -5.779  21.055  1.00 17.93 ? 231 LEU A N   1 
ATOM   1438 C CA  . LEU A 1 180 ? -1.858  -6.363  20.476  1.00 16.67 ? 231 LEU A CA  1 
ATOM   1439 C C   . LEU A 1 180 ? -3.111  -5.585  20.845  1.00 17.56 ? 231 LEU A C   1 
ATOM   1440 O O   . LEU A 1 180 ? -3.954  -5.302  19.989  1.00 16.79 ? 231 LEU A O   1 
ATOM   1441 C CB  . LEU A 1 180 ? -1.957  -7.837  20.850  1.00 14.29 ? 231 LEU A CB  1 
ATOM   1442 C CG  . LEU A 1 180 ? -0.772  -8.715  20.394  1.00 15.38 ? 231 LEU A CG  1 
ATOM   1443 C CD1 . LEU A 1 180 ? -0.937  -10.155 20.836  1.00 13.64 ? 231 LEU A CD1 1 
ATOM   1444 C CD2 . LEU A 1 180 ? -0.576  -8.660  18.891  1.00 18.04 ? 231 LEU A CD2 1 
ATOM   1445 N N   . ARG A 1 181 ? -3.171  -5.177  22.116  1.00 18.61 ? 232 ARG A N   1 
ATOM   1446 C CA  . ARG A 1 181 ? -4.246  -4.362  22.654  1.00 17.84 ? 232 ARG A CA  1 
ATOM   1447 C C   . ARG A 1 181 ? -4.332  -3.044  21.919  1.00 16.88 ? 232 ARG A C   1 
ATOM   1448 O O   . ARG A 1 181 ? -5.411  -2.715  21.433  1.00 18.18 ? 232 ARG A O   1 
ATOM   1449 C CB  . ARG A 1 181 ? -4.024  -4.085  24.131  1.00 24.06 ? 232 ARG A CB  1 
ATOM   1450 C CG  . ARG A 1 181 ? -5.204  -3.400  24.799  1.00 36.44 ? 232 ARG A CG  1 
ATOM   1451 C CD  . ARG A 1 181 ? -4.889  -3.173  26.257  1.00 49.91 ? 232 ARG A CD  1 
ATOM   1452 N NE  . ARG A 1 181 ? -6.063  -2.677  26.951  1.00 66.31 ? 232 ARG A NE  1 
ATOM   1453 C CZ  . ARG A 1 181 ? -6.010  -2.231  28.216  1.00 77.47 ? 232 ARG A CZ  1 
ATOM   1454 N NH1 . ARG A 1 181 ? -4.855  -2.155  28.902  1.00 81.45 ? 232 ARG A NH1 1 
ATOM   1455 N NH2 . ARG A 1 181 ? -7.146  -1.858  28.816  1.00 80.25 ? 232 ARG A NH2 1 
ATOM   1456 N N   . ASN A 1 182 ? -3.233  -2.300  21.793  1.00 15.78 ? 233 ASN A N   1 
ATOM   1457 C CA  . ASN A 1 182 ? -3.249  -1.045  21.049  1.00 16.40 ? 233 ASN A CA  1 
ATOM   1458 C C   . ASN A 1 182 ? -3.693  -1.216  19.612  1.00 16.63 ? 233 ASN A C   1 
ATOM   1459 O O   . ASN A 1 182 ? -4.505  -0.419  19.141  1.00 18.61 ? 233 ASN A O   1 
ATOM   1460 C CB  . ASN A 1 182 ? -1.915  -0.305  21.067  1.00 20.62 ? 233 ASN A CB  1 
ATOM   1461 C CG  . ASN A 1 182 ? -1.554  0.206   22.448  1.00 39.61 ? 233 ASN A CG  1 
ATOM   1462 O OD1 . ASN A 1 182 ? -2.391  0.447   23.325  1.00 47.24 ? 233 ASN A OD1 1 
ATOM   1463 N ND2 . ASN A 1 182 ? -0.262  0.368   22.716  1.00 45.63 ? 233 ASN A ND2 1 
ATOM   1464 N N   . LEU A 1 183 ? -3.258  -2.256  18.899  1.00 14.75 ? 234 LEU A N   1 
ATOM   1465 C CA  . LEU A 1 183 ? -3.740  -2.484  17.544  1.00 12.78 ? 234 LEU A CA  1 
ATOM   1466 C C   . LEU A 1 183 ? -5.225  -2.802  17.518  1.00 13.98 ? 234 LEU A C   1 
ATOM   1467 O O   . LEU A 1 183 ? -5.954  -2.269  16.681  1.00 13.05 ? 234 LEU A O   1 
ATOM   1468 C CB  . LEU A 1 183 ? -2.990  -3.623  16.851  1.00 11.43 ? 234 LEU A CB  1 
ATOM   1469 C CG  . LEU A 1 183 ? -1.477  -3.511  16.779  1.00 7.82  ? 234 LEU A CG  1 
ATOM   1470 C CD1 . LEU A 1 183 ? -0.944  -4.698  16.013  1.00 11.07 ? 234 LEU A CD1 1 
ATOM   1471 C CD2 . LEU A 1 183 ? -1.036  -2.194  16.164  1.00 14.80 ? 234 LEU A CD2 1 
ATOM   1472 N N   . TYR A 1 184 ? -5.709  -3.634  18.444  1.00 14.99 ? 235 TYR A N   1 
ATOM   1473 C CA  . TYR A 1 184 ? -7.115  -4.027  18.478  1.00 15.54 ? 235 TYR A CA  1 
ATOM   1474 C C   . TYR A 1 184 ? -8.018  -2.825  18.705  1.00 14.67 ? 235 TYR A C   1 
ATOM   1475 O O   . TYR A 1 184 ? -9.020  -2.657  18.011  1.00 13.82 ? 235 TYR A O   1 
ATOM   1476 C CB  . TYR A 1 184 ? -7.347  -5.090  19.563  1.00 16.04 ? 235 TYR A CB  1 
ATOM   1477 C CG  . TYR A 1 184 ? -8.792  -5.546  19.737  1.00 17.70 ? 235 TYR A CG  1 
ATOM   1478 C CD1 . TYR A 1 184 ? -9.644  -4.837  20.572  1.00 21.48 ? 235 TYR A CD1 1 
ATOM   1479 C CD2 . TYR A 1 184 ? -9.259  -6.650  19.050  1.00 15.56 ? 235 TYR A CD2 1 
ATOM   1480 C CE1 . TYR A 1 184 ? -10.961 -5.211  20.706  1.00 21.74 ? 235 TYR A CE1 1 
ATOM   1481 C CE2 . TYR A 1 184 ? -10.577 -7.037  19.188  1.00 18.85 ? 235 TYR A CE2 1 
ATOM   1482 C CZ  . TYR A 1 184 ? -11.412 -6.313  20.019  1.00 21.13 ? 235 TYR A CZ  1 
ATOM   1483 O OH  . TYR A 1 184 ? -12.726 -6.697  20.181  1.00 27.65 ? 235 TYR A OH  1 
ATOM   1484 N N   . ASP A 1 185 ? -7.680  -1.995  19.689  1.00 14.85 ? 236 ASP A N   1 
ATOM   1485 C CA  . ASP A 1 185 ? -8.450  -0.814  20.025  1.00 16.53 ? 236 ASP A CA  1 
ATOM   1486 C C   . ASP A 1 185 ? -8.468  0.226   18.931  1.00 17.67 ? 236 ASP A C   1 
ATOM   1487 O O   . ASP A 1 185 ? -9.506  0.851   18.698  1.00 19.06 ? 236 ASP A O   1 
ATOM   1488 C CB  . ASP A 1 185 ? -7.920  -0.141  21.295  1.00 14.93 ? 236 ASP A CB  1 
ATOM   1489 C CG  . ASP A 1 185 ? -8.216  -0.846  22.616  1.00 20.16 ? 236 ASP A CG  1 
ATOM   1490 O OD1 . ASP A 1 185 ? -8.995  -1.801  22.648  1.00 22.11 ? 236 ASP A OD1 1 
ATOM   1491 O OD2 . ASP A 1 185 ? -7.660  -0.423  23.629  1.00 27.58 ? 236 ASP A OD2 1 
ATOM   1492 N N   . SER A 1 186 ? -7.325  0.433   18.275  1.00 18.20 ? 237 SER A N   1 
ATOM   1493 C CA  . SER A 1 186 ? -7.207  1.373   17.172  1.00 17.13 ? 237 SER A CA  1 
ATOM   1494 C C   . SER A 1 186 ? -8.196  0.943   16.080  1.00 16.77 ? 237 SER A C   1 
ATOM   1495 O O   . SER A 1 186 ? -9.045  1.743   15.682  1.00 16.56 ? 237 SER A O   1 
ATOM   1496 C CB  . SER A 1 186 ? -5.737  1.360   16.729  1.00 14.63 ? 237 SER A CB  1 
ATOM   1497 O OG  . SER A 1 186 ? -5.339  2.357   15.794  1.00 27.30 ? 237 SER A OG  1 
ATOM   1498 N N   . ILE A 1 187 ? -8.197  -0.337  15.684  1.00 14.59 ? 238 ILE A N   1 
ATOM   1499 C CA  . ILE A 1 187 ? -9.144  -0.853  14.705  1.00 16.37 ? 238 ILE A CA  1 
ATOM   1500 C C   . ILE A 1 187 ? -10.586 -0.829  15.197  1.00 18.08 ? 238 ILE A C   1 
ATOM   1501 O O   . ILE A 1 187 ? -11.490 -0.482  14.426  1.00 18.99 ? 238 ILE A O   1 
ATOM   1502 C CB  . ILE A 1 187 ? -8.715  -2.267  14.217  1.00 12.23 ? 238 ILE A CB  1 
ATOM   1503 C CG1 . ILE A 1 187 ? -7.497  -2.174  13.313  1.00 14.52 ? 238 ILE A CG1 1 
ATOM   1504 C CG2 . ILE A 1 187 ? -9.814  -3.023  13.491  1.00 12.08 ? 238 ILE A CG2 1 
ATOM   1505 C CD1 . ILE A 1 187 ? -7.698  -1.297  12.054  1.00 15.08 ? 238 ILE A CD1 1 
ATOM   1506 N N   . ARG A 1 188 ? -10.872 -1.197  16.452  1.00 17.47 ? 239 ARG A N   1 
ATOM   1507 C CA  . ARG A 1 188 ? -12.228 -1.152  16.982  1.00 17.86 ? 239 ARG A CA  1 
ATOM   1508 C C   . ARG A 1 188 ? -12.774 0.265   16.878  1.00 18.36 ? 239 ARG A C   1 
ATOM   1509 O O   . ARG A 1 188 ? -13.876 0.466   16.365  1.00 19.90 ? 239 ARG A O   1 
ATOM   1510 C CB  . ARG A 1 188 ? -12.261 -1.658  18.423  1.00 15.64 ? 239 ARG A CB  1 
ATOM   1511 C CG  . ARG A 1 188 ? -13.661 -1.975  18.970  1.00 19.58 ? 239 ARG A CG  1 
ATOM   1512 C CD  . ARG A 1 188 ? -14.386 -0.791  19.635  1.00 27.72 ? 239 ARG A CD  1 
ATOM   1513 N NE  . ARG A 1 188 ? -15.788 -1.083  19.918  1.00 32.95 ? 239 ARG A NE  1 
ATOM   1514 C CZ  . ARG A 1 188 ? -16.773 -0.899  19.020  1.00 36.05 ? 239 ARG A CZ  1 
ATOM   1515 N NH1 . ARG A 1 188 ? -16.553 -0.416  17.787  1.00 31.70 ? 239 ARG A NH1 1 
ATOM   1516 N NH2 . ARG A 1 188 ? -18.020 -1.212  19.374  1.00 29.41 ? 239 ARG A NH2 1 
ATOM   1517 N N   . ASN A 1 189 ? -11.974 1.249   17.273  1.00 19.94 ? 240 ASN A N   1 
ATOM   1518 C CA  . ASN A 1 189 ? -12.426 2.621   17.292  1.00 22.18 ? 240 ASN A CA  1 
ATOM   1519 C C   . ASN A 1 189 ? -12.454 3.299   15.933  1.00 23.77 ? 240 ASN A C   1 
ATOM   1520 O O   . ASN A 1 189 ? -13.271 4.210   15.751  1.00 23.65 ? 240 ASN A O   1 
ATOM   1521 C CB  . ASN A 1 189 ? -11.645 3.460   18.291  1.00 20.73 ? 240 ASN A CB  1 
ATOM   1522 C CG  . ASN A 1 189 ? -12.003 3.061   19.711  1.00 23.52 ? 240 ASN A CG  1 
ATOM   1523 O OD1 . ASN A 1 189 ? -13.122 3.248   20.182  1.00 32.48 ? 240 ASN A OD1 1 
ATOM   1524 N ND2 . ASN A 1 189 ? -11.106 2.452   20.465  1.00 29.39 ? 240 ASN A ND2 1 
ATOM   1525 N N   . GLU A 1 190 ? -11.634 2.893   14.957  1.00 21.78 ? 241 GLU A N   1 
ATOM   1526 C CA  . GLU A 1 190 ? -11.558 3.587   13.689  1.00 19.76 ? 241 GLU A CA  1 
ATOM   1527 C C   . GLU A 1 190 ? -11.319 2.565   12.587  1.00 18.35 ? 241 GLU A C   1 
ATOM   1528 O O   . GLU A 1 190 ? -10.211 2.044   12.460  1.00 17.83 ? 241 GLU A O   1 
ATOM   1529 C CB  . GLU A 1 190 ? -10.415 4.564   13.797  1.00 21.24 ? 241 GLU A CB  1 
ATOM   1530 C CG  . GLU A 1 190 ? -10.232 5.492   12.618  1.00 32.51 ? 241 GLU A CG  1 
ATOM   1531 C CD  . GLU A 1 190 ? -9.032  6.429   12.743  1.00 43.22 ? 241 GLU A CD  1 
ATOM   1532 O OE1 . GLU A 1 190 ? -8.304  6.392   13.742  1.00 46.72 ? 241 GLU A OE1 1 
ATOM   1533 O OE2 . GLU A 1 190 ? -8.821  7.211   11.816  1.00 51.83 ? 241 GLU A OE2 1 
ATOM   1534 N N   . PRO A 1 191 ? -12.334 2.171   11.815  1.00 18.26 ? 242 PRO A N   1 
ATOM   1535 C CA  . PRO A 1 191 ? -12.173 1.268   10.674  1.00 17.71 ? 242 PRO A CA  1 
ATOM   1536 C C   . PRO A 1 191 ? -11.168 1.814   9.659   1.00 18.68 ? 242 PRO A C   1 
ATOM   1537 O O   . PRO A 1 191 ? -10.994 3.033   9.539   1.00 18.95 ? 242 PRO A O   1 
ATOM   1538 C CB  . PRO A 1 191 ? -13.567 1.229   10.080  1.00 14.73 ? 242 PRO A CB  1 
ATOM   1539 C CG  . PRO A 1 191 ? -14.489 1.544   11.236  1.00 17.49 ? 242 PRO A CG  1 
ATOM   1540 C CD  . PRO A 1 191 ? -13.717 2.609   11.977  1.00 17.09 ? 242 PRO A CD  1 
ATOM   1541 N N   . PHE A 1 192 ? -10.473 0.931   8.935   1.00 18.28 ? 243 PHE A N   1 
ATOM   1542 C CA  . PHE A 1 192 ? -9.672  1.347   7.787   1.00 19.42 ? 243 PHE A CA  1 
ATOM   1543 C C   . PHE A 1 192 ? -10.524 2.057   6.741   1.00 18.92 ? 243 PHE A C   1 
ATOM   1544 O O   . PHE A 1 192 ? -11.600 1.558   6.362   1.00 19.81 ? 243 PHE A O   1 
ATOM   1545 C CB  . PHE A 1 192 ? -9.027  0.143   7.090   1.00 18.60 ? 243 PHE A CB  1 
ATOM   1546 C CG  . PHE A 1 192 ? -7.792  -0.439  7.760   1.00 17.24 ? 243 PHE A CG  1 
ATOM   1547 C CD1 . PHE A 1 192 ? -6.727  0.370   8.089   1.00 14.33 ? 243 PHE A CD1 1 
ATOM   1548 C CD2 . PHE A 1 192 ? -7.734  -1.794  8.012   1.00 16.76 ? 243 PHE A CD2 1 
ATOM   1549 C CE1 . PHE A 1 192 ? -5.612  -0.171  8.682   1.00 10.24 ? 243 PHE A CE1 1 
ATOM   1550 C CE2 . PHE A 1 192 ? -6.613  -2.328  8.608   1.00 14.72 ? 243 PHE A CE2 1 
ATOM   1551 C CZ  . PHE A 1 192 ? -5.554  -1.516  8.945   1.00 11.47 ? 243 PHE A CZ  1 
ATOM   1552 N N   . LYS A 1 193 ? -10.084 3.210   6.263   1.00 20.50 ? 244 LYS A N   1 
ATOM   1553 C CA  . LYS A 1 193 ? -10.722 3.817   5.112   1.00 25.20 ? 244 LYS A CA  1 
ATOM   1554 C C   . LYS A 1 193 ? -10.036 3.250   3.883   1.00 26.03 ? 244 LYS A C   1 
ATOM   1555 O O   . LYS A 1 193 ? -8.821  3.316   3.696   1.00 25.51 ? 244 LYS A O   1 
ATOM   1556 C CB  . LYS A 1 193 ? -10.746 5.354   5.146   1.00 25.85 ? 244 LYS A CB  1 
ATOM   1557 C CG  . LYS A 1 193 ? -9.437  6.140   5.074   1.00 47.90 ? 244 LYS A CG  1 
ATOM   1558 C CD  . LYS A 1 193 ? -9.684  7.652   5.230   1.00 56.87 ? 244 LYS A CD  1 
ATOM   1559 C CE  . LYS A 1 193 ? -8.533  8.558   4.757   1.00 58.30 ? 244 LYS A CE  1 
ATOM   1560 N NZ  . LYS A 1 193 ? -7.249  8.212   5.341   1.00 61.58 ? 244 LYS A NZ  1 
ATOM   1561 N N   . ILE A 1 194 ? -10.817 2.554   3.077   1.00 29.13 ? 245 ILE A N   1 
ATOM   1562 C CA  . ILE A 1 194 ? -10.314 1.924   1.864   1.00 31.18 ? 245 ILE A CA  1 
ATOM   1563 C C   . ILE A 1 194 ? -10.762 2.816   0.711   1.00 33.04 ? 245 ILE A C   1 
ATOM   1564 O O   . ILE A 1 194 ? -11.915 3.273   0.738   1.00 32.47 ? 245 ILE A O   1 
ATOM   1565 C CB  . ILE A 1 194 ? -10.862 0.473   1.795   1.00 29.09 ? 245 ILE A CB  1 
ATOM   1566 C CG1 . ILE A 1 194 ? -10.210 -0.375  2.887   1.00 33.71 ? 245 ILE A CG1 1 
ATOM   1567 C CG2 . ILE A 1 194 ? -10.706 -0.183  0.430   1.00 31.16 ? 245 ILE A CG2 1 
ATOM   1568 C CD1 . ILE A 1 194 ? -8.659  -0.382  2.902   1.00 32.43 ? 245 ILE A CD1 1 
ATOM   1569 N N   . PRO A 1 195 ? -9.906  3.153   -0.268  1.00 34.69 ? 246 PRO A N   1 
ATOM   1570 C CA  . PRO A 1 195 ? -10.277 4.042   -1.362  1.00 36.51 ? 246 PRO A CA  1 
ATOM   1571 C C   . PRO A 1 195 ? -11.299 3.421   -2.315  1.00 38.34 ? 246 PRO A C   1 
ATOM   1572 O O   . PRO A 1 195 ? -11.455 2.195   -2.402  1.00 40.20 ? 246 PRO A O   1 
ATOM   1573 C CB  . PRO A 1 195 ? -8.925  4.358   -1.993  1.00 35.28 ? 246 PRO A CB  1 
ATOM   1574 C CG  . PRO A 1 195 ? -8.108  3.110   -1.771  1.00 32.29 ? 246 PRO A CG  1 
ATOM   1575 C CD  . PRO A 1 195 ? -8.502  2.745   -0.350  1.00 31.54 ? 246 PRO A CD  1 
HETATM 1576 O O   . HOH B 2 .   ? 1.597   12.788  -28.904 1.00 17.04 ? 247 HOH A O   1 
HETATM 1577 O O   . HOH B 2 .   ? 4.292   -6.425  -8.577  1.00 19.91 ? 248 HOH A O   1 
HETATM 1578 O O   . HOH B 2 .   ? -13.110 -0.823  6.500   1.00 19.02 ? 249 HOH A O   1 
HETATM 1579 O O   . HOH B 2 .   ? -5.321  3.445   -22.423 1.00 8.86  ? 250 HOH A O   1 
HETATM 1580 O O   . HOH B 2 .   ? -7.910  4.288   7.797   1.00 28.09 ? 251 HOH A O   1 
HETATM 1581 O O   . HOH B 2 .   ? 12.329  -1.917  2.451   1.00 21.73 ? 252 HOH A O   1 
HETATM 1582 O O   . HOH B 2 .   ? -1.574  -2.147  -18.131 1.00 23.54 ? 253 HOH A O   1 
HETATM 1583 O O   . HOH B 2 .   ? -1.812  6.466   -26.501 1.00 16.54 ? 254 HOH A O   1 
HETATM 1584 O O   . HOH B 2 .   ? 0.442   12.320  -9.988  1.00 15.57 ? 255 HOH A O   1 
HETATM 1585 O O   . HOH B 2 .   ? -2.073  -6.306  -12.142 1.00 21.89 ? 256 HOH A O   1 
HETATM 1586 O O   . HOH B 2 .   ? 5.942   -1.722  -17.537 1.00 20.34 ? 257 HOH A O   1 
HETATM 1587 O O   . HOH B 2 .   ? 13.399  0.274   -6.674  1.00 25.35 ? 258 HOH A O   1 
HETATM 1588 O O   . HOH B 2 .   ? 10.441  -0.740  -0.550  1.00 22.98 ? 259 HOH A O   1 
HETATM 1589 O O   . HOH B 2 .   ? -6.737  3.902   5.386   1.00 22.56 ? 260 HOH A O   1 
HETATM 1590 O O   . HOH B 2 .   ? 7.750   -7.975  -2.664  1.00 23.16 ? 261 HOH A O   1 
HETATM 1591 O O   . HOH B 2 .   ? 3.577   -1.646  15.573  1.00 25.33 ? 262 HOH A O   1 
HETATM 1592 O O   . HOH B 2 .   ? 9.283   -10.629 15.420  1.00 23.07 ? 263 HOH A O   1 
HETATM 1593 O O   . HOH B 2 .   ? 9.061   -15.210 13.567  1.00 12.46 ? 264 HOH A O   1 
HETATM 1594 O O   . HOH B 2 .   ? 3.634   -13.531 -5.192  1.00 25.42 ? 265 HOH A O   1 
HETATM 1595 O O   . HOH B 2 .   ? -4.388  4.854   13.892  1.00 44.47 ? 266 HOH A O   1 
HETATM 1596 O O   . HOH B 2 .   ? -3.729  23.071  -21.212 1.00 17.52 ? 267 HOH A O   1 
HETATM 1597 O O   . HOH B 2 .   ? 12.903  -5.324  -10.389 1.00 9.80  ? 268 HOH A O   1 
HETATM 1598 O O   . HOH B 2 .   ? 10.269  -4.370  -17.359 1.00 11.49 ? 269 HOH A O   1 
HETATM 1599 O O   . HOH B 2 .   ? 5.646   1.011   -17.737 1.00 15.09 ? 270 HOH A O   1 
HETATM 1600 O O   . HOH B 2 .   ? -0.444  -13.617 21.749  1.00 21.25 ? 271 HOH A O   1 
HETATM 1601 O O   . HOH B 2 .   ? 10.271  -2.886  0.939   1.00 15.45 ? 272 HOH A O   1 
HETATM 1602 O O   . HOH B 2 .   ? 11.638  5.765   -3.744  1.00 21.50 ? 273 HOH A O   1 
HETATM 1603 O O   . HOH B 2 .   ? -1.252  7.328   -4.346  1.00 16.92 ? 274 HOH A O   1 
HETATM 1604 O O   . HOH B 2 .   ? -23.088 -5.756  13.097  1.00 33.95 ? 275 HOH A O   1 
HETATM 1605 O O   . HOH B 2 .   ? -1.511  7.518   2.177   1.00 23.05 ? 276 HOH A O   1 
HETATM 1606 O O   . HOH B 2 .   ? -10.398 -11.554 12.590  1.00 31.39 ? 277 HOH A O   1 
HETATM 1607 O O   . HOH B 2 .   ? 10.565  10.430  -20.986 1.00 22.21 ? 278 HOH A O   1 
HETATM 1608 O O   . HOH B 2 .   ? 12.580  8.932   -19.819 1.00 22.08 ? 279 HOH A O   1 
HETATM 1609 O O   . HOH B 2 .   ? 14.993  5.310   -10.087 1.00 22.47 ? 280 HOH A O   1 
HETATM 1610 O O   . HOH B 2 .   ? -1.214  -2.753  -15.438 1.00 24.07 ? 281 HOH A O   1 
HETATM 1611 O O   . HOH B 2 .   ? 4.500   1.390   -20.142 1.00 18.71 ? 282 HOH A O   1 
HETATM 1612 O O   . HOH B 2 .   ? -7.677  -11.433 12.901  1.00 20.19 ? 283 HOH A O   1 
HETATM 1613 O O   . HOH B 2 .   ? 4.646   8.785   3.917   1.00 30.36 ? 284 HOH A O   1 
HETATM 1614 O O   . HOH B 2 .   ? 10.016  6.952   8.102   1.00 27.41 ? 285 HOH A O   1 
HETATM 1615 O O   . HOH B 2 .   ? -15.725 -1.071  7.669   1.00 59.67 ? 286 HOH A O   1 
HETATM 1616 O O   . HOH B 2 .   ? 7.763   11.822  -11.355 1.00 24.24 ? 287 HOH A O   1 
HETATM 1617 O O   . HOH B 2 .   ? 5.810   -19.636 23.026  1.00 34.96 ? 288 HOH A O   1 
HETATM 1618 O O   . HOH B 2 .   ? 8.088   -2.196  -19.429 1.00 65.44 ? 289 HOH A O   1 
HETATM 1619 O O   . HOH B 2 .   ? 7.257   -21.726 20.314  1.00 48.42 ? 290 HOH A O   1 
HETATM 1620 O O   . HOH B 2 .   ? 7.894   2.223   -18.865 1.00 13.62 ? 291 HOH A O   1 
HETATM 1621 O O   . HOH B 2 .   ? -3.174  3.795   16.315  1.00 31.55 ? 292 HOH A O   1 
HETATM 1622 O O   . HOH B 2 .   ? -8.953  8.463   -2.857  1.00 39.54 ? 293 HOH A O   1 
HETATM 1623 O O   . HOH B 2 .   ? -3.234  24.678  -18.234 1.00 34.81 ? 294 HOH A O   1 
HETATM 1624 O O   . HOH B 2 .   ? 15.296  8.916   -11.272 1.00 26.27 ? 295 HOH A O   1 
HETATM 1625 O O   . HOH B 2 .   ? -5.785  10.045  -27.271 1.00 12.07 ? 296 HOH A O   1 
HETATM 1626 O O   . HOH B 2 .   ? -10.300 7.417   -17.980 1.00 32.96 ? 297 HOH A O   1 
HETATM 1627 O O   . HOH B 2 .   ? -0.132  8.177   -1.904  1.00 30.56 ? 298 HOH A O   1 
HETATM 1628 O O   . HOH B 2 .   ? 8.988   0.257   -20.441 1.00 39.05 ? 299 HOH A O   1 
HETATM 1629 O O   . HOH B 2 .   ? 13.333  0.630   2.482   1.00 39.76 ? 300 HOH A O   1 
HETATM 1630 O O   . HOH B 2 .   ? -5.182  21.106  -19.979 1.00 33.62 ? 301 HOH A O   1 
HETATM 1631 O O   . HOH B 2 .   ? -1.357  -2.973  -21.744 1.00 28.84 ? 302 HOH A O   1 
HETATM 1632 O O   . HOH B 2 .   ? -10.686 -5.271  6.265   1.00 25.96 ? 303 HOH A O   1 
HETATM 1633 O O   . HOH B 2 .   ? 0.472   -11.867 23.753  1.00 32.36 ? 304 HOH A O   1 
HETATM 1634 O O   . HOH B 2 .   ? 13.763  3.979   -4.024  1.00 31.36 ? 305 HOH A O   1 
HETATM 1635 O O   . HOH B 2 .   ? -7.026  -6.552  -9.435  1.00 73.27 ? 306 HOH A O   1 
HETATM 1636 O O   . HOH B 2 .   ? -6.071  9.662   -6.692  1.00 37.49 ? 307 HOH A O   1 
HETATM 1637 O O   . HOH B 2 .   ? 9.150   -19.390 11.933  1.00 23.29 ? 308 HOH A O   1 
HETATM 1638 O O   . HOH B 2 .   ? 11.466  -10.971 18.579  1.00 37.47 ? 309 HOH A O   1 
HETATM 1639 O O   . HOH B 2 .   ? 7.501   -6.612  19.825  1.00 50.51 ? 310 HOH A O   1 
HETATM 1640 O O   . HOH B 2 .   ? -17.602 -5.138  18.720  1.00 45.14 ? 311 HOH A O   1 
HETATM 1641 O O   . HOH B 2 .   ? -24.314 -8.438  12.684  1.00 36.60 ? 312 HOH A O   1 
HETATM 1642 O O   . HOH B 2 .   ? 1.905   -13.935 26.114  1.00 66.49 ? 313 HOH A O   1 
HETATM 1643 O O   . HOH B 2 .   ? -6.291  12.990  -7.336  1.00 37.11 ? 314 HOH A O   1 
HETATM 1644 O O   . HOH B 2 .   ? -4.249  9.540   -1.864  1.00 52.05 ? 315 HOH A O   1 
HETATM 1645 O O   . HOH B 2 .   ? -6.153  15.635  -15.015 1.00 34.53 ? 316 HOH A O   1 
HETATM 1646 O O   . HOH B 2 .   ? 4.186   9.263   7.132   1.00 35.73 ? 317 HOH A O   1 
HETATM 1647 O O   . HOH B 2 .   ? -9.594  -3.570  24.840  1.00 39.16 ? 318 HOH A O   1 
HETATM 1648 O O   . HOH B 2 .   ? 4.383   9.124   15.939  1.00 50.54 ? 319 HOH A O   1 
HETATM 1649 O O   . HOH B 2 .   ? 15.575  10.804  -18.511 1.00 58.67 ? 320 HOH A O   1 
HETATM 1650 O O   . HOH B 2 .   ? -7.339  13.880  -16.815 1.00 30.67 ? 321 HOH A O   1 
HETATM 1651 O O   . HOH B 2 .   ? 0.556   -17.076 27.952  1.00 37.96 ? 322 HOH A O   1 
HETATM 1652 O O   . HOH B 2 .   ? -3.605  6.954   12.071  1.00 58.98 ? 323 HOH A O   1 
HETATM 1653 O O   . HOH B 2 .   ? -6.318  -0.348  -0.291  1.00 25.25 ? 324 HOH A O   1 
HETATM 1654 O O   . HOH B 2 .   ? 1.763   -12.908 -10.671 1.00 33.37 ? 325 HOH A O   1 
HETATM 1655 O O   . HOH B 2 .   ? 0.267   30.251  -27.267 1.00 46.93 ? 326 HOH A O   1 
HETATM 1656 O O   . HOH B 2 .   ? 2.105   32.035  -25.247 1.00 51.57 ? 327 HOH A O   1 
HETATM 1657 O O   . HOH B 2 .   ? 9.616   -7.029  -0.722  1.00 43.85 ? 328 HOH A O   1 
HETATM 1658 O O   . HOH B 2 .   ? 11.665  -4.965  -0.580  1.00 42.90 ? 329 HOH A O   1 
HETATM 1659 O O   . HOH B 2 .   ? 14.356  -3.702  3.217   1.00 72.69 ? 330 HOH A O   1 
HETATM 1660 O O   . HOH B 2 .   ? 13.003  -5.781  6.775   1.00 45.98 ? 331 HOH A O   1 
HETATM 1661 O O   . HOH B 2 .   ? 1.596   -12.955 19.970  1.00 13.06 ? 332 HOH A O   1 
HETATM 1662 O O   . HOH B 2 .   ? 9.027   -8.606  21.079  1.00 35.65 ? 333 HOH A O   1 
HETATM 1663 O O   . HOH B 2 .   ? 17.587  13.798  -16.705 1.00 28.76 ? 334 HOH A O   1 
HETATM 1664 O O   . HOH B 2 .   ? -16.060 1.502   15.184  1.00 56.76 ? 335 HOH A O   1 
HETATM 1665 O O   . HOH B 2 .   ? -14.562 5.794   17.780  1.00 41.02 ? 336 HOH A O   1 
HETATM 1666 O O   . HOH B 2 .   ? -9.350  6.384   9.058   1.00 49.43 ? 337 HOH A O   1 
HETATM 1667 O O   . HOH B 2 .   ? 13.182  -19.249 10.847  1.00 40.70 ? 338 HOH A O   1 
HETATM 1668 O O   . HOH B 2 .   ? 3.677   14.610  -11.984 1.00 44.24 ? 339 HOH A O   1 
HETATM 1669 O O   . HOH B 2 .   ? -7.912  -2.560  -12.099 1.00 72.96 ? 340 HOH A O   1 
HETATM 1670 O O   . HOH B 2 .   ? 6.063   -13.276 -6.326  1.00 57.94 ? 341 HOH A O   1 
HETATM 1671 O O   . HOH B 2 .   ? 6.148   16.871  -16.654 1.00 48.26 ? 342 HOH A O   1 
HETATM 1672 O O   . HOH B 2 .   ? -0.926  12.517  -12.279 1.00 26.43 ? 343 HOH A O   1 
HETATM 1673 O O   . HOH B 2 .   ? -9.825  9.410   -16.024 1.00 30.87 ? 344 HOH A O   1 
HETATM 1674 O O   . HOH B 2 .   ? 6.652   2.726   -21.201 1.00 37.76 ? 345 HOH A O   1 
HETATM 1675 O O   . HOH B 2 .   ? 4.691   -0.272  17.820  1.00 36.18 ? 346 HOH A O   1 
HETATM 1676 O O   . HOH B 2 .   ? -7.867  -2.332  -1.279  1.00 46.20 ? 347 HOH A O   1 
HETATM 1677 O O   . HOH B 2 .   ? 6.430   -12.795 -0.541  1.00 39.91 ? 348 HOH A O   1 
HETATM 1678 O O   . HOH B 2 .   ? 7.765   -10.964 -2.458  1.00 43.55 ? 349 HOH A O   1 
HETATM 1679 O O   . HOH B 2 .   ? 10.416  -11.454 -1.589  1.00 84.21 ? 350 HOH A O   1 
HETATM 1680 O O   . HOH B 2 .   ? -17.154 0.269   9.677   1.00 74.33 ? 351 HOH A O   1 
HETATM 1681 O O   . HOH B 2 .   ? -17.406 -3.858  16.201  1.00 43.25 ? 352 HOH A O   1 
HETATM 1682 O O   . HOH B 2 .   ? 14.206  15.786  -26.385 1.00 39.46 ? 353 HOH A O   1 
HETATM 1683 O O   . HOH B 2 .   ? 9.625   12.552  -14.280 1.00 26.09 ? 354 HOH A O   1 
HETATM 1684 O O   . HOH B 2 .   ? 8.829   10.600  13.634  1.00 58.13 ? 355 HOH A O   1 
HETATM 1685 O O   . HOH B 2 .   ? 15.882  -7.231  -8.537  1.00 54.54 ? 356 HOH A O   1 
HETATM 1686 O O   . HOH B 2 .   ? -11.933 8.357   -20.023 1.00 59.78 ? 357 HOH A O   1 
HETATM 1687 O O   . HOH B 2 .   ? 1.754   -9.440  -14.522 1.00 49.49 ? 358 HOH A O   1 
HETATM 1688 O O   . HOH B 2 .   ? -8.315  11.476  -15.044 1.00 53.18 ? 359 HOH A O   1 
HETATM 1689 O O   . HOH B 2 .   ? 8.581   -17.389 4.879   1.00 50.28 ? 360 HOH A O   1 
HETATM 1690 O O   . HOH B 2 .   ? 16.700  -0.684  9.828   1.00 44.26 ? 361 HOH A O   1 
HETATM 1691 O O   . HOH B 2 .   ? 0.076   3.106   -27.855 1.00 64.92 ? 362 HOH A O   1 
HETATM 1692 O O   . HOH B 2 .   ? 17.337  -13.796 16.029  1.00 45.38 ? 363 HOH A O   1 
HETATM 1693 O O   . HOH B 2 .   ? -4.694  -6.370  -11.133 1.00 32.49 ? 364 HOH A O   1 
HETATM 1694 O O   . HOH B 2 .   ? -6.246  -2.642  -7.969  1.00 11.96 ? 365 HOH A O   1 
HETATM 1695 O O   . HOH B 2 .   ? 9.647   -16.687 11.043  1.00 37.25 ? 366 HOH A O   1 
HETATM 1696 O O   . HOH B 2 .   ? 6.134   11.377  15.663  1.00 34.65 ? 367 HOH A O   1 
HETATM 1697 O O   . HOH B 2 .   ? -1.609  -18.495 26.873  1.00 70.80 ? 368 HOH A O   1 
HETATM 1698 O O   . HOH B 2 .   ? 1.029   3.408   19.178  1.00 51.01 ? 369 HOH A O   1 
HETATM 1699 O O   . HOH B 2 .   ? 0.819   -11.321 -12.635 1.00 60.55 ? 370 HOH A O   1 
HETATM 1700 O O   . HOH B 2 .   ? -8.130  -7.532  -2.737  1.00 44.01 ? 371 HOH A O   1 
HETATM 1701 O O   . HOH B 2 .   ? -11.416 -14.104 13.226  1.00 57.03 ? 372 HOH A O   1 
HETATM 1702 O O   . HOH B 2 .   ? -14.777 6.235   13.247  1.00 70.40 ? 373 HOH A O   1 
HETATM 1703 O O   . HOH B 2 .   ? 14.518  -14.685 12.842  1.00 53.52 ? 374 HOH A O   1 
HETATM 1704 O O   . HOH B 2 .   ? 0.825   14.700  -12.216 1.00 64.20 ? 375 HOH A O   1 
HETATM 1705 O O   . HOH B 2 .   ? -20.224 -4.999  12.095  1.00 66.30 ? 376 HOH A O   1 
HETATM 1706 O O   . HOH B 2 .   ? 3.841   -7.862  -16.065 1.00 47.77 ? 377 HOH A O   1 
HETATM 1707 O O   . HOH B 2 .   ? 3.654   16.256  -9.736  1.00 64.58 ? 378 HOH A O   1 
HETATM 1708 O O   . HOH B 2 .   ? -0.705  8.900   8.343   1.00 66.79 ? 379 HOH A O   1 
HETATM 1709 O O   . HOH B 2 .   ? 15.441  -3.278  10.117  1.00 45.81 ? 380 HOH A O   1 
HETATM 1710 O O   . HOH B 2 .   ? 10.290  -4.188  13.168  1.00 28.06 ? 381 HOH A O   1 
HETATM 1711 O O   . HOH B 2 .   ? -5.523  -13.256 12.605  1.00 50.22 ? 382 HOH A O   1 
HETATM 1712 O O   . HOH B 2 .   ? 4.331   28.962  -30.686 1.00 61.27 ? 383 HOH A O   1 
# 
